data_5TTH
#
_entry.id   5TTH
#
_cell.length_a   180.086
_cell.length_b   95.711
_cell.length_c   126.558
_cell.angle_alpha   90.000
_cell.angle_beta   134.590
_cell.angle_gamma   90.000
#
_symmetry.space_group_name_H-M   'C 1 2 1'
#
loop_
_entity.id
_entity.type
_entity.pdbx_description
1 polymer 'C-terminal SpyCatcher fusion of wildtype zebrafish TNF receptor-associated protein 1'
2 polymer 'C-terminal Spytag fusion of R417A zebrafish TNF receptor-associated protein 1'
3 non-polymer "ADENOSINE-5'-DIPHOSPHATE"
4 non-polymer 'BERYLLIUM TRIFLUORIDE ION'
5 non-polymer 'MAGNESIUM ION'
#
loop_
_entity_poly.entity_id
_entity_poly.type
_entity_poly.pdbx_seq_one_letter_code
_entity_poly.pdbx_strand_id
1 'polypeptide(L)'
;GIDPFTSTQQHTEPAEEETLHNIITDTENVQGSFSKHEFQAETKKLLDIVARSLYSEKEVFIRELISNGSDALEKLRHRM
ITAGGDTAPMEIHLQTDSVKGTFTIQDTGVGMNKEDLVSNLGTIARSGSKAFLDALQNQAEASSSIIGQFGVGFYSAFMV
ADKVEVYSQSAEADAPGYKWSSDGSGVFEVAEASGVRQGTKIVLHLKDDCKEFSSEDRVKEVVTKYSNFVSFPIFLNGRR
LNTLQALWMMEPKDISEWQHEEFYRYVAQAYDKPRYTLHYRADAPLNIRSIFYVPEMKPSMFDVSREMGSSVALYSRKIL
IQTKATDILPKWLRFLRGVVDSEDIPLNLSRELLQESALIRKLRDVLQQRVIRFLLDQSKKDPEKYARFFEDYGLFMREG
IVTTGEQSVKEDIAKLLRFESSALPAGQQTSLMEYSSRMKAGTRNIYYLCAPNRHLAEHSPYFEAMKQKDMEVLFCFEQF
DELTLLHLREFDRKKLISAETDIVVDHYKEEKFQDSKPASERLSSEQAEDLLAWMRNALVQRVTNIKVTPRLDTHPAMIT
VLEMGAARHFLRTQQLARSSEERAQILQPTLEINTGHDLIKKLHALKDSNPELAQLLLEQIYDNAMIAAGLNEDPRPMIS
RLNQLLTRALEKHGSDSATHIKFSKRDEDGKELAGATMELRDSSGKTISTWISDGQVKDFYLYPGKYTFVETAAPDGYEV
ATAITFTVNEQGQVTVNG
;
A
2 'polypeptide(L)'
;GIDPFTSTQQHTEPAEEETLHNIITDTENVQGSFSKHEFQAETKKLLDIVARSLYSEKEVFIRELISNGSDALEKLRHRM
ITAGGDTAPMEIHLQTDSVKGTFTIQDTGVGMNKEDLVSNLGTIARSGSKAFLDALQNQAEASSSIIGQFGVGFYSAFMV
ADKVEVYSQSAEADAPGYKWSSDGSGVFEVAEASGVRQGTKIVLHLKDDCKEFSSEDRVKEVVTKYSNFVSFPIFLNGRR
LNTLQALWMMEPKDISEWQHEEFYRYVAQAYDKPRYTLHYRADAPLNIRSIFYVPEMKPSMFDVSREMGSSVALYSRKIL
IQTKATDILPKWLRFLRGVVDSEDIPLNLSAELLQESALIRKLRDVLQQRVIRFLLDQSKKDPEKYARFFEDYGLFMREG
IVTTGEQSVKEDIAKLLRFESSALPAGQQTSLMEYSSRMKAGTRNIYYLCAPNRHLAEHSPYFEAMKQKDMEVLFCFEQF
DELTLLHLREFDRKKLISAETDIVVDHYKEEKFQDSKPASERLSSEQAEDLLAWMRNALVQRVTNIKVTPRLDTHPAMIT
VLEMGAARHFLRTQQLARSSEERAQILQPTLEINTGHDLIKKLHALKDSNPELAQLLLEQIYDNAMIAAGLNEDPRPMIS
RLNQLLTRALEKHGGSGSSAHIVMVDAYKPTK
;
B
#
# COMPACT_ATOMS: atom_id res chain seq x y z
N THR A 19 26.95 21.21 36.21
CA THR A 19 25.71 20.56 35.67
C THR A 19 26.02 19.39 34.71
N LEU A 20 27.29 19.17 34.38
CA LEU A 20 27.72 18.01 33.61
C LEU A 20 28.27 16.95 34.55
N HIS A 21 28.19 15.69 34.13
CA HIS A 21 28.69 14.59 34.94
C HIS A 21 29.49 13.61 34.11
N ASN A 22 30.83 13.71 34.17
CA ASN A 22 31.73 12.80 33.45
C ASN A 22 32.83 12.28 34.35
N ILE A 23 33.09 10.99 34.24
CA ILE A 23 34.12 10.35 35.03
C ILE A 23 35.24 9.85 34.17
N ILE A 24 35.10 10.01 32.85
CA ILE A 24 36.16 9.61 31.93
C ILE A 24 37.30 10.63 31.98
N THR A 25 38.45 10.17 32.47
CA THR A 25 39.65 10.99 32.60
C THR A 25 40.87 10.09 32.39
N ASP A 26 41.96 10.68 31.90
CA ASP A 26 43.24 9.96 31.73
C ASP A 26 44.01 9.81 33.05
N THR A 27 43.57 8.85 33.85
CA THR A 27 44.10 8.65 35.20
C THR A 27 44.91 7.36 35.29
N GLU A 28 44.97 6.62 34.18
CA GLU A 28 45.63 5.33 34.17
C GLU A 28 47.09 5.46 33.77
N ASN A 29 47.90 4.56 34.29
CA ASN A 29 49.28 4.48 33.87
C ASN A 29 49.73 3.02 33.77
N VAL A 30 50.39 2.72 32.66
CA VAL A 30 50.99 1.42 32.44
C VAL A 30 52.11 1.23 33.49
N GLN A 31 51.98 0.17 34.27
CA GLN A 31 52.93 -0.10 35.35
C GLN A 31 53.58 -1.45 35.15
N GLY A 32 54.90 -1.44 35.02
CA GLY A 32 55.68 -2.67 34.91
C GLY A 32 55.66 -3.23 33.51
N SER A 33 55.88 -4.54 33.41
CA SER A 33 56.00 -5.23 32.12
C SER A 33 54.66 -5.87 31.70
N PHE A 34 54.65 -6.39 30.48
CA PHE A 34 53.43 -6.97 29.91
C PHE A 34 53.69 -8.27 29.16
N SER A 35 52.66 -9.11 29.14
CA SER A 35 52.70 -10.42 28.47
C SER A 35 51.96 -10.33 27.15
N LYS A 36 52.29 -11.22 26.22
CA LYS A 36 51.61 -11.27 24.95
C LYS A 36 50.85 -12.58 24.89
N HIS A 37 49.57 -12.49 24.56
CA HIS A 37 48.70 -13.66 24.48
C HIS A 37 48.01 -13.74 23.15
N GLU A 38 47.75 -14.97 22.75
CA GLU A 38 47.14 -15.24 21.46
C GLU A 38 45.67 -15.40 21.68
N PHE A 39 44.88 -14.93 20.73
CA PHE A 39 43.45 -15.21 20.77
C PHE A 39 43.23 -16.71 20.65
N GLN A 40 42.24 -17.19 21.37
CA GLN A 40 41.88 -18.58 21.43
C GLN A 40 40.49 -18.75 20.82
N ALA A 41 39.92 -19.92 20.95
CA ALA A 41 38.57 -20.15 20.42
C ALA A 41 37.86 -21.28 21.13
N GLU A 42 36.75 -20.99 21.81
CA GLU A 42 35.97 -22.05 22.44
C GLU A 42 35.23 -22.87 21.39
N THR A 43 35.84 -23.97 20.97
CA THR A 43 35.36 -24.73 19.83
C THR A 43 33.96 -25.26 20.03
N LYS A 44 33.68 -25.73 21.24
CA LYS A 44 32.39 -26.33 21.58
C LYS A 44 31.25 -25.35 21.33
N LYS A 45 31.33 -24.17 21.93
CA LYS A 45 30.28 -23.16 21.83
C LYS A 45 30.11 -22.64 20.40
N LEU A 46 31.20 -22.45 19.71
CA LEU A 46 31.19 -22.01 18.34
C LEU A 46 30.43 -22.92 17.37
N LEU A 47 30.61 -24.24 17.54
CA LEU A 47 29.80 -25.20 16.77
C LEU A 47 28.31 -25.01 17.05
N ASP A 48 27.95 -24.83 18.32
CA ASP A 48 26.57 -24.62 18.69
C ASP A 48 26.01 -23.36 18.02
N ILE A 49 26.79 -22.28 18.01
CA ILE A 49 26.40 -21.04 17.33
C ILE A 49 26.08 -21.23 15.85
N VAL A 50 26.96 -21.85 15.09
CA VAL A 50 26.62 -22.17 13.70
C VAL A 50 25.30 -22.98 13.60
N ALA A 51 25.23 -24.08 14.33
CA ALA A 51 24.12 -25.00 14.21
C ALA A 51 22.83 -24.49 14.83
N ARG A 52 22.85 -23.34 15.49
CA ARG A 52 21.64 -22.82 16.13
C ARG A 52 21.29 -21.37 15.82
N SER A 53 22.29 -20.51 15.80
CA SER A 53 22.10 -19.07 15.94
C SER A 53 22.63 -18.30 14.75
N LEU A 54 22.72 -18.94 13.59
CA LEU A 54 23.30 -18.29 12.44
C LEU A 54 22.25 -18.00 11.34
N TYR A 55 21.42 -19.00 11.03
CA TYR A 55 20.51 -18.90 9.90
C TYR A 55 19.10 -18.67 10.35
N SER A 56 18.30 -18.03 9.51
CA SER A 56 16.92 -17.82 9.84
C SER A 56 16.08 -19.10 9.77
N GLU A 57 16.52 -20.10 9.02
CA GLU A 57 15.73 -21.32 8.77
C GLU A 57 16.61 -22.56 8.78
N LYS A 58 16.11 -23.64 9.35
CA LYS A 58 16.84 -24.90 9.36
C LYS A 58 17.08 -25.45 7.98
N GLU A 59 16.13 -25.23 7.08
CA GLU A 59 16.15 -25.79 5.70
C GLU A 59 17.39 -25.43 4.92
N VAL A 60 18.08 -24.42 5.40
CA VAL A 60 19.26 -23.88 4.78
C VAL A 60 20.49 -24.83 4.77
N PHE A 61 20.49 -25.89 5.58
CA PHE A 61 21.56 -26.88 5.47
C PHE A 61 21.63 -27.52 4.08
N ILE A 62 20.50 -27.62 3.40
CA ILE A 62 20.43 -28.18 2.05
C ILE A 62 21.13 -27.27 1.04
N ARG A 63 20.93 -25.97 1.19
CA ARG A 63 21.65 -24.97 0.38
C ARG A 63 23.15 -25.12 0.52
N GLU A 64 23.60 -25.19 1.78
CA GLU A 64 25.03 -25.29 2.09
C GLU A 64 25.69 -26.55 1.54
N LEU A 65 25.05 -27.71 1.75
CA LEU A 65 25.61 -28.98 1.30
C LEU A 65 25.66 -29.09 -0.25
N ILE A 66 24.64 -28.55 -0.89
CA ILE A 66 24.63 -28.49 -2.33
C ILE A 66 25.72 -27.52 -2.83
N SER A 67 25.87 -26.39 -2.15
CA SER A 67 26.93 -25.45 -2.53
C SER A 67 28.29 -26.14 -2.44
N ASN A 68 28.47 -26.95 -1.41
CA ASN A 68 29.74 -27.71 -1.26
C ASN A 68 29.98 -28.75 -2.35
N GLY A 69 28.91 -29.42 -2.76
CA GLY A 69 28.96 -30.40 -3.84
C GLY A 69 29.29 -29.71 -5.14
N SER A 70 28.65 -28.56 -5.39
CA SER A 70 28.96 -27.75 -6.56
C SER A 70 30.44 -27.37 -6.55
N ASP A 71 30.95 -26.89 -5.43
CA ASP A 71 32.38 -26.52 -5.33
C ASP A 71 33.32 -27.69 -5.61
N ALA A 72 33.00 -28.86 -5.08
CA ALA A 72 33.78 -30.08 -5.29
C ALA A 72 33.81 -30.46 -6.75
N LEU A 73 32.67 -30.35 -7.40
CA LEU A 73 32.53 -30.63 -8.81
C LEU A 73 33.32 -29.61 -9.63
N GLU A 74 33.26 -28.37 -9.22
CA GLU A 74 33.92 -27.32 -9.92
C GLU A 74 35.41 -27.50 -9.83
N LYS A 75 35.92 -27.93 -8.69
CA LYS A 75 37.35 -28.21 -8.59
C LYS A 75 37.82 -29.39 -9.45
N LEU A 76 36.95 -30.39 -9.59
CA LEU A 76 37.26 -31.54 -10.40
C LEU A 76 37.30 -31.11 -11.84
N ARG A 77 36.32 -30.29 -12.24
CA ARG A 77 36.27 -29.84 -13.61
C ARG A 77 37.56 -29.07 -13.90
N HIS A 78 37.98 -28.19 -12.98
CA HIS A 78 39.19 -27.43 -13.18
C HIS A 78 40.44 -28.33 -13.30
N ARG A 79 40.56 -29.36 -12.47
CA ARG A 79 41.71 -30.32 -12.57
C ARG A 79 41.82 -31.00 -13.90
N MET A 80 40.67 -31.39 -14.43
CA MET A 80 40.65 -32.08 -15.69
C MET A 80 40.88 -31.21 -16.93
N ILE A 81 40.98 -29.90 -16.79
CA ILE A 81 41.38 -29.06 -17.90
C ILE A 81 42.79 -29.41 -18.23
N THR A 82 43.62 -29.54 -17.20
CA THR A 82 45.04 -29.77 -17.39
C THR A 82 45.40 -31.24 -17.25
N ALA A 83 45.15 -31.86 -16.10
CA ALA A 83 45.51 -33.25 -15.92
C ALA A 83 44.28 -34.04 -16.30
N GLY A 84 43.94 -33.94 -17.57
CA GLY A 84 42.72 -34.48 -18.06
C GLY A 84 42.56 -35.95 -17.75
N GLY A 85 41.30 -36.34 -17.75
CA GLY A 85 40.92 -37.70 -17.86
C GLY A 85 39.57 -37.77 -18.57
N ASP A 86 38.75 -38.70 -18.15
CA ASP A 86 37.51 -39.01 -18.84
C ASP A 86 36.34 -38.13 -18.39
N ALA A 88 34.26 -38.87 -15.86
CA ALA A 88 33.30 -39.07 -14.79
C ALA A 88 32.14 -38.08 -14.92
N PRO A 89 30.88 -38.49 -14.70
CA PRO A 89 29.81 -37.47 -14.84
C PRO A 89 29.74 -36.63 -13.56
N MET A 90 29.28 -35.39 -13.70
CA MET A 90 29.38 -34.40 -12.64
C MET A 90 27.98 -34.13 -12.16
N GLU A 91 27.64 -34.68 -11.01
CA GLU A 91 26.28 -34.69 -10.57
C GLU A 91 26.21 -34.58 -9.05
N ILE A 92 25.07 -34.07 -8.59
CA ILE A 92 24.71 -33.99 -7.17
C ILE A 92 23.45 -34.83 -7.01
N HIS A 93 23.50 -35.81 -6.12
CA HIS A 93 22.36 -36.69 -5.85
C HIS A 93 21.90 -36.53 -4.44
N LEU A 94 20.58 -36.43 -4.30
CA LEU A 94 19.95 -36.38 -3.00
C LEU A 94 19.07 -37.60 -2.86
N GLN A 95 19.07 -38.18 -1.66
CA GLN A 95 18.14 -39.26 -1.37
C GLN A 95 17.47 -39.08 0.00
N THR A 96 16.16 -39.29 0.04
CA THR A 96 15.43 -39.25 1.29
C THR A 96 15.03 -40.66 1.70
N ASP A 97 14.99 -40.92 3.01
CA ASP A 97 14.46 -42.18 3.52
C ASP A 97 13.53 -41.81 4.67
N SER A 98 12.24 -41.87 4.37
CA SER A 98 11.22 -41.44 5.33
C SER A 98 10.94 -42.48 6.41
N VAL A 99 11.45 -43.69 6.27
CA VAL A 99 11.28 -44.71 7.29
C VAL A 99 12.40 -44.59 8.32
N LYS A 100 13.62 -44.39 7.85
CA LYS A 100 14.77 -44.28 8.72
C LYS A 100 15.04 -42.87 9.14
N GLY A 101 14.39 -41.91 8.47
CA GLY A 101 14.56 -40.50 8.79
C GLY A 101 15.92 -39.94 8.41
N THR A 102 16.39 -40.27 7.21
CA THR A 102 17.71 -39.80 6.81
C THR A 102 17.63 -38.93 5.60
N PHE A 103 18.62 -38.05 5.48
CA PHE A 103 18.80 -37.23 4.29
C PHE A 103 20.21 -37.55 3.85
N THR A 104 20.36 -37.87 2.58
CA THR A 104 21.66 -38.18 2.02
C THR A 104 21.98 -37.33 0.77
N ILE A 105 23.18 -36.77 0.73
CA ILE A 105 23.63 -36.06 -0.49
C ILE A 105 24.99 -36.57 -0.93
N GLN A 106 25.10 -36.86 -2.23
CA GLN A 106 26.34 -37.38 -2.80
C GLN A 106 26.72 -36.58 -4.07
N ASP A 107 27.98 -36.16 -4.15
CA ASP A 107 28.48 -35.54 -5.36
C ASP A 107 29.60 -36.43 -5.93
N THR A 108 29.82 -36.37 -7.23
CA THR A 108 30.90 -37.11 -7.85
C THR A 108 32.10 -36.16 -8.13
N GLY A 109 32.32 -35.21 -7.23
CA GLY A 109 33.38 -34.24 -7.36
C GLY A 109 34.70 -34.75 -6.85
N VAL A 110 35.54 -33.84 -6.41
CA VAL A 110 36.96 -34.11 -6.21
C VAL A 110 37.27 -34.99 -4.99
N GLY A 111 36.34 -35.03 -4.02
CA GLY A 111 36.53 -35.89 -2.85
C GLY A 111 37.62 -35.39 -1.91
N MET A 112 37.90 -36.14 -0.85
CA MET A 112 38.80 -35.71 0.23
C MET A 112 39.59 -36.91 0.76
N ASN A 113 40.91 -36.79 0.85
CA ASN A 113 41.73 -37.81 1.53
C ASN A 113 41.67 -37.59 3.03
N LYS A 114 42.35 -38.43 3.80
CA LYS A 114 42.29 -38.33 5.27
C LYS A 114 42.75 -36.97 5.79
N GLU A 115 43.85 -36.48 5.25
CA GLU A 115 44.38 -35.17 5.65
C GLU A 115 43.36 -34.06 5.42
N ASP A 116 42.68 -34.11 4.29
CA ASP A 116 41.74 -33.08 3.90
C ASP A 116 40.45 -33.17 4.69
N LEU A 117 40.03 -34.37 5.08
CA LEU A 117 38.87 -34.52 5.95
C LEU A 117 39.13 -33.92 7.31
N VAL A 118 40.31 -34.20 7.88
CA VAL A 118 40.65 -33.71 9.22
C VAL A 118 40.84 -32.20 9.21
N SER A 119 41.55 -31.72 8.20
CA SER A 119 41.79 -30.29 8.08
C SER A 119 40.50 -29.49 7.77
N ASN A 120 39.79 -29.89 6.72
CA ASN A 120 38.68 -29.12 6.25
C ASN A 120 37.44 -29.27 7.07
N LEU A 121 37.10 -30.49 7.45
CA LEU A 121 35.88 -30.72 8.25
C LEU A 121 36.11 -30.51 9.74
N GLY A 122 37.28 -30.89 10.22
CA GLY A 122 37.59 -30.77 11.64
C GLY A 122 37.93 -29.38 12.13
N THR A 123 38.23 -28.46 11.24
CA THR A 123 38.59 -27.10 11.62
C THR A 123 37.56 -26.03 11.15
N ILE A 124 36.97 -25.38 12.15
CA ILE A 124 36.02 -24.32 11.90
C ILE A 124 36.71 -23.09 11.25
N ALA A 125 36.08 -22.54 10.22
CA ALA A 125 36.57 -21.38 9.47
C ALA A 125 37.77 -21.69 8.61
N ARG A 126 38.13 -22.98 8.47
CA ARG A 126 39.10 -23.33 7.46
C ARG A 126 38.32 -23.81 6.25
N SER A 127 38.68 -23.26 5.11
CA SER A 127 38.01 -23.49 3.86
C SER A 127 39.01 -23.94 2.81
N GLY A 128 38.96 -25.21 2.44
CA GLY A 128 39.74 -25.70 1.33
C GLY A 128 39.39 -24.97 0.04
N SER A 129 38.11 -24.63 -0.14
CA SER A 129 37.67 -24.00 -1.37
C SER A 129 38.21 -22.58 -1.50
N LYS A 130 38.35 -21.89 -0.38
CA LYS A 130 38.88 -20.54 -0.38
C LYS A 130 40.33 -20.53 -0.80
N ALA A 131 41.09 -21.49 -0.27
CA ALA A 131 42.49 -21.63 -0.66
C ALA A 131 42.63 -21.96 -2.14
N PHE A 132 41.72 -22.79 -2.63
CA PHE A 132 41.70 -23.18 -4.03
C PHE A 132 41.44 -21.97 -4.93
N LEU A 133 40.49 -21.13 -4.52
CA LEU A 133 40.21 -19.88 -5.21
C LEU A 133 41.38 -18.92 -5.27
N ASP A 134 42.05 -18.76 -4.13
CA ASP A 134 43.16 -17.82 -4.03
C ASP A 134 44.35 -18.20 -4.96
N ALA A 135 44.48 -19.48 -5.32
CA ALA A 135 45.54 -19.94 -6.18
C ALA A 135 45.21 -19.94 -7.69
N LEU A 136 43.98 -19.63 -8.07
CA LEU A 136 43.62 -19.57 -9.49
C LEU A 136 44.00 -18.25 -10.13
N GLN A 137 44.31 -18.28 -11.44
CA GLN A 137 44.25 -17.06 -12.25
C GLN A 137 42.83 -16.51 -12.08
N ASN A 138 42.72 -15.20 -11.88
CA ASN A 138 41.43 -14.55 -11.72
C ASN A 138 40.52 -14.74 -12.96
N GLN A 139 41.13 -15.00 -14.13
CA GLN A 139 40.39 -15.25 -15.36
C GLN A 139 39.69 -16.62 -15.45
N ALA A 140 40.19 -17.61 -14.70
CA ALA A 140 39.68 -18.98 -14.77
C ALA A 140 38.20 -18.97 -14.40
N GLU A 141 37.43 -19.76 -15.15
CA GLU A 141 35.98 -19.85 -14.94
C GLU A 141 35.62 -20.26 -13.53
N ALA A 142 36.42 -21.15 -12.93
CA ALA A 142 36.13 -21.59 -11.55
C ALA A 142 36.27 -20.44 -10.53
N SER A 143 36.97 -19.38 -10.91
CA SER A 143 37.17 -18.26 -10.04
C SER A 143 35.85 -17.58 -9.70
N SER A 144 34.92 -17.56 -10.64
CA SER A 144 33.65 -16.91 -10.46
C SER A 144 32.48 -17.85 -10.08
N SER A 145 32.68 -19.17 -10.11
CA SER A 145 31.60 -20.12 -9.75
C SER A 145 31.74 -20.81 -8.39
N ILE A 146 32.94 -20.88 -7.82
CA ILE A 146 33.15 -21.41 -6.48
C ILE A 146 32.42 -20.51 -5.48
N ILE A 147 31.54 -21.14 -4.71
CA ILE A 147 30.61 -20.48 -3.79
C ILE A 147 31.27 -20.21 -2.42
N GLY A 148 31.90 -21.21 -1.83
CA GLY A 148 32.36 -21.13 -0.43
C GLY A 148 33.49 -20.17 -0.11
N GLN A 149 33.40 -19.56 1.06
CA GLN A 149 34.33 -18.51 1.54
C GLN A 149 34.71 -18.70 3.03
N PHE A 150 33.74 -19.04 3.87
CA PHE A 150 33.84 -18.84 5.30
C PHE A 150 34.36 -20.04 6.04
N GLY A 151 34.09 -21.25 5.54
CA GLY A 151 34.53 -22.47 6.23
C GLY A 151 33.63 -22.83 7.41
N VAL A 152 32.35 -22.49 7.32
CA VAL A 152 31.40 -22.89 8.35
C VAL A 152 30.13 -23.57 7.81
N GLY A 153 29.89 -23.53 6.50
CA GLY A 153 28.63 -23.98 5.96
C GLY A 153 28.29 -25.41 6.27
N PHE A 154 29.32 -26.24 6.37
CA PHE A 154 29.14 -27.66 6.63
C PHE A 154 28.52 -27.94 8.01
N TYR A 155 28.82 -27.09 8.98
CA TYR A 155 28.32 -27.28 10.33
C TYR A 155 26.82 -27.02 10.39
N SER A 156 26.25 -26.45 9.32
CA SER A 156 24.80 -26.35 9.21
C SER A 156 24.10 -27.71 9.27
N ALA A 157 24.78 -28.82 9.01
CA ALA A 157 24.17 -30.15 9.14
C ALA A 157 23.70 -30.47 10.57
N PHE A 158 24.47 -30.01 11.56
CA PHE A 158 24.12 -30.23 12.97
C PHE A 158 22.91 -29.45 13.45
N MET A 159 22.49 -28.47 12.67
CA MET A 159 21.21 -27.83 12.90
C MET A 159 20.09 -28.90 12.86
N VAL A 160 20.16 -29.85 11.94
CA VAL A 160 19.06 -30.75 11.66
C VAL A 160 19.36 -32.20 11.95
N ALA A 161 20.62 -32.50 12.28
CA ALA A 161 21.02 -33.90 12.43
C ALA A 161 21.74 -34.17 13.76
N ASP A 162 21.29 -35.23 14.43
CA ASP A 162 21.96 -35.75 15.63
C ASP A 162 23.31 -36.43 15.30
N LYS A 163 23.45 -36.93 14.07
CA LYS A 163 24.60 -37.70 13.66
C LYS A 163 24.89 -37.42 12.17
N VAL A 164 26.17 -37.18 11.85
CA VAL A 164 26.56 -36.92 10.48
C VAL A 164 27.68 -37.87 10.11
N GLU A 165 27.52 -38.52 8.96
CA GLU A 165 28.52 -39.43 8.43
C GLU A 165 28.92 -38.96 7.05
N VAL A 166 30.22 -38.87 6.82
CA VAL A 166 30.76 -38.41 5.54
C VAL A 166 31.65 -39.50 4.98
N TYR A 167 31.31 -39.99 3.79
CA TYR A 167 32.18 -40.94 3.10
C TYR A 167 32.83 -40.23 1.94
N SER A 168 34.16 -40.31 1.89
CA SER A 168 34.87 -39.59 0.85
C SER A 168 36.04 -40.37 0.22
N GLN A 169 36.15 -40.27 -1.09
CA GLN A 169 37.16 -40.96 -1.84
C GLN A 169 37.76 -39.92 -2.75
N SER A 170 39.03 -39.63 -2.52
CA SER A 170 39.77 -38.69 -3.35
C SER A 170 40.10 -39.29 -4.71
N ALA A 171 40.42 -38.40 -5.65
CA ALA A 171 40.73 -38.76 -7.04
C ALA A 171 42.17 -39.24 -7.22
N GLU A 172 43.00 -39.09 -6.19
CA GLU A 172 44.42 -39.50 -6.25
C GLU A 172 44.54 -41.03 -6.06
N ALA A 173 45.78 -41.51 -5.85
CA ALA A 173 46.08 -42.93 -5.54
C ALA A 173 45.03 -43.66 -4.68
N PRO A 176 42.52 -44.66 -1.15
CA PRO A 176 41.82 -45.21 0.03
C PRO A 176 40.62 -44.33 0.43
N GLY A 177 39.48 -44.96 0.63
CA GLY A 177 38.29 -44.25 1.09
C GLY A 177 38.27 -44.03 2.60
N TYR A 178 37.59 -42.97 3.02
CA TYR A 178 37.47 -42.70 4.43
C TYR A 178 36.02 -42.40 4.87
N LYS A 179 35.73 -42.69 6.13
CA LYS A 179 34.47 -42.32 6.75
C LYS A 179 34.79 -41.40 7.89
N TRP A 180 34.23 -40.21 7.81
CA TRP A 180 34.27 -39.19 8.85
C TRP A 180 32.94 -39.23 9.57
N SER A 181 32.95 -39.15 10.90
CA SER A 181 31.73 -39.36 11.65
C SER A 181 31.69 -38.51 12.88
N SER A 182 30.53 -37.94 13.18
CA SER A 182 30.41 -37.11 14.38
C SER A 182 28.99 -36.86 14.78
N ASP A 183 28.82 -36.60 16.08
CA ASP A 183 27.53 -36.16 16.62
C ASP A 183 27.45 -34.62 16.72
N GLY A 184 28.59 -33.97 16.52
CA GLY A 184 28.71 -32.51 16.51
C GLY A 184 28.99 -31.92 17.88
N SER A 185 29.46 -32.77 18.81
CA SER A 185 29.67 -32.37 20.20
C SER A 185 31.15 -32.19 20.57
N GLY A 186 31.95 -31.72 19.62
CA GLY A 186 33.33 -31.40 19.91
C GLY A 186 34.31 -32.45 19.43
N VAL A 187 33.82 -33.62 19.05
CA VAL A 187 34.68 -34.72 18.58
C VAL A 187 34.20 -35.34 17.27
N PHE A 188 35.13 -35.97 16.55
CA PHE A 188 34.77 -36.78 15.42
C PHE A 188 35.75 -37.92 15.19
N GLU A 189 35.31 -38.88 14.39
CA GLU A 189 36.04 -40.10 14.16
C GLU A 189 36.30 -40.24 12.70
N VAL A 190 37.42 -40.87 12.40
CA VAL A 190 37.83 -41.11 11.03
C VAL A 190 38.31 -42.53 10.94
N ALA A 191 37.79 -43.25 9.95
CA ALA A 191 38.19 -44.62 9.72
C ALA A 191 38.29 -44.88 8.23
N GLU A 192 39.08 -45.87 7.84
CA GLU A 192 39.14 -46.26 6.44
C GLU A 192 37.86 -46.91 6.05
N ALA A 193 37.49 -46.78 4.79
CA ALA A 193 36.26 -47.35 4.30
C ALA A 193 36.43 -47.84 2.89
N SER A 194 35.77 -48.95 2.62
CA SER A 194 35.69 -49.45 1.28
C SER A 194 34.35 -49.32 0.77
N GLY A 195 34.40 -49.34 -0.55
CA GLY A 195 33.31 -49.15 -1.36
C GLY A 195 33.00 -47.73 -1.64
N VAL A 196 33.82 -46.76 -1.24
CA VAL A 196 33.40 -45.36 -1.40
C VAL A 196 33.61 -44.98 -2.84
N ARG A 197 32.60 -44.39 -3.46
CA ARG A 197 32.74 -43.86 -4.83
C ARG A 197 33.51 -42.55 -4.81
N GLN A 198 34.23 -42.31 -5.90
CA GLN A 198 34.90 -41.04 -6.16
C GLN A 198 33.99 -39.89 -5.82
N GLY A 199 34.43 -39.07 -4.86
CA GLY A 199 33.64 -37.94 -4.40
C GLY A 199 33.23 -38.12 -2.96
N THR A 200 32.09 -37.55 -2.61
CA THR A 200 31.74 -37.41 -1.23
C THR A 200 30.25 -37.69 -0.99
N LYS A 201 29.97 -38.46 0.03
CA LYS A 201 28.61 -38.81 0.37
C LYS A 201 28.38 -38.43 1.80
N ILE A 202 27.27 -37.73 2.03
CA ILE A 202 26.99 -37.23 3.37
C ILE A 202 25.61 -37.69 3.82
N VAL A 203 25.57 -38.40 4.96
CA VAL A 203 24.34 -39.01 5.46
C VAL A 203 23.96 -38.35 6.76
N LEU A 204 22.77 -37.75 6.80
CA LEU A 204 22.31 -37.06 7.99
C LEU A 204 21.24 -37.93 8.63
N HIS A 205 21.41 -38.23 9.91
CA HIS A 205 20.37 -38.88 10.69
C HIS A 205 19.60 -37.78 11.36
N LEU A 206 18.42 -37.50 10.82
CA LEU A 206 17.67 -36.28 11.16
C LEU A 206 17.09 -36.34 12.59
N LYS A 207 17.12 -35.19 13.26
CA LYS A 207 16.47 -35.03 14.54
C LYS A 207 14.98 -35.27 14.37
N ASP A 208 14.31 -35.63 15.47
CA ASP A 208 12.88 -35.89 15.41
C ASP A 208 12.08 -34.71 14.92
N ASP A 209 12.45 -33.50 15.34
CA ASP A 209 11.73 -32.30 14.91
C ASP A 209 12.08 -31.84 13.50
N CYS A 210 13.05 -32.50 12.84
CA CYS A 210 13.46 -32.20 11.48
C CYS A 210 13.17 -33.33 10.50
N LYS A 211 12.30 -34.27 10.83
CA LYS A 211 12.04 -35.40 9.93
C LYS A 211 11.40 -34.99 8.59
N GLU A 212 10.81 -33.81 8.51
CA GLU A 212 10.32 -33.27 7.25
C GLU A 212 11.34 -33.27 6.09
N PHE A 213 12.64 -33.18 6.41
CA PHE A 213 13.70 -33.27 5.40
C PHE A 213 14.04 -34.69 4.98
N SER A 214 13.26 -35.68 5.41
CA SER A 214 13.24 -37.01 4.81
C SER A 214 12.02 -37.16 3.90
N SER A 215 11.26 -36.08 3.74
CA SER A 215 10.14 -36.06 2.81
C SER A 215 10.63 -35.53 1.49
N GLU A 216 10.34 -36.25 0.42
CA GLU A 216 10.79 -35.87 -0.91
C GLU A 216 10.26 -34.50 -1.34
N ASP A 217 8.96 -34.28 -1.13
CA ASP A 217 8.29 -33.02 -1.52
C ASP A 217 8.90 -31.79 -0.85
N ARG A 218 9.28 -31.93 0.40
CA ARG A 218 9.85 -30.84 1.15
C ARG A 218 11.24 -30.52 0.67
N VAL A 219 12.03 -31.54 0.44
CA VAL A 219 13.40 -31.35 -0.02
C VAL A 219 13.38 -30.70 -1.38
N LYS A 220 12.44 -31.13 -2.22
CA LYS A 220 12.26 -30.55 -3.54
C LYS A 220 11.96 -29.04 -3.44
N GLU A 221 11.10 -28.65 -2.49
CA GLU A 221 10.82 -27.24 -2.26
C GLU A 221 12.08 -26.42 -1.94
N VAL A 222 12.94 -26.97 -1.10
CA VAL A 222 14.13 -26.28 -0.67
C VAL A 222 15.14 -26.19 -1.81
N VAL A 223 15.28 -27.26 -2.59
CA VAL A 223 16.26 -27.28 -3.68
C VAL A 223 15.87 -26.22 -4.68
N THR A 224 14.59 -26.17 -5.04
CA THR A 224 14.12 -25.19 -6.05
C THR A 224 14.16 -23.75 -5.55
N LYS A 225 13.98 -23.56 -4.26
CA LYS A 225 14.09 -22.24 -3.66
C LYS A 225 15.50 -21.64 -3.77
N TYR A 226 16.53 -22.34 -3.32
CA TYR A 226 17.86 -21.77 -3.20
C TYR A 226 18.81 -22.13 -4.34
N SER A 227 18.64 -23.32 -4.91
CA SER A 227 19.70 -23.98 -5.67
C SER A 227 19.24 -24.41 -7.04
N ASN A 228 18.13 -23.84 -7.49
CA ASN A 228 17.54 -24.18 -8.78
C ASN A 228 18.44 -23.90 -10.00
N PHE A 229 19.43 -23.01 -9.85
CA PHE A 229 20.27 -22.62 -10.95
C PHE A 229 21.70 -23.07 -10.81
N VAL A 230 21.93 -23.96 -9.85
CA VAL A 230 23.25 -24.55 -9.62
C VAL A 230 23.71 -25.15 -10.93
N SER A 231 24.99 -25.04 -11.26
CA SER A 231 25.48 -25.42 -12.59
C SER A 231 25.42 -26.91 -12.93
N PHE A 232 25.49 -27.78 -11.95
CA PHE A 232 25.51 -29.22 -12.15
C PHE A 232 24.11 -29.86 -11.96
N PRO A 233 23.79 -30.91 -12.74
CA PRO A 233 22.52 -31.62 -12.56
C PRO A 233 22.34 -32.07 -11.12
N ILE A 234 21.13 -31.87 -10.61
CA ILE A 234 20.75 -32.27 -9.26
C ILE A 234 19.65 -33.32 -9.35
N PHE A 235 19.91 -34.48 -8.77
CA PHE A 235 18.93 -35.55 -8.76
C PHE A 235 18.43 -35.72 -7.35
N LEU A 236 17.11 -36.00 -7.27
CA LEU A 236 16.41 -36.36 -6.04
C LEU A 236 15.69 -37.67 -6.22
N ASN A 237 16.11 -38.67 -5.47
CA ASN A 237 15.53 -40.02 -5.54
C ASN A 237 15.48 -40.53 -6.99
N GLY A 238 16.54 -40.21 -7.71
CA GLY A 238 16.69 -40.64 -9.08
C GLY A 238 15.97 -39.79 -10.13
N ARG A 239 15.45 -38.63 -9.75
CA ARG A 239 14.80 -37.75 -10.70
C ARG A 239 15.44 -36.38 -10.73
N ARG A 240 15.60 -35.85 -11.92
CA ARG A 240 16.27 -34.58 -12.06
C ARG A 240 15.34 -33.44 -11.72
N LEU A 241 15.87 -32.41 -11.05
CA LEU A 241 15.09 -31.24 -10.63
C LEU A 241 15.38 -29.96 -11.41
N ASN A 242 16.62 -29.46 -11.29
CA ASN A 242 17.01 -28.15 -11.81
C ASN A 242 17.12 -28.14 -13.33
N THR A 243 15.99 -27.96 -14.02
CA THR A 243 15.99 -27.93 -15.49
C THR A 243 16.07 -26.49 -15.98
N LEU A 244 16.27 -25.58 -15.04
CA LEU A 244 16.23 -24.18 -15.34
C LEU A 244 17.60 -23.59 -15.44
N GLN A 245 17.91 -23.04 -16.59
CA GLN A 245 19.23 -22.47 -16.80
C GLN A 245 19.16 -20.99 -16.40
N ALA A 246 20.25 -20.51 -15.83
CA ALA A 246 20.34 -19.15 -15.31
C ALA A 246 20.46 -18.15 -16.48
N LEU A 247 19.34 -17.75 -17.08
CA LEU A 247 19.34 -16.86 -18.25
C LEU A 247 20.13 -15.58 -18.09
N TRP A 248 20.23 -15.08 -16.89
CA TRP A 248 20.94 -13.83 -16.65
C TRP A 248 22.43 -13.89 -16.87
N MET A 249 22.99 -15.09 -17.03
CA MET A 249 24.43 -15.25 -17.21
C MET A 249 24.78 -15.46 -18.67
N MET A 250 23.76 -15.58 -19.52
CA MET A 250 23.95 -15.82 -20.94
C MET A 250 24.04 -14.51 -21.72
N GLU A 251 24.58 -14.58 -22.92
CA GLU A 251 24.67 -13.43 -23.80
C GLU A 251 23.27 -13.04 -24.22
N PRO A 252 22.89 -11.77 -24.03
CA PRO A 252 21.56 -11.23 -24.28
C PRO A 252 20.98 -11.56 -25.66
N LYS A 253 21.87 -11.89 -26.59
CA LYS A 253 21.51 -12.09 -27.98
C LYS A 253 21.14 -13.54 -28.23
N ASP A 254 21.74 -14.44 -27.46
CA ASP A 254 21.43 -15.87 -27.56
C ASP A 254 20.20 -16.27 -26.74
N ILE A 255 19.39 -15.29 -26.36
CA ILE A 255 18.15 -15.53 -25.66
C ILE A 255 16.99 -15.01 -26.48
N SER A 256 16.00 -15.87 -26.69
CA SER A 256 14.83 -15.54 -27.49
C SER A 256 13.72 -14.92 -26.66
N GLU A 257 12.73 -14.36 -27.35
CA GLU A 257 11.55 -13.77 -26.70
C GLU A 257 10.76 -14.80 -25.91
N TRP A 258 10.69 -16.02 -26.43
CA TRP A 258 9.96 -17.06 -25.74
C TRP A 258 10.67 -17.53 -24.47
N GLN A 259 12.01 -17.50 -24.45
CA GLN A 259 12.77 -17.85 -23.25
C GLN A 259 12.51 -16.82 -22.17
N HIS A 260 12.49 -15.55 -22.55
CA HIS A 260 12.20 -14.46 -21.59
C HIS A 260 10.80 -14.60 -20.99
N GLU A 261 9.83 -14.88 -21.84
CA GLU A 261 8.44 -15.01 -21.41
C GLU A 261 8.34 -16.09 -20.37
N GLU A 262 8.95 -17.22 -20.67
CA GLU A 262 8.99 -18.38 -19.77
C GLU A 262 9.75 -18.09 -18.49
N PHE A 263 10.93 -17.46 -18.62
CA PHE A 263 11.77 -17.21 -17.46
C PHE A 263 11.07 -16.19 -16.56
N TYR A 264 10.51 -15.15 -17.16
CA TYR A 264 9.71 -14.15 -16.43
C TYR A 264 8.65 -14.79 -15.56
N ARG A 265 7.85 -15.65 -16.17
CA ARG A 265 6.76 -16.33 -15.47
C ARG A 265 7.28 -17.12 -14.29
N TYR A 266 8.37 -17.87 -14.48
CA TYR A 266 9.01 -18.55 -13.36
C TYR A 266 9.45 -17.60 -12.27
N VAL A 267 10.25 -16.60 -12.63
CA VAL A 267 10.90 -15.73 -11.64
C VAL A 267 9.95 -14.77 -10.94
N ALA A 268 8.85 -14.44 -11.61
CA ALA A 268 7.85 -13.57 -11.04
C ALA A 268 6.67 -14.35 -10.49
N GLN A 269 6.68 -15.67 -10.68
CA GLN A 269 5.52 -16.51 -10.39
C GLN A 269 4.30 -15.95 -11.05
N ALA A 270 4.38 -15.65 -12.33
CA ALA A 270 3.31 -14.94 -13.02
C ALA A 270 2.79 -15.75 -14.16
N TYR A 271 1.71 -15.27 -14.76
CA TYR A 271 1.03 -15.99 -15.82
C TYR A 271 0.82 -15.19 -17.10
N ASP A 272 1.21 -13.93 -17.06
CA ASP A 272 1.21 -13.06 -18.23
C ASP A 272 2.62 -13.04 -18.85
N LYS A 273 2.85 -12.06 -19.71
CA LYS A 273 4.14 -11.84 -20.32
C LYS A 273 4.74 -10.52 -19.88
N PRO A 274 6.05 -10.35 -20.07
CA PRO A 274 6.56 -9.02 -19.75
C PRO A 274 6.27 -8.06 -20.89
N ARG A 275 5.86 -6.83 -20.57
CA ARG A 275 5.68 -5.80 -21.58
C ARG A 275 7.04 -5.19 -21.93
N TYR A 276 7.98 -5.22 -20.98
CA TYR A 276 9.33 -4.71 -21.17
C TYR A 276 10.32 -5.67 -20.56
N THR A 277 11.47 -5.80 -21.22
CA THR A 277 12.56 -6.68 -20.78
C THR A 277 13.88 -5.96 -20.88
N LEU A 278 14.63 -5.90 -19.77
CA LEU A 278 15.94 -5.28 -19.74
C LEU A 278 16.98 -6.28 -19.25
N HIS A 279 17.91 -6.65 -20.13
CA HIS A 279 18.97 -7.59 -19.77
C HIS A 279 20.28 -6.81 -19.62
N TYR A 280 20.68 -6.60 -18.37
CA TYR A 280 21.79 -5.72 -18.05
C TYR A 280 22.99 -6.49 -17.49
N ARG A 281 24.13 -6.36 -18.18
CA ARG A 281 25.41 -6.94 -17.77
C ARG A 281 26.47 -5.86 -17.69
N ALA A 282 27.31 -5.92 -16.68
CA ALA A 282 28.41 -5.00 -16.58
C ALA A 282 29.40 -5.45 -15.54
N ASP A 283 30.67 -5.29 -15.81
CA ASP A 283 31.75 -5.64 -14.90
C ASP A 283 32.32 -4.49 -14.10
N ALA A 284 31.61 -3.33 -14.13
CA ALA A 284 32.05 -1.97 -13.79
C ALA A 284 32.15 -1.72 -12.29
N PRO A 285 31.24 -0.95 -11.65
CA PRO A 285 31.32 -0.95 -10.15
C PRO A 285 31.30 -2.34 -9.48
N LEU A 286 30.67 -3.27 -10.17
CA LEU A 286 30.76 -4.63 -9.79
C LEU A 286 30.29 -5.50 -10.89
N ASN A 287 30.70 -6.75 -10.84
CA ASN A 287 30.10 -7.76 -11.66
C ASN A 287 28.57 -7.68 -11.50
N ILE A 288 27.89 -7.44 -12.59
CA ILE A 288 26.44 -7.53 -12.61
C ILE A 288 25.92 -8.32 -13.78
N ARG A 289 25.11 -9.31 -13.49
CA ARG A 289 24.37 -10.02 -14.50
C ARG A 289 22.96 -9.96 -14.01
N SER A 290 22.05 -9.37 -14.79
CA SER A 290 20.72 -9.16 -14.30
C SER A 290 19.70 -9.10 -15.42
N ILE A 291 18.46 -9.45 -15.09
CA ILE A 291 17.32 -9.30 -16.02
C ILE A 291 16.15 -8.70 -15.27
N PHE A 292 15.60 -7.62 -15.81
CA PHE A 292 14.45 -6.94 -15.24
C PHE A 292 13.30 -7.03 -16.22
N TYR A 293 12.12 -7.25 -15.64
CA TYR A 293 10.88 -7.29 -16.40
C TYR A 293 9.85 -6.33 -15.82
N VAL A 294 9.05 -5.75 -16.70
CA VAL A 294 7.85 -5.04 -16.32
C VAL A 294 6.66 -5.89 -16.73
N PRO A 295 5.76 -6.24 -15.78
CA PRO A 295 4.62 -7.07 -16.10
C PRO A 295 3.68 -6.38 -17.09
N GLU A 296 2.97 -7.20 -17.85
CA GLU A 296 1.95 -6.69 -18.76
C GLU A 296 0.71 -6.30 -17.98
N MET A 297 0.44 -7.02 -16.89
CA MET A 297 -0.71 -6.75 -16.05
C MET A 297 -0.47 -5.63 -15.06
N LYS A 298 -1.34 -4.60 -15.13
CA LYS A 298 -1.35 -3.48 -14.19
C LYS A 298 -1.60 -3.99 -12.78
N PRO A 299 -1.00 -3.34 -11.77
CA PRO A 299 -1.25 -3.76 -10.36
C PRO A 299 -2.51 -3.09 -9.74
N SER A 300 -2.98 -3.61 -8.61
CA SER A 300 -4.04 -2.92 -7.85
C SER A 300 -4.10 -3.28 -6.36
N MET A 301 -5.13 -2.77 -5.68
CA MET A 301 -5.39 -3.03 -4.26
C MET A 301 -5.42 -4.49 -3.91
N PHE A 302 -6.26 -5.25 -4.63
CA PHE A 302 -6.38 -6.69 -4.45
C PHE A 302 -5.05 -7.37 -4.79
N ASP A 303 -4.17 -7.50 -3.80
CA ASP A 303 -2.83 -8.09 -3.96
C ASP A 303 -2.31 -8.63 -2.62
N SER A 310 5.77 -11.06 -5.22
CA SER A 310 7.21 -11.25 -5.35
C SER A 310 7.94 -9.90 -5.67
N SER A 311 9.23 -9.97 -5.94
CA SER A 311 10.01 -8.81 -6.20
C SER A 311 11.20 -9.24 -7.02
N VAL A 312 12.17 -8.34 -7.23
CA VAL A 312 13.42 -8.73 -7.84
C VAL A 312 14.22 -9.50 -6.80
N ALA A 313 14.70 -10.69 -7.21
CA ALA A 313 15.52 -11.53 -6.33
C ALA A 313 17.02 -11.22 -6.45
N LEU A 314 17.76 -11.39 -5.36
CA LEU A 314 19.21 -11.25 -5.36
C LEU A 314 19.92 -12.60 -5.30
N TYR A 315 20.84 -12.84 -6.24
CA TYR A 315 21.66 -14.04 -6.31
C TYR A 315 23.15 -13.70 -6.25
N SER A 316 23.96 -14.67 -5.87
CA SER A 316 25.40 -14.51 -6.01
C SER A 316 25.96 -15.84 -6.43
N ARG A 317 26.61 -15.88 -7.59
CA ARG A 317 27.18 -17.12 -8.07
C ARG A 317 26.09 -18.17 -8.18
N LYS A 318 24.94 -17.76 -8.73
CA LYS A 318 23.82 -18.64 -9.04
C LYS A 318 23.04 -19.20 -7.86
N ILE A 319 23.33 -18.73 -6.64
CA ILE A 319 22.61 -19.18 -5.46
C ILE A 319 21.75 -18.04 -4.92
N LEU A 320 20.51 -18.36 -4.56
CA LEU A 320 19.64 -17.38 -3.95
C LEU A 320 20.25 -16.78 -2.66
N ILE A 321 20.32 -15.44 -2.62
CA ILE A 321 20.64 -14.72 -1.41
C ILE A 321 19.40 -14.19 -0.73
N GLN A 322 18.53 -13.49 -1.46
CA GLN A 322 17.27 -12.92 -0.92
C GLN A 322 16.17 -12.99 -1.98
N THR A 323 15.02 -13.57 -1.63
CA THR A 323 13.92 -13.65 -2.60
C THR A 323 13.40 -12.25 -2.88
N LYS A 324 13.49 -11.37 -1.86
CA LYS A 324 13.13 -9.96 -1.98
C LYS A 324 14.34 -9.08 -1.68
N ALA A 325 15.03 -8.68 -2.73
CA ALA A 325 16.23 -7.91 -2.57
C ALA A 325 15.91 -6.54 -2.00
N THR A 326 16.62 -6.15 -0.94
CA THR A 326 16.31 -4.93 -0.17
C THR A 326 17.15 -3.69 -0.53
N ASP A 327 18.45 -3.85 -0.66
CA ASP A 327 19.35 -2.70 -0.75
C ASP A 327 19.74 -2.33 -2.19
N ILE A 328 19.33 -3.13 -3.16
CA ILE A 328 19.90 -3.00 -4.50
C ILE A 328 19.09 -2.11 -5.41
N LEU A 329 17.79 -1.99 -5.16
CA LEU A 329 16.95 -1.10 -5.94
C LEU A 329 16.30 -0.08 -5.01
N PRO A 330 16.00 1.09 -5.55
CA PRO A 330 15.20 2.03 -4.79
C PRO A 330 13.75 1.52 -4.67
N LYS A 331 13.03 2.04 -3.68
CA LYS A 331 11.67 1.58 -3.44
C LYS A 331 10.70 1.88 -4.58
N TRP A 332 10.85 3.00 -5.26
CA TRP A 332 9.96 3.27 -6.36
C TRP A 332 10.08 2.30 -7.56
N LEU A 333 11.17 1.54 -7.65
CA LEU A 333 11.31 0.55 -8.71
C LEU A 333 10.86 -0.84 -8.28
N ARG A 334 10.08 -0.94 -7.20
CA ARG A 334 9.57 -2.25 -6.74
C ARG A 334 8.56 -2.94 -7.68
N PHE A 335 8.06 -2.22 -8.67
CA PHE A 335 7.21 -2.80 -9.69
C PHE A 335 7.95 -3.71 -10.67
N LEU A 336 9.27 -3.58 -10.76
CA LEU A 336 10.11 -4.50 -11.56
C LEU A 336 10.14 -5.92 -10.96
N ARG A 337 10.15 -6.93 -11.84
CA ARG A 337 10.36 -8.31 -11.44
C ARG A 337 11.69 -8.75 -12.05
N GLY A 338 12.21 -9.86 -11.60
CA GLY A 338 13.40 -10.42 -12.24
C GLY A 338 14.49 -10.76 -11.26
N VAL A 339 15.73 -10.57 -11.67
CA VAL A 339 16.85 -11.09 -10.91
C VAL A 339 18.12 -10.24 -11.07
N VAL A 340 18.88 -10.13 -9.98
CA VAL A 340 20.18 -9.50 -10.00
C VAL A 340 21.21 -10.42 -9.38
N ASP A 341 22.28 -10.72 -10.11
CA ASP A 341 23.37 -11.57 -9.62
C ASP A 341 24.70 -10.79 -9.65
N SER A 342 25.40 -10.76 -8.51
CA SER A 342 26.76 -10.24 -8.44
C SER A 342 27.70 -11.22 -7.73
N GLU A 343 28.85 -11.47 -8.36
CA GLU A 343 29.89 -12.41 -7.86
C GLU A 343 30.67 -11.87 -6.72
N ASP A 344 30.74 -10.55 -6.63
CA ASP A 344 31.64 -9.90 -5.66
C ASP A 344 30.93 -8.96 -4.68
N ILE A 345 29.63 -9.09 -4.61
CA ILE A 345 28.88 -8.42 -3.58
C ILE A 345 29.26 -9.03 -2.20
N PRO A 346 29.56 -8.18 -1.21
CA PRO A 346 29.97 -8.64 0.14
C PRO A 346 28.85 -9.31 0.96
N LEU A 347 28.96 -10.62 1.21
CA LEU A 347 27.90 -11.37 1.88
C LEU A 347 28.11 -11.43 3.39
N ASN A 348 26.97 -11.41 4.08
CA ASN A 348 26.94 -11.64 5.50
C ASN A 348 27.23 -13.13 5.66
N LEU A 349 27.79 -13.53 6.80
CA LEU A 349 28.01 -14.93 7.12
C LEU A 349 26.80 -15.86 6.94
N SER A 350 25.60 -15.33 7.17
CA SER A 350 24.37 -16.12 7.07
C SER A 350 24.00 -16.39 5.65
N ARG A 351 24.59 -15.67 4.70
CA ARG A 351 24.29 -15.77 3.28
C ARG A 351 22.88 -15.43 2.90
N GLU A 352 22.20 -14.66 3.72
CA GLU A 352 20.85 -14.21 3.41
C GLU A 352 20.74 -12.72 3.63
N LEU A 353 21.88 -12.06 3.77
CA LEU A 353 21.96 -10.62 3.88
C LEU A 353 23.25 -10.14 3.20
N LEU A 354 23.30 -8.85 2.88
CA LEU A 354 24.49 -8.20 2.42
C LEU A 354 25.06 -7.38 3.52
N GLN A 355 26.37 -7.25 3.51
CA GLN A 355 27.03 -6.34 4.46
C GLN A 355 26.81 -4.91 4.04
N GLU A 356 26.85 -3.97 4.98
CA GLU A 356 26.80 -2.56 4.63
C GLU A 356 28.03 -2.21 3.78
N SER A 357 27.81 -1.55 2.64
CA SER A 357 28.90 -1.34 1.69
C SER A 357 28.71 -0.15 0.76
N ALA A 358 29.76 0.66 0.60
CA ALA A 358 29.74 1.72 -0.41
C ALA A 358 29.52 1.13 -1.82
N LEU A 359 29.97 -0.09 -2.06
CA LEU A 359 29.76 -0.74 -3.35
C LEU A 359 28.31 -1.07 -3.63
N ILE A 360 27.59 -1.49 -2.61
CA ILE A 360 26.16 -1.75 -2.77
C ILE A 360 25.38 -0.47 -2.99
N ARG A 361 25.74 0.59 -2.27
CA ARG A 361 25.15 1.92 -2.51
C ARG A 361 25.35 2.36 -3.98
N LYS A 362 26.58 2.28 -4.47
CA LYS A 362 26.88 2.59 -5.89
C LYS A 362 26.09 1.75 -6.89
N LEU A 363 26.02 0.46 -6.63
CA LEU A 363 25.19 -0.41 -7.44
C LEU A 363 23.73 0.07 -7.59
N ARG A 364 23.12 0.46 -6.48
CA ARG A 364 21.74 0.89 -6.47
C ARG A 364 21.59 2.12 -7.34
N ASP A 365 22.49 3.08 -7.14
CA ASP A 365 22.52 4.26 -7.97
C ASP A 365 22.68 3.92 -9.44
N VAL A 366 23.57 2.97 -9.75
CA VAL A 366 23.84 2.60 -11.16
C VAL A 366 22.58 2.02 -11.81
N LEU A 367 21.93 1.10 -11.09
CA LEU A 367 20.71 0.44 -11.56
C LEU A 367 19.56 1.41 -11.75
N GLN A 368 19.45 2.37 -10.83
CA GLN A 368 18.41 3.37 -10.94
C GLN A 368 18.58 4.07 -12.29
N GLN A 369 19.78 4.57 -12.53
CA GLN A 369 20.08 5.25 -13.80
C GLN A 369 19.87 4.38 -15.04
N ARG A 370 20.21 3.10 -14.94
CA ARG A 370 20.06 2.22 -16.09
C ARG A 370 18.61 1.99 -16.46
N VAL A 371 17.76 1.79 -15.44
CA VAL A 371 16.35 1.54 -15.67
C VAL A 371 15.65 2.78 -16.21
N ILE A 372 15.94 3.94 -15.63
CA ILE A 372 15.44 5.22 -16.15
C ILE A 372 15.85 5.41 -17.59
N ARG A 373 17.11 5.13 -17.87
CA ARG A 373 17.60 5.27 -19.23
C ARG A 373 16.83 4.36 -20.17
N PHE A 374 16.60 3.14 -19.71
CA PHE A 374 15.86 2.14 -20.50
C PHE A 374 14.42 2.52 -20.78
N LEU A 375 13.75 3.06 -19.77
CA LEU A 375 12.36 3.48 -19.92
C LEU A 375 12.28 4.69 -20.85
N LEU A 376 13.23 5.62 -20.74
CA LEU A 376 13.32 6.77 -21.63
C LEU A 376 13.46 6.32 -23.05
N ASP A 377 14.36 5.37 -23.28
CA ASP A 377 14.57 4.86 -24.63
C ASP A 377 13.28 4.29 -25.15
N GLN A 378 12.58 3.60 -24.27
CA GLN A 378 11.32 3.00 -24.66
C GLN A 378 10.24 4.03 -25.02
N SER A 379 10.27 5.19 -24.38
CA SER A 379 9.33 6.25 -24.74
C SER A 379 9.57 6.74 -26.17
N LYS A 380 10.81 6.63 -26.66
CA LYS A 380 11.11 6.98 -28.05
C LYS A 380 10.69 5.90 -29.04
N LYS A 381 11.12 4.66 -28.78
CA LYS A 381 10.86 3.55 -29.70
C LYS A 381 9.38 3.33 -29.94
N ASP A 382 8.58 3.54 -28.90
CA ASP A 382 7.14 3.39 -29.02
C ASP A 382 6.47 4.25 -27.97
N PRO A 383 6.22 5.53 -28.29
CA PRO A 383 5.52 6.45 -27.38
C PRO A 383 4.10 5.95 -27.03
N GLU A 384 3.46 5.29 -27.99
CA GLU A 384 2.16 4.70 -27.79
C GLU A 384 2.21 3.71 -26.65
N LYS A 385 3.11 2.74 -26.76
CA LYS A 385 3.30 1.73 -25.73
C LYS A 385 3.71 2.37 -24.43
N TYR A 386 4.65 3.30 -24.48
CA TYR A 386 5.08 3.96 -23.26
C TYR A 386 3.94 4.71 -22.61
N ALA A 387 3.02 5.24 -23.42
CA ALA A 387 1.85 5.93 -22.87
C ALA A 387 1.00 4.98 -22.02
N ARG A 388 0.78 3.75 -22.49
CA ARG A 388 0.06 2.76 -21.67
C ARG A 388 0.84 2.44 -20.40
N PHE A 389 2.17 2.29 -20.52
CA PHE A 389 3.03 2.02 -19.37
C PHE A 389 2.95 3.11 -18.31
N PHE A 390 2.97 4.35 -18.73
CA PHE A 390 2.90 5.47 -17.78
C PHE A 390 1.55 5.58 -17.09
N GLU A 391 0.48 5.22 -17.78
CA GLU A 391 -0.82 5.21 -17.14
C GLU A 391 -0.88 4.17 -16.01
N ASP A 392 -0.29 3.00 -16.28
CA ASP A 392 -0.32 1.86 -15.34
C ASP A 392 0.67 1.99 -14.18
N TYR A 393 1.88 2.44 -14.47
CA TYR A 393 2.94 2.46 -13.46
C TYR A 393 3.41 3.86 -13.05
N GLY A 394 2.84 4.90 -13.65
CA GLY A 394 3.25 6.29 -13.36
C GLY A 394 3.27 6.68 -11.90
N LEU A 395 2.36 6.11 -11.13
CA LEU A 395 2.31 6.41 -9.71
C LEU A 395 3.63 6.09 -9.02
N PHE A 396 4.32 5.06 -9.51
CA PHE A 396 5.63 4.67 -8.97
C PHE A 396 6.66 5.78 -9.18
N MET A 397 6.61 6.40 -10.35
CA MET A 397 7.53 7.50 -10.68
C MET A 397 7.23 8.70 -9.81
N ARG A 398 5.96 9.00 -9.63
CA ARG A 398 5.58 10.13 -8.81
C ARG A 398 6.02 9.95 -7.37
N GLU A 399 5.88 8.73 -6.87
CA GLU A 399 6.31 8.39 -5.51
C GLU A 399 7.83 8.59 -5.34
N GLY A 400 8.57 8.13 -6.35
CA GLY A 400 10.02 8.27 -6.39
C GLY A 400 10.49 9.69 -6.27
N ILE A 401 9.85 10.57 -7.04
CA ILE A 401 10.18 11.99 -7.03
C ILE A 401 9.89 12.63 -5.66
N VAL A 402 8.82 12.18 -5.00
CA VAL A 402 8.45 12.73 -3.69
C VAL A 402 9.38 12.22 -2.59
N THR A 403 9.79 10.96 -2.68
CA THR A 403 10.46 10.30 -1.55
C THR A 403 11.98 10.41 -1.50
N THR A 404 12.61 10.65 -2.66
CA THR A 404 14.08 10.77 -2.72
C THR A 404 14.52 12.17 -2.34
N GLY A 405 15.75 12.29 -1.85
CA GLY A 405 16.25 13.57 -1.34
C GLY A 405 17.30 14.22 -2.22
N GLU A 406 17.57 13.59 -3.35
CA GLU A 406 18.60 14.07 -4.26
C GLU A 406 17.92 14.76 -5.42
N GLN A 407 18.16 16.06 -5.53
CA GLN A 407 17.54 16.85 -6.58
C GLN A 407 17.93 16.37 -7.99
N SER A 408 19.18 15.99 -8.17
CA SER A 408 19.67 15.42 -9.43
C SER A 408 18.85 14.19 -9.90
N VAL A 409 18.56 13.29 -8.97
CA VAL A 409 17.77 12.09 -9.27
C VAL A 409 16.28 12.38 -9.45
N LYS A 410 15.73 13.25 -8.62
CA LYS A 410 14.36 13.74 -8.82
C LYS A 410 14.12 14.20 -10.26
N GLU A 411 15.10 14.88 -10.86
CA GLU A 411 14.98 15.37 -12.21
C GLU A 411 15.25 14.28 -13.22
N ASP A 412 15.93 13.22 -12.79
CA ASP A 412 16.13 12.04 -13.63
C ASP A 412 14.82 11.28 -13.79
N ILE A 413 14.17 10.99 -12.68
CA ILE A 413 12.90 10.28 -12.69
C ILE A 413 11.80 11.13 -13.37
N ALA A 414 11.90 12.46 -13.21
CA ALA A 414 10.91 13.39 -13.79
C ALA A 414 10.89 13.43 -15.32
N LYS A 415 11.98 12.97 -15.93
CA LYS A 415 12.02 12.84 -17.38
C LYS A 415 11.01 11.81 -17.87
N LEU A 416 10.53 10.95 -16.98
CA LEU A 416 9.53 9.95 -17.32
C LEU A 416 8.08 10.42 -17.26
N LEU A 417 7.83 11.53 -16.58
CA LEU A 417 6.49 12.07 -16.41
C LEU A 417 5.90 12.60 -17.72
N ARG A 418 4.59 12.36 -17.89
CA ARG A 418 3.79 12.93 -18.95
C ARG A 418 2.61 13.72 -18.38
N PHE A 419 2.32 14.85 -19.01
CA PHE A 419 1.17 15.66 -18.66
C PHE A 419 0.43 16.02 -19.92
N GLU A 420 -0.65 16.79 -19.79
CA GLU A 420 -1.22 17.46 -20.94
C GLU A 420 -0.85 18.94 -20.89
N SER A 421 -1.10 19.69 -21.96
CA SER A 421 -0.68 21.08 -21.95
C SER A 421 -1.76 22.03 -22.44
N SER A 422 -1.70 23.27 -21.94
CA SER A 422 -2.55 24.35 -22.41
C SER A 422 -2.28 24.65 -23.86
N ALA A 423 -1.01 24.48 -24.24
CA ALA A 423 -0.54 24.78 -25.59
C ALA A 423 -0.70 23.60 -26.54
N LEU A 424 -1.34 22.52 -26.08
CA LEU A 424 -1.50 21.32 -26.89
C LEU A 424 -2.93 20.87 -26.84
N PRO A 425 -3.34 20.00 -27.80
CA PRO A 425 -4.71 19.47 -27.77
C PRO A 425 -4.98 18.54 -26.61
N ALA A 426 -6.27 18.34 -26.35
CA ALA A 426 -6.76 17.43 -25.32
C ALA A 426 -6.33 16.00 -25.63
N GLY A 427 -5.96 15.27 -24.59
CA GLY A 427 -5.62 13.86 -24.69
C GLY A 427 -4.24 13.54 -25.21
N GLN A 428 -3.43 14.56 -25.47
CA GLN A 428 -2.05 14.36 -25.93
C GLN A 428 -1.05 14.68 -24.83
N GLN A 429 -0.06 13.80 -24.72
CA GLN A 429 0.91 13.87 -23.64
C GLN A 429 2.17 14.65 -24.06
N THR A 430 2.83 15.32 -23.11
CA THR A 430 4.19 15.80 -23.31
C THR A 430 5.03 15.68 -22.06
N SER A 431 6.34 15.74 -22.24
CA SER A 431 7.29 15.70 -21.13
C SER A 431 7.65 17.12 -20.67
N LEU A 432 8.27 17.22 -19.50
CA LEU A 432 8.83 18.47 -18.99
C LEU A 432 9.89 19.00 -19.91
N MET A 433 10.55 18.09 -20.63
CA MET A 433 11.62 18.48 -21.56
C MET A 433 11.05 19.15 -22.79
N GLU A 434 9.99 18.58 -23.35
CA GLU A 434 9.29 19.17 -24.51
C GLU A 434 8.68 20.53 -24.20
N TYR A 435 8.22 20.72 -22.97
CA TYR A 435 7.77 22.03 -22.51
C TYR A 435 8.94 22.98 -22.49
N SER A 436 10.05 22.53 -21.88
CA SER A 436 11.30 23.31 -21.81
C SER A 436 11.80 23.64 -23.20
N SER A 437 11.54 22.74 -24.14
CA SER A 437 11.79 22.96 -25.57
C SER A 437 11.10 24.21 -26.12
N ARG A 438 9.79 24.29 -25.95
CA ARG A 438 8.96 25.26 -26.64
C ARG A 438 8.94 26.64 -25.95
N MET A 439 9.53 26.72 -24.77
CA MET A 439 9.50 27.95 -23.98
C MET A 439 10.06 29.13 -24.75
N LYS A 440 9.42 30.29 -24.57
CA LYS A 440 9.86 31.54 -25.18
C LYS A 440 11.28 31.83 -24.72
N ALA A 441 12.14 32.22 -25.68
CA ALA A 441 13.59 32.35 -25.47
C ALA A 441 13.97 33.16 -24.23
N GLY A 442 13.21 34.20 -23.94
CA GLY A 442 13.50 35.03 -22.78
C GLY A 442 12.79 34.61 -21.50
N THR A 443 12.56 33.31 -21.27
CA THR A 443 11.88 32.89 -20.04
C THR A 443 12.42 31.60 -19.49
N ARG A 444 12.33 31.48 -18.17
CA ARG A 444 12.80 30.30 -17.47
C ARG A 444 11.85 29.91 -16.34
N ASN A 445 10.56 29.81 -16.64
CA ASN A 445 9.59 29.30 -15.68
C ASN A 445 8.62 28.26 -16.23
N ILE A 446 8.45 27.18 -15.47
CA ILE A 446 7.55 26.10 -15.84
C ILE A 446 6.20 26.26 -15.14
N TYR A 447 5.17 26.55 -15.93
CA TYR A 447 3.84 26.82 -15.37
C TYR A 447 2.92 25.63 -15.53
N TYR A 448 2.33 25.20 -14.42
CA TYR A 448 1.44 24.06 -14.42
C TYR A 448 0.14 24.42 -13.72
N LEU A 449 -0.87 23.60 -13.91
CA LEU A 449 -2.12 23.77 -13.21
C LEU A 449 -2.73 22.41 -12.96
N CYS A 450 -2.76 21.99 -11.70
CA CYS A 450 -3.28 20.68 -11.33
C CYS A 450 -4.78 20.73 -11.23
N ALA A 451 -5.48 20.06 -12.15
CA ALA A 451 -6.93 20.14 -12.24
C ALA A 451 -7.53 18.72 -12.31
N PRO A 452 -8.72 18.53 -11.76
CA PRO A 452 -9.42 17.27 -11.95
C PRO A 452 -9.61 16.91 -13.42
N ASN A 453 -9.86 17.88 -14.29
CA ASN A 453 -10.03 17.61 -15.72
C ASN A 453 -9.69 18.82 -16.59
N ARG A 454 -9.88 18.67 -17.89
CA ARG A 454 -9.58 19.72 -18.85
C ARG A 454 -10.58 20.89 -18.85
N HIS A 455 -11.86 20.58 -18.75
CA HIS A 455 -12.90 21.61 -18.71
C HIS A 455 -12.65 22.58 -17.58
N LEU A 456 -12.41 22.03 -16.40
CA LEU A 456 -12.14 22.84 -15.22
C LEU A 456 -10.81 23.60 -15.34
N ALA A 457 -9.91 23.12 -16.18
CA ALA A 457 -8.63 23.75 -16.43
C ALA A 457 -8.75 24.91 -17.38
N GLU A 458 -9.27 24.64 -18.57
CA GLU A 458 -9.50 25.67 -19.61
C GLU A 458 -10.34 26.87 -19.12
N HIS A 459 -11.25 26.64 -18.18
CA HIS A 459 -12.04 27.71 -17.64
C HIS A 459 -11.54 28.21 -16.29
N SER A 460 -10.27 28.00 -15.98
CA SER A 460 -9.71 28.52 -14.73
C SER A 460 -9.39 30.01 -14.88
N PRO A 461 -9.87 30.83 -13.93
CA PRO A 461 -9.49 32.25 -13.81
C PRO A 461 -7.99 32.44 -13.92
N TYR A 462 -7.24 31.69 -13.11
CA TYR A 462 -5.79 31.76 -13.08
C TYR A 462 -5.14 31.37 -14.44
N PHE A 463 -5.76 30.44 -15.15
CA PHE A 463 -5.26 30.03 -16.46
C PHE A 463 -5.63 31.00 -17.56
N GLU A 464 -6.80 31.63 -17.42
CA GLU A 464 -7.27 32.64 -18.39
C GLU A 464 -6.29 33.81 -18.45
N ALA A 465 -5.63 34.07 -17.31
CA ALA A 465 -4.52 35.01 -17.24
C ALA A 465 -3.40 34.59 -18.19
N MET A 466 -2.92 33.37 -17.97
CA MET A 466 -1.81 32.83 -18.74
C MET A 466 -2.16 32.59 -20.21
N LYS A 467 -3.45 32.68 -20.54
CA LYS A 467 -3.90 32.55 -21.91
C LYS A 467 -3.53 33.78 -22.68
N GLN A 468 -3.83 34.94 -22.09
CA GLN A 468 -3.87 36.17 -22.85
C GLN A 468 -2.52 36.75 -23.13
N LYS A 469 -1.82 37.13 -22.06
CA LYS A 469 -0.52 37.76 -22.21
C LYS A 469 0.53 36.65 -22.18
N ASP A 470 0.57 35.88 -21.09
CA ASP A 470 1.57 34.82 -20.95
C ASP A 470 1.20 33.65 -21.93
N MET A 471 1.90 32.48 -21.90
CA MET A 471 1.68 31.43 -22.95
C MET A 471 1.31 30.00 -22.49
N GLU A 472 2.28 29.13 -22.22
CA GLU A 472 1.97 27.70 -22.12
C GLU A 472 1.93 27.15 -20.67
N VAL A 473 0.92 26.34 -20.37
CA VAL A 473 0.74 25.81 -19.02
C VAL A 473 0.55 24.30 -19.08
N LEU A 474 1.27 23.59 -18.21
CA LEU A 474 1.06 22.16 -18.07
C LEU A 474 -0.25 21.85 -17.32
N PHE A 475 -1.07 21.00 -17.93
CA PHE A 475 -2.30 20.50 -17.33
C PHE A 475 -2.02 19.15 -16.65
N CYS A 476 -2.11 19.11 -15.32
CA CYS A 476 -1.83 17.89 -14.57
CA CYS A 476 -1.81 17.91 -14.51
C CYS A 476 -3.09 17.35 -13.89
N PHE A 477 -3.66 16.31 -14.50
CA PHE A 477 -4.94 15.74 -14.05
C PHE A 477 -4.82 14.56 -13.11
N GLU A 478 -3.67 13.90 -13.10
CA GLU A 478 -3.49 12.68 -12.33
C GLU A 478 -3.36 12.98 -10.84
N GLN A 479 -3.71 12.00 -10.04
CA GLN A 479 -3.67 12.16 -8.60
C GLN A 479 -2.22 12.17 -8.12
N PHE A 480 -1.97 13.02 -7.13
CA PHE A 480 -0.64 13.27 -6.62
C PHE A 480 0.27 13.99 -7.63
N ASP A 481 -0.29 14.47 -8.75
CA ASP A 481 0.48 15.31 -9.65
C ASP A 481 0.93 16.55 -8.92
N GLU A 482 0.07 17.07 -8.05
CA GLU A 482 0.39 18.30 -7.33
C GLU A 482 1.61 18.19 -6.44
N LEU A 483 1.56 17.35 -5.41
CA LEU A 483 2.67 17.27 -4.47
C LEU A 483 3.95 16.71 -5.12
N THR A 484 3.80 16.01 -6.23
CA THR A 484 4.95 15.62 -7.03
C THR A 484 5.74 16.87 -7.44
N LEU A 485 5.06 17.80 -8.11
CA LEU A 485 5.68 19.07 -8.57
C LEU A 485 6.16 19.94 -7.42
N LEU A 486 5.37 20.01 -6.36
CA LEU A 486 5.79 20.67 -5.12
C LEU A 486 7.08 20.08 -4.56
N HIS A 487 7.16 18.76 -4.53
CA HIS A 487 8.40 18.08 -4.12
C HIS A 487 9.46 18.19 -5.21
N LEU A 488 9.07 18.18 -6.46
CA LEU A 488 10.02 18.35 -7.53
C LEU A 488 10.75 19.67 -7.32
N ARG A 489 10.01 20.77 -7.17
CA ARG A 489 10.55 22.13 -6.91
C ARG A 489 11.23 22.73 -8.14
N GLU A 490 12.19 22.00 -8.67
CA GLU A 490 13.12 22.54 -9.62
C GLU A 490 13.40 21.49 -10.68
N PHE A 491 13.29 21.89 -11.93
CA PHE A 491 13.62 21.00 -13.03
C PHE A 491 14.43 21.74 -14.06
N ASP A 492 15.57 21.16 -14.44
CA ASP A 492 16.36 21.69 -15.54
C ASP A 492 16.91 23.08 -15.14
N ARG A 493 17.24 23.20 -13.85
CA ARG A 493 17.69 24.49 -13.27
C ARG A 493 16.59 25.56 -13.26
N LYS A 494 15.39 25.17 -13.69
CA LYS A 494 14.26 26.06 -13.82
C LYS A 494 13.22 25.78 -12.75
N LYS A 495 12.28 26.69 -12.64
CA LYS A 495 11.33 26.69 -11.53
C LYS A 495 9.93 26.36 -12.01
N LEU A 496 9.30 25.44 -11.28
CA LEU A 496 7.91 25.07 -11.55
C LEU A 496 7.01 25.91 -10.67
N ILE A 497 6.05 26.60 -11.28
CA ILE A 497 5.10 27.39 -10.52
C ILE A 497 3.69 27.13 -11.04
N SER A 498 2.75 26.91 -10.11
CA SER A 498 1.37 26.71 -10.51
C SER A 498 0.79 28.06 -10.92
N ALA A 499 0.20 28.12 -12.12
CA ALA A 499 -0.57 29.29 -12.53
C ALA A 499 -1.75 29.33 -11.57
N GLU A 500 -1.49 29.80 -10.35
CA GLU A 500 -2.45 29.71 -9.22
C GLU A 500 -1.76 29.98 -7.89
N ARG A 522 -31.91 37.14 -27.32
CA ARG A 522 -31.65 36.68 -25.97
C ARG A 522 -32.67 37.38 -25.03
N LEU A 523 -32.50 37.02 -23.79
CA LEU A 523 -33.19 37.60 -22.64
C LEU A 523 -32.66 39.00 -22.37
N SER A 524 -33.57 39.93 -22.09
CA SER A 524 -33.16 41.30 -21.90
C SER A 524 -32.26 41.44 -20.68
N SER A 525 -31.71 42.64 -20.53
CA SER A 525 -30.76 42.97 -19.47
C SER A 525 -31.34 43.09 -18.07
N GLU A 526 -32.65 42.94 -17.92
CA GLU A 526 -33.28 43.02 -16.61
C GLU A 526 -34.23 41.87 -16.32
N GLN A 527 -34.73 41.23 -17.38
CA GLN A 527 -35.39 39.95 -17.25
C GLN A 527 -34.38 38.98 -16.61
N ALA A 528 -33.13 39.06 -17.10
CA ALA A 528 -32.01 38.26 -16.61
C ALA A 528 -31.63 38.58 -15.16
N GLU A 529 -31.53 39.87 -14.85
CA GLU A 529 -31.21 40.32 -13.51
C GLU A 529 -32.26 39.87 -12.49
N ASP A 530 -33.51 39.81 -12.94
CA ASP A 530 -34.59 39.27 -12.14
C ASP A 530 -34.37 37.77 -11.92
N LEU A 531 -34.14 37.05 -13.03
CA LEU A 531 -33.85 35.61 -13.00
C LEU A 531 -32.72 35.28 -12.06
N LEU A 532 -31.60 36.00 -12.20
CA LEU A 532 -30.42 35.77 -11.36
C LEU A 532 -30.75 35.88 -9.88
N ALA A 533 -31.43 36.96 -9.51
CA ALA A 533 -31.78 37.22 -8.12
C ALA A 533 -32.62 36.09 -7.53
N TRP A 534 -33.41 35.45 -8.37
CA TRP A 534 -34.22 34.29 -7.98
C TRP A 534 -33.34 33.06 -7.77
N MET A 535 -32.43 32.82 -8.73
CA MET A 535 -31.52 31.68 -8.70
C MET A 535 -30.64 31.66 -7.47
N ARG A 536 -30.16 32.82 -7.03
CA ARG A 536 -29.29 32.90 -5.84
C ARG A 536 -30.01 32.48 -4.56
N ASN A 537 -31.35 32.55 -4.57
CA ASN A 537 -32.15 32.19 -3.40
C ASN A 537 -32.53 30.69 -3.32
N ALA A 538 -32.72 30.05 -4.48
CA ALA A 538 -33.02 28.63 -4.53
C ALA A 538 -31.78 27.78 -4.40
N LEU A 539 -30.63 28.37 -4.70
CA LEU A 539 -29.34 27.70 -4.61
C LEU A 539 -28.47 28.35 -3.55
N VAL A 540 -29.10 28.85 -2.48
CA VAL A 540 -28.39 29.64 -1.45
C VAL A 540 -27.11 28.95 -0.97
N GLN A 541 -27.22 27.69 -0.57
CA GLN A 541 -26.06 26.97 -0.07
C GLN A 541 -25.61 25.84 -0.99
N ARG A 542 -25.41 26.19 -2.25
CA ARG A 542 -24.83 25.29 -3.22
C ARG A 542 -23.74 25.97 -4.03
N VAL A 543 -23.95 27.23 -4.41
CA VAL A 543 -22.95 27.99 -5.15
C VAL A 543 -22.65 29.32 -4.47
N THR A 544 -21.44 29.83 -4.69
CA THR A 544 -21.04 31.10 -4.09
C THR A 544 -21.00 32.21 -5.13
N ASN A 545 -21.53 31.94 -6.31
CA ASN A 545 -21.65 32.95 -7.34
C ASN A 545 -22.48 32.49 -8.54
N ILE A 546 -23.25 33.43 -9.10
CA ILE A 546 -24.00 33.17 -10.33
C ILE A 546 -23.77 34.32 -11.32
N LYS A 547 -23.35 33.97 -12.53
CA LYS A 547 -22.92 34.94 -13.53
C LYS A 547 -23.79 34.83 -14.79
N VAL A 548 -23.45 35.60 -15.81
CA VAL A 548 -24.04 35.50 -17.14
C VAL A 548 -22.91 35.56 -18.15
N THR A 549 -22.91 34.65 -19.12
CA THR A 549 -21.82 34.61 -20.08
C THR A 549 -22.29 34.30 -21.49
N PRO A 550 -21.47 34.66 -22.47
CA PRO A 550 -21.87 34.52 -23.86
C PRO A 550 -21.30 33.33 -24.60
N ARG A 551 -20.79 32.32 -23.92
CA ARG A 551 -20.26 31.20 -24.64
C ARG A 551 -21.40 30.20 -24.68
N LEU A 552 -21.16 29.01 -24.24
CA LEU A 552 -22.19 28.09 -23.96
C LEU A 552 -22.89 27.74 -25.26
N ASP A 553 -23.55 28.67 -25.96
CA ASP A 553 -24.34 28.28 -27.10
C ASP A 553 -25.35 27.11 -26.79
N THR A 554 -24.98 25.84 -27.04
CA THR A 554 -25.86 24.70 -26.78
C THR A 554 -26.15 24.47 -25.28
N HIS A 555 -25.19 24.86 -24.45
CA HIS A 555 -25.27 24.68 -23.02
C HIS A 555 -25.93 25.86 -22.33
N PRO A 556 -27.06 25.60 -21.61
CA PRO A 556 -27.80 26.62 -20.86
C PRO A 556 -27.01 27.19 -19.67
N ALA A 557 -26.09 26.38 -19.13
CA ALA A 557 -25.21 26.83 -18.06
C ALA A 557 -23.94 25.98 -18.02
N MET A 558 -22.90 26.49 -17.36
CA MET A 558 -21.70 25.69 -17.04
C MET A 558 -21.19 26.04 -15.65
N ILE A 559 -20.51 25.10 -15.02
CA ILE A 559 -19.86 25.33 -13.75
C ILE A 559 -18.40 25.66 -14.01
N THR A 560 -17.89 26.66 -13.29
CA THR A 560 -16.47 26.95 -13.28
C THR A 560 -16.00 26.97 -11.83
N VAL A 561 -14.69 26.82 -11.61
CA VAL A 561 -14.15 26.84 -10.26
C VAL A 561 -12.90 27.70 -10.22
N LEU A 562 -12.70 28.44 -9.13
CA LEU A 562 -11.50 29.24 -8.95
C LEU A 562 -10.30 28.41 -8.55
N GLU A 563 -10.42 27.71 -7.41
CA GLU A 563 -9.32 26.86 -6.90
C GLU A 563 -9.48 25.42 -7.29
N MET A 564 -8.55 24.92 -8.09
CA MET A 564 -8.54 23.52 -8.46
C MET A 564 -8.31 22.69 -7.22
N GLY A 565 -7.46 23.21 -6.34
CA GLY A 565 -7.17 22.53 -5.08
C GLY A 565 -8.44 22.17 -4.31
N ALA A 566 -9.39 23.12 -4.27
CA ALA A 566 -10.67 22.88 -3.62
C ALA A 566 -11.42 21.73 -4.26
N ALA A 567 -11.67 21.86 -5.57
CA ALA A 567 -12.42 20.85 -6.37
C ALA A 567 -11.99 19.40 -6.09
N ARG A 568 -10.70 19.22 -5.86
CA ARG A 568 -10.14 17.93 -5.50
C ARG A 568 -10.64 17.46 -4.18
N HIS A 569 -10.63 18.35 -3.20
CA HIS A 569 -11.13 18.06 -1.86
C HIS A 569 -12.63 17.76 -1.90
N PHE A 570 -13.32 18.53 -2.72
CA PHE A 570 -14.73 18.28 -2.96
C PHE A 570 -15.05 16.86 -3.43
N LEU A 571 -14.34 16.37 -4.43
CA LEU A 571 -14.47 14.96 -4.84
C LEU A 571 -13.40 14.10 -4.16
N ARG A 572 -12.85 14.69 -3.07
CA ARG A 572 -11.79 14.10 -2.26
C ARG A 572 -12.37 13.70 -0.96
N LEU A 587 -16.20 23.56 -1.31
CA LEU A 587 -16.31 23.84 -2.74
C LEU A 587 -17.15 25.08 -2.95
N GLN A 588 -16.66 25.97 -3.82
CA GLN A 588 -17.36 27.20 -4.17
C GLN A 588 -17.52 27.34 -5.71
N PRO A 589 -18.54 26.67 -6.28
CA PRO A 589 -18.76 26.70 -7.73
C PRO A 589 -19.22 28.06 -8.20
N THR A 590 -19.10 28.29 -9.50
CA THR A 590 -19.65 29.48 -10.12
C THR A 590 -20.42 29.08 -11.34
N LEU A 591 -21.74 29.13 -11.21
CA LEU A 591 -22.61 28.86 -12.33
C LEU A 591 -22.58 30.06 -13.26
N GLU A 592 -22.67 29.80 -14.57
CA GLU A 592 -22.70 30.86 -15.57
C GLU A 592 -23.78 30.57 -16.58
N ILE A 593 -24.67 31.53 -16.80
CA ILE A 593 -25.93 31.30 -17.51
C ILE A 593 -25.90 31.83 -18.92
N ASN A 594 -26.42 31.02 -19.83
CA ASN A 594 -26.65 31.42 -21.22
C ASN A 594 -28.06 31.98 -21.36
N THR A 595 -28.20 33.31 -21.35
CA THR A 595 -29.54 33.94 -21.39
C THR A 595 -30.20 33.85 -22.78
N GLY A 596 -29.48 33.26 -23.74
CA GLY A 596 -30.00 33.06 -25.07
C GLY A 596 -30.55 31.65 -25.21
N HIS A 597 -30.34 30.81 -24.19
CA HIS A 597 -30.80 29.41 -24.21
C HIS A 597 -32.28 29.29 -23.85
N ASP A 598 -32.97 28.39 -24.55
CA ASP A 598 -34.42 28.24 -24.43
C ASP A 598 -34.87 27.81 -23.05
N LEU A 599 -34.16 26.87 -22.47
CA LEU A 599 -34.42 26.43 -21.09
C LEU A 599 -34.29 27.55 -20.05
N ILE A 600 -33.33 28.44 -20.26
CA ILE A 600 -33.14 29.60 -19.37
C ILE A 600 -34.29 30.57 -19.50
N LYS A 601 -34.65 30.86 -20.74
CA LYS A 601 -35.80 31.74 -21.00
C LYS A 601 -37.09 31.07 -20.51
N LYS A 602 -37.16 29.74 -20.62
CA LYS A 602 -38.28 28.98 -20.02
C LYS A 602 -38.26 29.07 -18.50
N LEU A 603 -37.06 28.98 -17.93
CA LEU A 603 -36.88 29.09 -16.49
C LEU A 603 -37.34 30.44 -15.99
N HIS A 604 -36.95 31.48 -16.71
CA HIS A 604 -37.39 32.83 -16.40
C HIS A 604 -38.91 32.93 -16.32
N ALA A 605 -39.61 32.30 -17.26
CA ALA A 605 -41.07 32.41 -17.34
C ALA A 605 -41.77 31.61 -16.25
N LEU A 606 -41.16 30.48 -15.86
CA LEU A 606 -41.82 29.54 -14.94
C LEU A 606 -41.59 29.87 -13.48
N LYS A 607 -40.62 30.73 -13.18
CA LYS A 607 -40.29 31.03 -11.79
C LYS A 607 -41.44 31.68 -11.02
N ASP A 608 -42.28 32.40 -11.75
CA ASP A 608 -43.48 33.07 -11.20
C ASP A 608 -44.76 32.34 -11.58
N SER A 609 -44.76 31.74 -12.77
CA SER A 609 -45.93 31.06 -13.31
C SER A 609 -46.13 29.67 -12.71
N ASN A 610 -45.03 28.94 -12.59
CA ASN A 610 -45.08 27.57 -12.10
C ASN A 610 -43.90 27.28 -11.18
N PRO A 611 -43.77 28.04 -10.08
CA PRO A 611 -42.57 28.06 -9.21
C PRO A 611 -42.05 26.67 -8.85
N GLU A 612 -42.96 25.73 -8.73
CA GLU A 612 -42.59 24.38 -8.34
C GLU A 612 -41.98 23.64 -9.50
N LEU A 613 -42.46 23.89 -10.72
CA LEU A 613 -41.86 23.30 -11.89
C LEU A 613 -40.49 23.90 -12.18
N ALA A 614 -40.37 25.20 -11.97
CA ALA A 614 -39.10 25.90 -12.23
C ALA A 614 -38.03 25.54 -11.21
N GLN A 615 -38.44 24.96 -10.09
CA GLN A 615 -37.52 24.51 -9.06
C GLN A 615 -36.84 23.23 -9.49
N LEU A 616 -37.62 22.33 -10.10
CA LEU A 616 -37.08 21.10 -10.63
C LEU A 616 -36.17 21.43 -11.80
N LEU A 617 -36.62 22.32 -12.67
CA LEU A 617 -35.85 22.65 -13.86
C LEU A 617 -34.51 23.25 -13.46
N LEU A 618 -34.55 24.17 -12.50
CA LEU A 618 -33.35 24.81 -12.02
C LEU A 618 -32.39 23.78 -11.47
N GLU A 619 -32.88 22.96 -10.56
CA GLU A 619 -32.08 21.91 -9.96
C GLU A 619 -31.44 21.04 -11.02
N GLN A 620 -32.17 20.78 -12.11
CA GLN A 620 -31.68 19.93 -13.20
C GLN A 620 -30.57 20.60 -13.97
N ILE A 621 -30.76 21.89 -14.25
CA ILE A 621 -29.78 22.68 -14.99
C ILE A 621 -28.50 22.75 -14.20
N TYR A 622 -28.61 22.97 -12.90
CA TYR A 622 -27.44 22.95 -12.01
C TYR A 622 -26.78 21.59 -12.04
N ASP A 623 -27.54 20.53 -11.85
CA ASP A 623 -26.96 19.17 -11.85
C ASP A 623 -26.32 18.85 -13.19
N ASN A 624 -27.00 19.17 -14.28
CA ASN A 624 -26.45 18.95 -15.62
C ASN A 624 -25.13 19.70 -15.83
N ALA A 625 -25.01 20.90 -15.27
CA ALA A 625 -23.77 21.65 -15.42
C ALA A 625 -22.65 20.99 -14.61
N MET A 626 -22.95 20.52 -13.39
CA MET A 626 -21.95 19.83 -12.55
C MET A 626 -21.46 18.55 -13.20
N ILE A 627 -22.32 17.87 -13.95
CA ILE A 627 -21.94 16.67 -14.66
C ILE A 627 -21.04 17.02 -15.81
N ALA A 628 -21.43 18.02 -16.61
CA ALA A 628 -20.62 18.46 -17.77
C ALA A 628 -19.21 18.96 -17.37
N ALA A 629 -19.05 19.38 -16.12
CA ALA A 629 -17.73 19.76 -15.59
C ALA A 629 -16.97 18.61 -14.91
N GLY A 630 -17.51 17.38 -14.97
CA GLY A 630 -16.87 16.22 -14.35
C GLY A 630 -16.83 16.31 -12.84
N LEU A 631 -17.70 17.14 -12.29
CA LEU A 631 -17.75 17.40 -10.86
C LEU A 631 -18.73 16.47 -10.19
N ASN A 632 -19.59 15.85 -10.99
CA ASN A 632 -20.52 14.84 -10.48
C ASN A 632 -20.54 13.64 -11.42
N GLU A 633 -19.83 12.60 -11.03
CA GLU A 633 -19.59 11.46 -11.89
C GLU A 633 -20.66 10.41 -11.72
N ASP A 634 -21.38 10.43 -10.61
CA ASP A 634 -22.37 9.43 -10.27
C ASP A 634 -23.67 10.16 -10.00
N PRO A 635 -24.49 10.37 -11.03
CA PRO A 635 -25.74 11.16 -10.93
C PRO A 635 -26.93 10.42 -10.32
N ARG A 636 -26.71 9.28 -9.68
CA ARG A 636 -27.81 8.57 -9.04
C ARG A 636 -28.71 9.42 -8.14
N PRO A 637 -28.16 10.41 -7.38
CA PRO A 637 -29.06 11.20 -6.55
C PRO A 637 -30.16 12.00 -7.29
N MET A 638 -30.01 12.23 -8.59
CA MET A 638 -30.92 13.11 -9.30
C MET A 638 -32.04 12.42 -10.07
N ILE A 639 -31.97 11.09 -10.22
CA ILE A 639 -32.84 10.41 -11.17
C ILE A 639 -34.32 10.45 -10.81
N SER A 640 -34.65 10.23 -9.54
CA SER A 640 -36.03 10.32 -9.09
C SER A 640 -36.61 11.71 -9.30
N ARG A 641 -35.82 12.73 -9.00
CA ARG A 641 -36.24 14.11 -9.23
C ARG A 641 -36.44 14.36 -10.72
N LEU A 642 -35.44 13.97 -11.49
CA LEU A 642 -35.50 14.12 -12.93
C LEU A 642 -36.76 13.46 -13.51
N ASN A 643 -37.11 12.30 -12.99
CA ASN A 643 -38.32 11.62 -13.44
C ASN A 643 -39.58 12.41 -13.09
N GLN A 644 -39.59 13.02 -11.90
CA GLN A 644 -40.66 13.97 -11.51
C GLN A 644 -40.72 15.16 -12.45
N LEU A 645 -39.57 15.74 -12.75
CA LEU A 645 -39.49 16.84 -13.72
C LEU A 645 -40.09 16.46 -15.07
N LEU A 646 -39.80 15.25 -15.55
CA LEU A 646 -40.32 14.81 -16.86
C LEU A 646 -41.81 14.63 -16.85
N THR A 647 -42.37 13.95 -15.86
CA THR A 647 -43.81 13.69 -15.79
C THR A 647 -44.59 14.99 -15.69
N ARG A 648 -44.06 15.94 -14.92
CA ARG A 648 -44.72 17.24 -14.72
C ARG A 648 -44.62 18.13 -15.93
N ALA A 649 -43.51 18.03 -16.65
CA ALA A 649 -43.32 18.76 -17.90
C ALA A 649 -44.26 18.22 -18.99
N LEU A 650 -44.60 16.94 -18.96
CA LEU A 650 -45.46 16.38 -20.00
C LEU A 650 -46.95 16.39 -19.65
N GLU A 651 -47.29 16.91 -18.47
CA GLU A 651 -48.65 16.91 -17.89
C GLU A 651 -49.76 16.14 -18.59
N ASP A 656 -50.53 25.03 -13.33
CA ASP A 656 -49.59 26.02 -12.78
C ASP A 656 -50.08 26.69 -11.49
N SER A 657 -51.40 26.77 -11.33
CA SER A 657 -52.11 27.48 -10.23
C SER A 657 -52.15 29.02 -10.35
N ALA A 658 -51.04 29.67 -10.74
CA ALA A 658 -51.04 31.12 -10.97
C ALA A 658 -51.54 31.41 -12.37
N THR A 659 -52.40 32.40 -12.48
CA THR A 659 -52.99 32.76 -13.75
C THR A 659 -52.25 33.94 -14.34
N HIS A 660 -51.89 33.77 -15.61
CA HIS A 660 -51.15 34.78 -16.32
C HIS A 660 -52.08 35.96 -16.56
N ILE A 661 -51.62 37.16 -16.20
CA ILE A 661 -52.43 38.35 -16.43
C ILE A 661 -51.55 39.43 -17.01
N LYS A 662 -51.92 39.89 -18.19
CA LYS A 662 -51.16 40.90 -18.87
C LYS A 662 -51.85 42.25 -18.68
N PHE A 663 -51.08 43.25 -18.30
CA PHE A 663 -51.62 44.57 -18.03
C PHE A 663 -51.08 45.61 -19.02
N SER A 664 -52.02 46.31 -19.68
CA SER A 664 -51.73 47.35 -20.68
C SER A 664 -52.17 48.68 -20.12
N LYS A 665 -51.27 49.64 -20.14
CA LYS A 665 -51.64 51.02 -19.89
C LYS A 665 -51.56 51.78 -21.21
N ARG A 666 -52.63 52.47 -21.61
CA ARG A 666 -52.71 53.06 -22.96
C ARG A 666 -53.11 54.53 -22.99
N ASP A 667 -52.97 55.16 -24.16
CA ASP A 667 -53.61 56.45 -24.45
C ASP A 667 -54.99 56.24 -25.13
N GLU A 668 -55.64 57.34 -25.55
CA GLU A 668 -56.93 57.29 -26.29
C GLU A 668 -56.94 56.52 -27.64
N ASP A 669 -55.81 56.47 -28.35
CA ASP A 669 -55.71 55.72 -29.60
C ASP A 669 -55.54 54.23 -29.36
N GLY A 670 -55.39 53.81 -28.11
CA GLY A 670 -55.06 52.43 -27.85
C GLY A 670 -53.61 52.01 -28.12
N LYS A 671 -52.67 52.96 -28.01
CA LYS A 671 -51.23 52.65 -28.02
C LYS A 671 -50.61 52.72 -26.60
N GLU A 672 -49.67 51.81 -26.34
CA GLU A 672 -49.07 51.59 -25.00
C GLU A 672 -48.42 52.84 -24.48
N LEU A 673 -48.75 53.23 -23.25
CA LEU A 673 -48.32 54.49 -22.67
C LEU A 673 -47.28 54.32 -21.55
N ALA A 674 -46.11 54.94 -21.73
CA ALA A 674 -45.03 54.91 -20.73
C ALA A 674 -45.17 56.04 -19.74
N GLY A 675 -44.67 55.85 -18.52
CA GLY A 675 -44.57 56.94 -17.55
C GLY A 675 -45.62 57.00 -16.47
N ALA A 676 -46.48 55.99 -16.39
CA ALA A 676 -47.54 55.96 -15.39
C ALA A 676 -47.10 55.13 -14.19
N THR A 677 -47.12 55.73 -12.99
CA THR A 677 -46.92 54.97 -11.75
C THR A 677 -48.20 54.20 -11.42
N MET A 678 -48.01 52.91 -11.15
CA MET A 678 -49.10 51.97 -10.97
C MET A 678 -48.89 51.17 -9.67
N GLU A 679 -49.98 50.87 -8.98
CA GLU A 679 -49.96 49.88 -7.89
C GLU A 679 -50.98 48.77 -8.12
N LEU A 680 -50.63 47.57 -7.70
CA LEU A 680 -51.56 46.45 -7.64
C LEU A 680 -51.84 46.20 -6.16
N ARG A 681 -53.08 46.23 -5.73
CA ARG A 681 -53.35 45.94 -4.32
C ARG A 681 -54.43 44.91 -4.17
N ASP A 682 -54.36 44.12 -3.10
CA ASP A 682 -55.37 43.06 -2.86
C ASP A 682 -56.58 43.65 -2.13
N SER A 683 -57.60 42.81 -1.90
CA SER A 683 -58.85 43.25 -1.28
C SER A 683 -58.68 43.81 0.15
N SER A 684 -57.64 43.37 0.86
CA SER A 684 -57.32 43.95 2.16
C SER A 684 -56.89 45.46 2.08
N GLY A 685 -56.29 45.88 0.97
CA GLY A 685 -55.74 47.23 0.83
C GLY A 685 -54.24 47.21 0.66
N LYS A 686 -53.63 46.05 0.89
CA LYS A 686 -52.19 45.87 0.78
C LYS A 686 -51.67 46.03 -0.64
N THR A 687 -50.71 46.93 -0.82
CA THR A 687 -49.97 47.03 -2.09
C THR A 687 -49.06 45.80 -2.29
N ILE A 688 -49.41 45.01 -3.31
CA ILE A 688 -48.66 43.83 -3.74
C ILE A 688 -47.42 44.20 -4.59
N SER A 689 -47.50 45.29 -5.36
CA SER A 689 -46.42 45.65 -6.29
C SER A 689 -46.62 47.09 -6.79
N THR A 690 -45.52 47.80 -6.99
CA THR A 690 -45.56 49.14 -7.58
C THR A 690 -44.54 49.23 -8.70
N TRP A 691 -44.96 49.82 -9.83
CA TRP A 691 -44.09 49.92 -11.00
C TRP A 691 -44.44 51.15 -11.83
N ILE A 692 -43.56 51.46 -12.80
CA ILE A 692 -43.84 52.50 -13.79
C ILE A 692 -44.06 51.84 -15.14
N SER A 693 -45.16 52.15 -15.83
CA SER A 693 -45.39 51.63 -17.20
C SER A 693 -44.22 52.07 -18.11
N ASP A 694 -43.81 51.22 -19.04
CA ASP A 694 -42.66 51.56 -19.90
C ASP A 694 -42.93 51.34 -21.41
N GLY A 695 -44.20 51.30 -21.81
CA GLY A 695 -44.61 51.32 -23.21
C GLY A 695 -44.70 49.93 -23.82
N GLN A 696 -44.77 48.91 -22.96
CA GLN A 696 -45.02 47.52 -23.36
C GLN A 696 -45.89 46.87 -22.29
N VAL A 697 -46.30 45.64 -22.51
CA VAL A 697 -47.22 45.01 -21.59
C VAL A 697 -46.49 44.62 -20.29
N LYS A 698 -47.22 44.53 -19.19
CA LYS A 698 -46.70 44.02 -17.89
C LYS A 698 -47.33 42.65 -17.54
N ASP A 699 -46.53 41.63 -17.20
CA ASP A 699 -47.01 40.28 -16.78
C ASP A 699 -47.07 40.11 -15.25
N PHE A 700 -48.20 39.62 -14.74
CA PHE A 700 -48.32 39.18 -13.37
C PHE A 700 -48.89 37.77 -13.36
N TYR A 701 -48.66 37.09 -12.24
CA TYR A 701 -49.18 35.76 -12.03
C TYR A 701 -49.90 35.76 -10.72
N LEU A 702 -51.23 35.76 -10.75
CA LEU A 702 -51.97 35.89 -9.50
C LEU A 702 -52.75 34.64 -9.17
N TYR A 703 -53.03 34.53 -7.87
CA TYR A 703 -53.75 33.42 -7.32
C TYR A 703 -55.15 33.88 -6.97
N PRO A 704 -56.06 32.92 -6.83
CA PRO A 704 -57.47 33.12 -6.47
C PRO A 704 -57.70 34.23 -5.42
N GLY A 705 -58.49 35.23 -5.77
CA GLY A 705 -58.78 36.34 -4.88
C GLY A 705 -59.19 37.58 -5.64
N LYS A 706 -59.44 38.67 -4.91
CA LYS A 706 -59.87 39.92 -5.50
C LYS A 706 -58.78 40.95 -5.33
N TYR A 707 -58.46 41.67 -6.42
CA TYR A 707 -57.39 42.68 -6.43
C TYR A 707 -57.84 43.97 -7.15
N THR A 708 -56.99 45.00 -7.12
CA THR A 708 -57.26 46.29 -7.79
C THR A 708 -55.97 46.89 -8.41
N PHE A 709 -55.98 47.18 -9.72
CA PHE A 709 -54.93 47.98 -10.37
C PHE A 709 -55.20 49.47 -10.15
N VAL A 710 -54.30 50.22 -9.52
CA VAL A 710 -54.55 51.64 -9.25
C VAL A 710 -53.50 52.50 -9.94
N GLU A 711 -53.94 53.54 -10.64
CA GLU A 711 -53.00 54.52 -11.21
C GLU A 711 -52.73 55.59 -10.18
N THR A 712 -51.50 55.65 -9.69
CA THR A 712 -51.14 56.64 -8.69
C THR A 712 -50.46 57.84 -9.28
N ALA A 713 -49.90 57.76 -10.49
CA ALA A 713 -49.45 58.97 -11.24
C ALA A 713 -49.62 58.78 -12.73
N ALA A 714 -50.13 59.81 -13.40
CA ALA A 714 -50.18 59.83 -14.86
C ALA A 714 -48.99 60.63 -15.40
N PRO A 715 -48.47 60.24 -16.58
CA PRO A 715 -47.52 61.12 -17.25
C PRO A 715 -48.12 62.49 -17.62
N ASP A 716 -47.22 63.48 -17.72
CA ASP A 716 -47.56 64.87 -17.97
C ASP A 716 -48.48 64.96 -19.18
N GLY A 717 -49.53 65.78 -19.08
CA GLY A 717 -50.58 65.88 -20.12
C GLY A 717 -51.62 64.76 -20.20
N TYR A 718 -51.66 63.86 -19.23
CA TYR A 718 -52.67 62.80 -19.19
C TYR A 718 -53.43 62.84 -17.88
N GLU A 719 -54.69 62.39 -17.93
CA GLU A 719 -55.59 62.29 -16.76
C GLU A 719 -55.42 60.94 -16.08
N VAL A 720 -55.52 60.92 -14.75
CA VAL A 720 -55.43 59.65 -14.03
C VAL A 720 -56.71 58.84 -14.26
N ALA A 721 -56.54 57.60 -14.71
CA ALA A 721 -57.65 56.70 -15.01
C ALA A 721 -58.21 56.10 -13.74
N THR A 722 -59.50 55.74 -13.76
CA THR A 722 -60.16 55.08 -12.62
C THR A 722 -59.54 53.72 -12.36
N ALA A 723 -59.31 53.40 -11.09
CA ALA A 723 -58.79 52.10 -10.71
C ALA A 723 -59.69 50.94 -11.20
N ILE A 724 -59.07 49.81 -11.53
CA ILE A 724 -59.77 48.68 -12.13
C ILE A 724 -59.74 47.50 -11.16
N THR A 725 -60.90 47.08 -10.68
CA THR A 725 -61.02 45.94 -9.73
C THR A 725 -61.33 44.66 -10.47
N PHE A 726 -60.61 43.59 -10.14
CA PHE A 726 -60.79 42.30 -10.78
C PHE A 726 -60.65 41.11 -9.83
N THR A 727 -61.23 39.98 -10.27
CA THR A 727 -61.23 38.74 -9.50
C THR A 727 -60.67 37.60 -10.34
N VAL A 728 -59.73 36.85 -9.76
CA VAL A 728 -59.30 35.58 -10.31
C VAL A 728 -59.91 34.46 -9.46
N ASN A 729 -60.52 33.47 -10.10
CA ASN A 729 -61.11 32.34 -9.38
C ASN A 729 -60.20 31.07 -9.36
N GLU A 730 -60.67 29.99 -8.69
CA GLU A 730 -59.90 28.72 -8.53
C GLU A 730 -59.68 27.93 -9.83
N GLN A 731 -60.52 28.25 -10.82
CA GLN A 731 -60.46 27.61 -12.13
C GLN A 731 -59.63 28.37 -13.14
N GLY A 732 -59.06 29.50 -12.71
CA GLY A 732 -58.12 30.25 -13.51
C GLY A 732 -58.74 31.27 -14.42
N GLN A 733 -60.05 31.48 -14.27
CA GLN A 733 -60.78 32.47 -15.09
CA GLN A 733 -60.77 32.45 -15.10
C GLN A 733 -60.87 33.81 -14.36
N VAL A 734 -60.80 34.89 -15.14
CA VAL A 734 -60.67 36.25 -14.59
C VAL A 734 -61.90 37.10 -14.94
N THR A 735 -62.32 37.96 -14.00
CA THR A 735 -63.50 38.81 -14.16
C THR A 735 -63.17 40.22 -13.71
N VAL A 736 -63.68 41.21 -14.44
CA VAL A 736 -63.60 42.63 -14.03
C VAL A 736 -64.90 43.04 -13.34
N ASN A 737 -64.79 43.60 -12.13
CA ASN A 737 -65.92 43.83 -11.22
C ASN A 737 -66.37 45.30 -11.27
N THR B 19 14.48 -45.81 -16.31
CA THR B 19 13.59 -44.63 -16.03
C THR B 19 14.12 -43.72 -14.91
N LEU B 20 14.89 -44.32 -14.00
CA LEU B 20 15.51 -43.60 -12.92
C LEU B 20 17.04 -43.71 -12.95
N HIS B 21 17.68 -42.62 -12.50
CA HIS B 21 19.13 -42.50 -12.47
C HIS B 21 19.60 -42.21 -11.06
N ASN B 22 19.97 -43.26 -10.32
CA ASN B 22 20.55 -43.11 -9.00
C ASN B 22 21.91 -43.76 -8.91
N ILE B 23 22.68 -43.30 -7.96
CA ILE B 23 24.09 -43.58 -7.79
C ILE B 23 24.35 -43.98 -6.34
N ILE B 24 23.51 -43.46 -5.46
CA ILE B 24 23.61 -43.69 -4.04
C ILE B 24 23.15 -45.12 -3.73
N THR B 25 24.07 -45.89 -3.21
CA THR B 25 23.78 -47.26 -2.83
C THR B 25 24.45 -47.54 -1.50
N ASP B 26 23.82 -48.37 -0.69
CA ASP B 26 24.44 -48.91 0.50
C ASP B 26 25.57 -49.86 0.09
N THR B 27 26.78 -49.34 0.02
CA THR B 27 27.94 -50.11 -0.42
C THR B 27 29.13 -50.01 0.52
N GLU B 28 29.18 -48.95 1.32
CA GLU B 28 30.37 -48.59 2.07
C GLU B 28 30.52 -49.45 3.31
N ASN B 29 31.71 -49.94 3.56
CA ASN B 29 32.00 -50.67 4.80
C ASN B 29 33.30 -50.23 5.44
N VAL B 30 33.26 -50.00 6.75
CA VAL B 30 34.46 -49.60 7.47
C VAL B 30 35.48 -50.76 7.54
N GLN B 31 36.74 -50.40 7.30
CA GLN B 31 37.89 -51.27 7.40
C GLN B 31 38.77 -50.80 8.56
N GLY B 32 39.04 -51.69 9.50
CA GLY B 32 39.92 -51.38 10.62
C GLY B 32 39.35 -50.34 11.58
N SER B 33 40.22 -49.76 12.40
CA SER B 33 39.78 -48.94 13.53
C SER B 33 39.60 -47.48 13.16
N PHE B 34 39.18 -46.70 14.14
CA PHE B 34 38.97 -45.26 13.94
C PHE B 34 39.99 -44.49 14.75
N SER B 35 40.36 -43.30 14.30
CA SER B 35 41.10 -42.38 15.17
C SER B 35 40.11 -41.34 15.67
N LYS B 36 40.34 -40.82 16.88
CA LYS B 36 39.49 -39.77 17.44
C LYS B 36 40.21 -38.42 17.47
N HIS B 37 39.46 -37.34 17.18
CA HIS B 37 40.05 -35.98 17.03
C HIS B 37 39.16 -34.93 17.66
N GLU B 38 39.75 -33.84 18.14
CA GLU B 38 38.98 -32.69 18.53
C GLU B 38 38.97 -31.62 17.44
N PHE B 39 37.81 -30.99 17.26
CA PHE B 39 37.70 -29.81 16.44
C PHE B 39 38.65 -28.73 16.97
N GLN B 40 39.16 -27.93 16.04
CA GLN B 40 40.04 -26.81 16.32
C GLN B 40 39.54 -25.62 15.52
N ALA B 41 40.22 -24.48 15.63
CA ALA B 41 39.74 -23.24 15.02
C ALA B 41 40.83 -22.43 14.33
N GLU B 42 40.50 -21.80 13.20
CA GLU B 42 41.41 -20.87 12.54
C GLU B 42 41.17 -19.45 13.05
N THR B 43 41.74 -19.17 14.22
CA THR B 43 41.46 -17.96 15.00
C THR B 43 41.53 -16.67 14.21
N LYS B 44 42.60 -16.49 13.45
CA LYS B 44 42.75 -15.30 12.66
C LYS B 44 41.56 -15.02 11.76
N LYS B 45 41.03 -16.08 11.16
CA LYS B 45 39.92 -15.96 10.22
C LYS B 45 38.58 -15.81 10.92
N LEU B 46 38.43 -16.36 12.11
CA LEU B 46 37.29 -16.02 12.93
C LEU B 46 37.19 -14.54 13.31
N LEU B 47 38.33 -13.98 13.69
CA LEU B 47 38.36 -12.55 13.99
C LEU B 47 37.92 -11.71 12.80
N ASP B 48 38.46 -12.02 11.62
CA ASP B 48 38.04 -11.36 10.39
C ASP B 48 36.54 -11.51 10.13
N ILE B 49 36.01 -12.70 10.35
CA ILE B 49 34.58 -12.93 10.18
C ILE B 49 33.73 -12.05 11.10
N VAL B 50 34.12 -11.95 12.37
CA VAL B 50 33.37 -11.09 13.29
C VAL B 50 33.47 -9.59 12.86
N ALA B 51 34.65 -9.20 12.42
CA ALA B 51 34.91 -7.83 12.02
C ALA B 51 34.23 -7.39 10.70
N ARG B 52 34.02 -8.29 9.77
CA ARG B 52 33.55 -7.89 8.45
C ARG B 52 32.28 -8.55 7.97
N SER B 53 31.93 -9.70 8.52
CA SER B 53 30.93 -10.56 7.91
C SER B 53 29.80 -10.97 8.83
N LEU B 54 29.96 -10.69 10.12
CA LEU B 54 28.96 -11.10 11.10
C LEU B 54 27.74 -10.17 11.24
N TYR B 55 27.98 -8.86 11.44
CA TYR B 55 26.92 -7.84 11.59
C TYR B 55 26.76 -7.05 10.32
N SER B 56 25.52 -6.91 9.86
CA SER B 56 25.30 -6.24 8.58
C SER B 56 25.44 -4.71 8.65
N GLU B 57 25.40 -4.12 9.85
CA GLU B 57 25.58 -2.68 10.02
C GLU B 57 26.66 -2.37 11.04
N LYS B 58 27.59 -1.50 10.67
CA LYS B 58 28.71 -1.12 11.52
C LYS B 58 28.30 -0.54 12.86
N GLU B 59 27.20 0.21 12.90
CA GLU B 59 26.83 0.92 14.12
C GLU B 59 26.54 0.04 15.35
N VAL B 60 26.32 -1.25 15.17
CA VAL B 60 25.88 -2.08 16.29
C VAL B 60 26.97 -2.41 17.30
N PHE B 61 28.21 -2.03 17.02
CA PHE B 61 29.25 -2.15 18.04
C PHE B 61 28.86 -1.33 19.27
N ILE B 62 28.18 -0.22 19.06
CA ILE B 62 27.67 0.58 20.20
C ILE B 62 26.67 -0.26 21.02
N ARG B 63 25.70 -0.89 20.36
CA ARG B 63 24.76 -1.74 21.05
C ARG B 63 25.51 -2.82 21.84
N GLU B 64 26.43 -3.51 21.21
CA GLU B 64 27.13 -4.64 21.85
C GLU B 64 27.94 -4.23 23.04
N LEU B 65 28.60 -3.06 22.97
CA LEU B 65 29.38 -2.58 24.11
C LEU B 65 28.49 -2.11 25.26
N ILE B 66 27.37 -1.44 24.96
CA ILE B 66 26.40 -1.05 26.00
C ILE B 66 25.81 -2.28 26.70
N SER B 67 25.44 -3.28 25.91
CA SER B 67 24.91 -4.52 26.44
C SER B 67 25.90 -5.18 27.43
N ASN B 68 27.18 -5.17 27.10
CA ASN B 68 28.24 -5.68 27.98
C ASN B 68 28.36 -4.89 29.25
N GLY B 69 28.18 -3.59 29.14
CA GLY B 69 28.23 -2.71 30.32
C GLY B 69 27.03 -2.92 31.22
N SER B 70 25.85 -3.04 30.60
CA SER B 70 24.62 -3.36 31.30
C SER B 70 24.76 -4.70 32.05
N ASP B 71 25.32 -5.71 31.39
CA ASP B 71 25.51 -7.02 32.03
C ASP B 71 26.48 -6.94 33.21
N ALA B 72 27.57 -6.21 33.06
CA ALA B 72 28.54 -6.06 34.14
C ALA B 72 27.93 -5.37 35.36
N LEU B 73 26.94 -4.51 35.09
CA LEU B 73 26.25 -3.77 36.13
C LEU B 73 25.24 -4.64 36.85
N GLU B 74 24.58 -5.52 36.10
CA GLU B 74 23.65 -6.49 36.69
C GLU B 74 24.37 -7.42 37.60
N LYS B 75 25.56 -7.85 37.20
CA LYS B 75 26.31 -8.81 38.01
C LYS B 75 26.77 -8.14 39.30
N LEU B 76 27.06 -6.84 39.24
CA LEU B 76 27.45 -6.11 40.43
C LEU B 76 26.25 -5.90 41.34
N ARG B 77 25.11 -5.51 40.76
CA ARG B 77 23.86 -5.36 41.51
C ARG B 77 23.57 -6.62 42.30
N HIS B 78 23.64 -7.75 41.61
CA HIS B 78 23.39 -9.03 42.23
C HIS B 78 24.41 -9.34 43.32
N ARG B 79 25.64 -8.84 43.14
CA ARG B 79 26.70 -9.03 44.12
C ARG B 79 26.53 -8.11 45.29
N MET B 80 25.90 -6.98 45.01
CA MET B 80 25.62 -5.95 46.01
C MET B 80 24.62 -6.28 47.05
N ILE B 81 23.88 -7.35 46.85
CA ILE B 81 22.91 -7.77 47.84
C ILE B 81 23.58 -8.54 48.95
N THR B 82 24.56 -9.36 48.56
CA THR B 82 25.31 -10.20 49.47
C THR B 82 26.12 -9.34 50.44
N THR B 87 25.79 -0.30 46.62
CA THR B 87 25.62 1.11 47.10
C THR B 87 26.20 2.20 46.14
N ALA B 88 27.42 1.95 45.64
CA ALA B 88 28.11 2.82 44.64
C ALA B 88 27.33 3.02 43.31
N PRO B 89 27.71 4.05 42.52
CA PRO B 89 26.94 4.32 41.30
C PRO B 89 27.01 3.20 40.28
N MET B 90 25.95 3.08 39.51
CA MET B 90 25.84 2.06 38.50
C MET B 90 25.39 2.77 37.26
N GLU B 91 26.32 2.98 36.36
CA GLU B 91 26.03 3.79 35.19
C GLU B 91 27.00 3.50 34.08
N ILE B 92 26.63 3.96 32.89
CA ILE B 92 27.40 3.74 31.70
C ILE B 92 27.72 5.09 31.08
N HIS B 93 29.02 5.34 30.83
CA HIS B 93 29.45 6.59 30.23
C HIS B 93 30.00 6.41 28.83
N LEU B 94 29.56 7.28 27.92
CA LEU B 94 30.06 7.35 26.56
C LEU B 94 30.75 8.68 26.32
N GLN B 95 31.86 8.62 25.59
CA GLN B 95 32.59 9.82 25.23
C GLN B 95 33.13 9.80 23.82
N THR B 96 32.85 10.87 23.08
CA THR B 96 33.27 11.06 21.71
C THR B 96 34.30 12.17 21.65
N ASP B 97 35.45 11.88 21.04
CA ASP B 97 36.47 12.91 20.77
C ASP B 97 36.64 12.97 19.26
N SER B 98 36.00 13.96 18.64
CA SER B 98 36.02 14.08 17.18
C SER B 98 37.37 14.61 16.66
N VAL B 99 38.22 15.12 17.56
CA VAL B 99 39.56 15.57 17.21
C VAL B 99 40.55 14.41 17.22
N LYS B 100 40.44 13.54 18.24
CA LYS B 100 41.31 12.35 18.35
C LYS B 100 40.72 11.10 17.70
N GLY B 101 39.50 11.21 17.13
CA GLY B 101 38.85 10.09 16.44
C GLY B 101 38.68 8.91 17.35
N THR B 102 38.04 9.15 18.49
CA THR B 102 38.02 8.19 19.57
C THR B 102 36.64 8.05 20.16
N PHE B 103 36.27 6.80 20.44
CA PHE B 103 34.99 6.45 21.09
C PHE B 103 35.38 5.75 22.37
N THR B 104 34.86 6.25 23.48
CA THR B 104 35.13 5.64 24.77
C THR B 104 33.84 5.25 25.50
N ILE B 105 33.83 4.06 26.11
CA ILE B 105 32.72 3.64 26.96
C ILE B 105 33.27 3.10 28.27
N GLN B 106 32.68 3.56 29.37
CA GLN B 106 33.09 3.15 30.71
C GLN B 106 31.88 2.80 31.57
N ASP B 107 31.88 1.61 32.14
CA ASP B 107 30.83 1.20 33.08
C ASP B 107 31.40 1.05 34.47
N THR B 108 30.54 1.23 35.47
CA THR B 108 30.94 1.10 36.87
C THR B 108 30.61 -0.30 37.39
N GLY B 109 30.66 -1.31 36.52
CA GLY B 109 30.30 -2.69 36.86
C GLY B 109 31.40 -3.54 37.53
N VAL B 110 31.19 -4.86 37.54
CA VAL B 110 32.08 -5.80 38.27
C VAL B 110 33.55 -5.81 37.84
N GLY B 111 33.81 -5.40 36.60
CA GLY B 111 35.15 -5.41 36.06
C GLY B 111 35.70 -6.83 35.92
N MET B 112 36.96 -6.93 35.54
CA MET B 112 37.59 -8.20 35.19
C MET B 112 38.97 -8.26 35.81
N ASN B 113 39.36 -9.46 36.27
CA ASN B 113 40.73 -9.72 36.75
C ASN B 113 41.57 -10.12 35.56
N LYS B 114 42.84 -10.46 35.80
CA LYS B 114 43.75 -10.92 34.75
C LYS B 114 43.25 -12.20 34.04
N GLU B 115 42.87 -13.19 34.82
CA GLU B 115 42.32 -14.42 34.24
C GLU B 115 41.05 -14.15 33.42
N ASP B 116 40.23 -13.19 33.86
CA ASP B 116 39.01 -12.83 33.17
C ASP B 116 39.29 -12.10 31.86
N LEU B 117 40.21 -11.16 31.89
CA LEU B 117 40.57 -10.43 30.68
C LEU B 117 41.08 -11.39 29.62
N VAL B 118 41.86 -12.38 30.06
CA VAL B 118 42.45 -13.33 29.15
C VAL B 118 41.44 -14.34 28.64
N SER B 119 40.68 -14.96 29.54
CA SER B 119 39.80 -16.06 29.17
C SER B 119 38.53 -15.58 28.51
N ASN B 120 38.00 -14.44 28.94
CA ASN B 120 36.72 -14.00 28.40
C ASN B 120 36.86 -13.15 27.17
N LEU B 121 37.77 -12.19 27.24
CA LEU B 121 38.04 -11.31 26.10
C LEU B 121 38.88 -12.03 25.05
N GLY B 122 39.84 -12.82 25.51
CA GLY B 122 40.81 -13.45 24.62
C GLY B 122 40.31 -14.67 23.90
N THR B 123 39.17 -15.21 24.33
CA THR B 123 38.62 -16.42 23.73
C THR B 123 37.30 -16.16 23.07
N ILE B 124 37.32 -16.33 21.73
CA ILE B 124 36.14 -16.16 20.92
C ILE B 124 35.10 -17.23 21.31
N ALA B 125 33.85 -16.78 21.48
CA ALA B 125 32.71 -17.58 21.89
C ALA B 125 32.78 -17.96 23.35
N ARG B 126 33.70 -17.37 24.11
CA ARG B 126 33.67 -17.53 25.55
C ARG B 126 32.96 -16.34 26.15
N SER B 127 31.96 -16.65 26.97
CA SER B 127 31.06 -15.68 27.57
C SER B 127 31.05 -15.91 29.05
N GLY B 128 31.65 -15.03 29.81
CA GLY B 128 31.55 -15.12 31.25
C GLY B 128 30.11 -14.99 31.71
N SER B 129 29.31 -14.29 30.90
CA SER B 129 27.88 -14.07 31.16
C SER B 129 27.06 -15.30 30.79
N LYS B 130 27.54 -16.44 31.24
CA LYS B 130 26.91 -17.73 31.09
C LYS B 130 27.20 -18.46 32.38
N ALA B 131 28.47 -18.75 32.66
CA ALA B 131 28.82 -19.29 33.96
C ALA B 131 27.92 -18.67 35.02
N PHE B 132 27.73 -17.34 34.96
CA PHE B 132 26.71 -16.66 35.75
C PHE B 132 25.30 -17.37 35.70
N LEU B 133 25.22 -18.32 36.60
CA LEU B 133 24.11 -19.15 36.85
C LEU B 133 23.83 -19.21 38.34
N ASP B 134 22.79 -18.52 38.79
CA ASP B 134 22.29 -18.76 40.17
C ASP B 134 20.79 -19.01 40.24
N SER B 143 17.42 -13.18 36.84
CA SER B 143 18.19 -12.14 36.28
C SER B 143 17.97 -12.10 34.77
N SER B 144 16.90 -12.68 34.25
CA SER B 144 16.54 -12.44 32.85
C SER B 144 16.89 -11.01 32.28
N SER B 145 17.63 -10.20 33.02
CA SER B 145 18.17 -8.93 32.60
C SER B 145 19.45 -9.03 31.77
N ILE B 146 20.13 -10.17 31.87
CA ILE B 146 21.39 -10.36 31.19
C ILE B 146 21.10 -10.53 29.72
N ILE B 147 21.83 -9.77 28.91
CA ILE B 147 21.65 -9.74 27.49
C ILE B 147 22.59 -10.72 26.80
N GLY B 148 23.84 -10.79 27.29
CA GLY B 148 24.92 -11.56 26.67
C GLY B 148 24.82 -13.08 26.67
N GLN B 149 25.14 -13.67 25.53
CA GLN B 149 24.76 -15.02 25.20
C GLN B 149 25.85 -15.76 24.40
N PHE B 150 26.36 -15.10 23.35
CA PHE B 150 27.17 -15.73 22.30
C PHE B 150 28.68 -15.74 22.53
N GLY B 151 29.18 -14.73 23.23
CA GLY B 151 30.64 -14.60 23.49
C GLY B 151 31.47 -14.01 22.35
N VAL B 152 30.80 -13.27 21.46
CA VAL B 152 31.45 -12.61 20.34
C VAL B 152 31.22 -11.08 20.28
N GLY B 153 30.21 -10.55 20.98
CA GLY B 153 29.81 -9.16 20.83
C GLY B 153 30.96 -8.16 20.93
N PHE B 154 31.88 -8.38 21.86
CA PHE B 154 33.02 -7.49 22.07
C PHE B 154 33.87 -7.27 20.78
N TYR B 155 34.03 -8.31 19.98
CA TYR B 155 34.89 -8.25 18.81
C TYR B 155 34.29 -7.32 17.75
N SER B 156 33.00 -7.01 17.86
CA SER B 156 32.34 -6.00 16.98
C SER B 156 33.06 -4.66 16.99
N ALA B 157 33.83 -4.38 18.03
CA ALA B 157 34.65 -3.18 18.13
C ALA B 157 35.63 -3.08 16.97
N PHE B 158 36.13 -4.23 16.51
CA PHE B 158 37.09 -4.26 15.41
C PHE B 158 36.45 -3.98 14.05
N MET B 159 35.13 -3.95 13.99
CA MET B 159 34.48 -3.42 12.79
C MET B 159 34.90 -1.98 12.55
N VAL B 160 35.03 -1.20 13.63
CA VAL B 160 35.23 0.24 13.50
C VAL B 160 36.55 0.79 14.02
N ALA B 161 37.42 -0.05 14.56
CA ALA B 161 38.62 0.46 15.24
C ALA B 161 39.91 -0.27 14.89
N ASP B 162 40.93 0.52 14.58
CA ASP B 162 42.30 0.03 14.41
C ASP B 162 42.86 -0.60 15.69
N LYS B 163 42.53 0.04 16.81
CA LYS B 163 43.14 -0.26 18.10
C LYS B 163 42.10 -0.14 19.21
N VAL B 164 42.14 -1.10 20.13
CA VAL B 164 41.21 -1.15 21.25
C VAL B 164 41.97 -1.34 22.56
N GLU B 165 41.74 -0.44 23.49
CA GLU B 165 42.36 -0.56 24.80
C GLU B 165 41.29 -0.78 25.82
N VAL B 166 41.54 -1.70 26.75
CA VAL B 166 40.62 -1.97 27.84
C VAL B 166 41.29 -1.80 29.20
N TYR B 167 40.65 -1.04 30.09
CA TYR B 167 41.12 -0.87 31.47
C TYR B 167 40.06 -1.42 32.39
N SER B 168 40.40 -2.42 33.20
CA SER B 168 39.41 -3.05 34.06
C SER B 168 39.90 -3.30 35.48
N GLN B 169 38.99 -3.17 36.44
CA GLN B 169 39.32 -3.33 37.85
C GLN B 169 38.35 -4.23 38.53
N SER B 170 38.70 -5.50 38.58
CA SER B 170 37.85 -6.49 39.21
C SER B 170 37.65 -6.18 40.69
N ALA B 171 36.64 -5.44 40.98
CA ALA B 171 36.12 -5.25 42.32
C ALA B 171 36.45 -6.40 43.20
N GLU B 172 37.46 -6.28 44.04
CA GLU B 172 37.75 -7.33 45.02
C GLU B 172 39.03 -6.96 45.72
N ALA B 173 39.10 -7.21 47.01
CA ALA B 173 40.27 -6.86 47.87
C ALA B 173 41.63 -7.30 47.32
N ASP B 174 41.66 -8.49 46.74
CA ASP B 174 42.87 -9.07 46.17
C ASP B 174 43.48 -8.25 45.02
N ALA B 175 42.76 -8.27 43.88
CA ALA B 175 43.19 -7.76 42.57
C ALA B 175 43.65 -6.28 42.46
N PRO B 176 44.48 -6.03 41.44
CA PRO B 176 44.90 -4.75 40.86
C PRO B 176 44.29 -4.48 39.53
N GLY B 177 44.76 -3.41 38.93
CA GLY B 177 44.22 -2.95 37.66
C GLY B 177 44.88 -3.67 36.50
N TYR B 178 44.39 -3.40 35.31
CA TYR B 178 44.99 -3.96 34.12
C TYR B 178 44.63 -3.19 32.87
N LYS B 179 45.58 -3.14 31.95
CA LYS B 179 45.33 -2.64 30.62
C LYS B 179 45.39 -3.81 29.65
N TRP B 180 44.35 -3.96 28.85
CA TRP B 180 44.29 -4.97 27.81
C TRP B 180 44.39 -4.21 26.53
N SER B 181 45.14 -4.75 25.57
CA SER B 181 45.42 -4.00 24.36
C SER B 181 45.53 -4.91 23.16
N SER B 182 44.90 -4.51 22.05
CA SER B 182 44.98 -5.26 20.81
C SER B 182 44.74 -4.42 19.54
N ASP B 183 45.40 -4.82 18.45
CA ASP B 183 45.23 -4.21 17.13
C ASP B 183 44.14 -4.93 16.33
N GLY B 184 43.69 -6.06 16.86
CA GLY B 184 42.63 -6.86 16.26
C GLY B 184 43.14 -8.01 15.42
N SER B 185 44.46 -8.07 15.20
CA SER B 185 45.07 -9.16 14.45
C SER B 185 45.90 -10.05 15.35
N GLY B 186 45.41 -11.24 15.62
CA GLY B 186 46.23 -12.31 16.19
C GLY B 186 46.46 -12.25 17.69
N VAL B 187 47.08 -11.17 18.18
CA VAL B 187 47.54 -11.13 19.57
C VAL B 187 46.98 -9.95 20.36
N PHE B 188 47.20 -10.02 21.66
CA PHE B 188 46.92 -8.92 22.55
C PHE B 188 47.81 -9.00 23.77
N GLU B 189 47.99 -7.88 24.44
CA GLU B 189 48.87 -7.82 25.58
C GLU B 189 48.19 -7.25 26.79
N VAL B 190 48.56 -7.76 27.97
CA VAL B 190 47.99 -7.25 29.22
C VAL B 190 49.11 -6.86 30.19
N ALA B 191 48.94 -5.72 30.86
CA ALA B 191 49.87 -5.26 31.88
C ALA B 191 49.06 -4.78 33.07
N GLU B 192 49.68 -4.80 34.25
CA GLU B 192 49.08 -4.24 35.45
C GLU B 192 49.06 -2.72 35.27
N ALA B 193 48.04 -2.09 35.83
CA ALA B 193 47.87 -0.66 35.72
C ALA B 193 47.38 -0.05 37.04
N SER B 194 47.64 1.23 37.23
CA SER B 194 47.16 1.98 38.39
C SER B 194 46.19 3.04 37.93
N GLY B 195 45.39 3.54 38.86
CA GLY B 195 44.36 4.53 38.51
C GLY B 195 43.26 3.95 37.65
N VAL B 196 43.02 2.64 37.79
CA VAL B 196 41.90 2.02 37.12
C VAL B 196 40.72 1.99 38.07
N ARG B 197 39.68 2.75 37.71
CA ARG B 197 38.44 2.83 38.47
C ARG B 197 37.68 1.50 38.38
N GLN B 198 37.02 1.14 39.49
CA GLN B 198 36.11 0.01 39.55
C GLN B 198 35.24 -0.02 38.31
N GLY B 199 35.33 -1.11 37.56
CA GLY B 199 34.54 -1.29 36.35
C GLY B 199 35.46 -1.46 35.17
N THR B 200 35.02 -1.01 34.01
CA THR B 200 35.77 -1.20 32.79
C THR B 200 35.62 -0.02 31.85
N LYS B 201 36.74 0.47 31.37
CA LYS B 201 36.75 1.49 30.33
C LYS B 201 37.34 0.91 29.07
N ILE B 202 36.70 1.20 27.94
CA ILE B 202 37.16 0.72 26.66
C ILE B 202 37.28 1.89 25.69
N VAL B 203 38.44 1.98 25.05
CA VAL B 203 38.78 3.08 24.16
C VAL B 203 38.95 2.56 22.73
N LEU B 204 38.11 3.04 21.82
CA LEU B 204 38.22 2.71 20.40
C LEU B 204 38.94 3.80 19.59
N HIS B 205 40.11 3.46 19.08
CA HIS B 205 40.79 4.34 18.14
C HIS B 205 40.17 4.06 16.78
N LEU B 206 39.26 4.93 16.38
CA LEU B 206 38.43 4.70 15.20
C LEU B 206 39.24 4.77 13.93
N LYS B 207 38.93 3.87 13.02
CA LYS B 207 39.51 3.93 11.69
C LYS B 207 38.88 5.08 10.90
N ASP B 208 39.59 5.54 9.86
CA ASP B 208 39.19 6.74 9.09
C ASP B 208 37.87 6.56 8.37
N ASP B 209 37.59 5.31 8.02
CA ASP B 209 36.32 4.90 7.47
C ASP B 209 35.13 5.23 8.38
N CYS B 210 35.35 5.23 9.69
CA CYS B 210 34.29 5.24 10.68
C CYS B 210 34.37 6.42 11.64
N LYS B 211 34.65 7.61 11.11
CA LYS B 211 34.75 8.80 11.96
C LYS B 211 33.41 9.28 12.46
N GLU B 212 32.34 8.82 11.82
CA GLU B 212 30.98 9.15 12.23
C GLU B 212 30.69 8.84 13.70
N PHE B 213 31.38 7.85 14.27
CA PHE B 213 31.16 7.47 15.66
C PHE B 213 32.00 8.26 16.68
N SER B 214 32.61 9.35 16.24
CA SER B 214 33.18 10.34 17.14
C SER B 214 32.29 11.60 17.11
N SER B 215 31.15 11.49 16.44
CA SER B 215 30.15 12.53 16.40
C SER B 215 29.09 12.23 17.45
N GLU B 216 28.88 13.19 18.32
CA GLU B 216 27.92 13.06 19.40
C GLU B 216 26.50 12.80 18.91
N ASP B 217 26.08 13.52 17.88
CA ASP B 217 24.73 13.37 17.34
C ASP B 217 24.56 11.98 16.74
N ARG B 218 25.64 11.46 16.15
CA ARG B 218 25.61 10.13 15.55
C ARG B 218 25.48 9.03 16.63
N VAL B 219 26.37 9.07 17.62
CA VAL B 219 26.38 8.10 18.70
C VAL B 219 25.04 8.15 19.43
N LYS B 220 24.48 9.34 19.58
CA LYS B 220 23.21 9.48 20.27
C LYS B 220 22.09 8.78 19.51
N GLU B 221 22.11 8.92 18.18
CA GLU B 221 21.12 8.24 17.32
C GLU B 221 21.09 6.73 17.53
N VAL B 222 22.26 6.14 17.67
CA VAL B 222 22.44 4.72 17.81
C VAL B 222 21.95 4.20 19.18
N VAL B 223 22.29 4.93 20.24
CA VAL B 223 21.89 4.52 21.58
C VAL B 223 20.37 4.44 21.64
N THR B 224 19.73 5.51 21.19
CA THR B 224 18.27 5.62 21.31
C THR B 224 17.58 4.63 20.34
N LYS B 225 18.31 4.16 19.33
CA LYS B 225 17.76 3.16 18.41
C LYS B 225 17.72 1.76 19.01
N TYR B 226 18.84 1.31 19.58
CA TYR B 226 18.93 -0.08 20.06
C TYR B 226 18.85 -0.19 21.54
N SER B 227 19.25 0.85 22.26
CA SER B 227 19.49 0.71 23.68
C SER B 227 18.67 1.72 24.51
N ASN B 228 17.48 2.05 24.02
CA ASN B 228 16.68 3.10 24.63
C ASN B 228 15.90 2.62 25.86
N PHE B 229 15.90 1.32 26.12
CA PHE B 229 15.19 0.73 27.26
C PHE B 229 16.14 0.00 28.22
N VAL B 230 17.44 0.26 28.06
CA VAL B 230 18.45 -0.24 28.99
C VAL B 230 18.21 0.24 30.43
N SER B 231 18.49 -0.65 31.40
CA SER B 231 18.08 -0.49 32.80
C SER B 231 18.98 0.35 33.67
N PHE B 232 20.03 0.93 33.11
CA PHE B 232 20.95 1.78 33.88
C PHE B 232 21.14 3.08 33.13
N PRO B 233 21.46 4.15 33.86
CA PRO B 233 21.58 5.42 33.17
C PRO B 233 22.74 5.44 32.22
N ILE B 234 22.55 6.04 31.06
CA ILE B 234 23.65 6.20 30.11
C ILE B 234 23.93 7.69 29.99
N PHE B 235 25.20 8.09 30.11
CA PHE B 235 25.64 9.47 29.96
C PHE B 235 26.48 9.60 28.70
N LEU B 236 26.19 10.58 27.86
CA LEU B 236 27.00 10.86 26.66
C LEU B 236 27.69 12.21 26.81
N ASN B 237 29.02 12.21 26.89
CA ASN B 237 29.79 13.45 27.10
C ASN B 237 29.25 14.29 28.25
N GLY B 238 28.86 13.63 29.34
CA GLY B 238 28.41 14.35 30.54
C GLY B 238 26.93 14.66 30.63
N ARG B 239 26.16 14.40 29.57
CA ARG B 239 24.73 14.61 29.62
C ARG B 239 23.97 13.27 29.69
N ARG B 240 22.99 13.20 30.58
CA ARG B 240 22.20 11.98 30.74
C ARG B 240 21.19 11.80 29.60
N LEU B 241 21.28 10.65 28.95
CA LEU B 241 20.33 10.30 27.89
C LEU B 241 18.95 9.96 28.46
N ASN B 242 17.91 10.35 27.73
CA ASN B 242 16.54 10.10 28.16
C ASN B 242 16.10 8.68 27.81
N THR B 243 16.62 7.71 28.54
CA THR B 243 16.20 6.33 28.36
C THR B 243 14.76 6.12 28.89
N LEU B 244 14.13 5.04 28.45
CA LEU B 244 12.70 4.89 28.65
C LEU B 244 12.38 3.60 29.34
N GLN B 245 11.18 3.56 29.89
CA GLN B 245 10.55 2.33 30.39
C GLN B 245 9.96 1.48 29.27
N ALA B 246 10.25 0.18 29.33
CA ALA B 246 9.64 -0.79 28.44
C ALA B 246 8.20 -0.99 28.86
N LEU B 247 7.33 -0.07 28.47
CA LEU B 247 5.92 -0.17 28.80
C LEU B 247 5.27 -1.51 28.52
N TRP B 248 5.61 -2.13 27.42
CA TRP B 248 5.00 -3.40 27.05
C TRP B 248 5.22 -4.54 28.06
N MET B 249 6.34 -4.48 28.80
CA MET B 249 6.65 -5.47 29.85
CA MET B 249 6.61 -5.49 29.83
C MET B 249 5.84 -5.24 31.13
N MET B 250 5.18 -4.11 31.26
CA MET B 250 4.60 -3.78 32.54
C MET B 250 3.11 -4.05 32.64
N GLU B 251 2.64 -4.03 33.89
CA GLU B 251 1.27 -4.37 34.23
C GLU B 251 0.35 -3.34 33.59
N PRO B 252 -0.59 -3.79 32.72
CA PRO B 252 -1.46 -2.93 31.93
C PRO B 252 -2.25 -1.90 32.73
N LYS B 253 -2.66 -2.30 33.93
CA LYS B 253 -3.49 -1.47 34.81
C LYS B 253 -2.71 -0.35 35.43
N ASP B 254 -1.39 -0.46 35.40
CA ASP B 254 -0.50 0.58 35.93
C ASP B 254 -0.01 1.58 34.89
N ILE B 255 -0.54 1.49 33.67
CA ILE B 255 -0.22 2.47 32.64
C ILE B 255 -1.39 3.42 32.46
N SER B 256 -1.16 4.71 32.68
CA SER B 256 -2.19 5.72 32.58
C SER B 256 -2.40 6.02 31.11
N GLU B 257 -3.51 6.65 30.77
CA GLU B 257 -3.75 7.09 29.38
C GLU B 257 -2.63 7.97 28.83
N TRP B 258 -2.12 8.80 29.71
CA TRP B 258 -1.13 9.75 29.32
C TRP B 258 0.21 9.09 29.02
N GLN B 259 0.58 8.08 29.79
CA GLN B 259 1.79 7.33 29.49
C GLN B 259 1.67 6.64 28.16
N HIS B 260 0.45 6.22 27.79
CA HIS B 260 0.22 5.58 26.48
C HIS B 260 0.32 6.61 25.37
N GLU B 261 -0.23 7.81 25.62
CA GLU B 261 -0.14 8.90 24.66
C GLU B 261 1.30 9.18 24.31
N GLU B 262 2.13 9.34 25.34
CA GLU B 262 3.56 9.62 25.18
C GLU B 262 4.28 8.45 24.49
N PHE B 263 4.01 7.24 24.93
CA PHE B 263 4.67 6.09 24.35
C PHE B 263 4.30 5.85 22.89
N TYR B 264 3.00 5.89 22.59
CA TYR B 264 2.53 5.98 21.20
C TYR B 264 3.32 6.98 20.38
N ARG B 265 3.42 8.21 20.83
CA ARG B 265 4.11 9.24 20.03
C ARG B 265 5.52 8.85 19.76
N TYR B 266 6.18 8.20 20.74
CA TYR B 266 7.55 7.71 20.59
C TYR B 266 7.63 6.60 19.54
N VAL B 267 6.86 5.54 19.72
CA VAL B 267 6.95 4.37 18.83
C VAL B 267 6.41 4.57 17.42
N ALA B 268 5.44 5.45 17.25
CA ALA B 268 4.90 5.74 15.93
C ALA B 268 5.57 6.98 15.34
N GLN B 269 6.47 7.62 16.12
CA GLN B 269 7.01 8.92 15.78
C GLN B 269 5.91 9.85 15.26
N ALA B 270 4.90 10.05 16.09
CA ALA B 270 3.72 10.78 15.69
C ALA B 270 3.56 11.98 16.55
N TYR B 271 2.61 12.83 16.17
CA TYR B 271 2.29 14.02 16.94
C TYR B 271 0.88 14.05 17.51
N ASP B 272 0.05 13.07 17.18
CA ASP B 272 -1.32 12.98 17.69
C ASP B 272 -1.32 11.96 18.80
N LYS B 273 -2.49 11.46 19.17
CA LYS B 273 -2.62 10.44 20.19
C LYS B 273 -3.44 9.25 19.72
N PRO B 274 -3.36 8.10 20.42
CA PRO B 274 -4.10 6.91 20.02
C PRO B 274 -5.59 7.06 20.29
N ARG B 275 -6.41 6.57 19.38
CA ARG B 275 -7.83 6.50 19.65
C ARG B 275 -8.17 5.17 20.34
N TYR B 276 -7.40 4.13 20.07
CA TYR B 276 -7.55 2.84 20.74
C TYR B 276 -6.18 2.36 21.19
N THR B 277 -6.12 1.70 22.33
CA THR B 277 -4.90 1.10 22.83
C THR B 277 -5.20 -0.32 23.25
N LEU B 278 -4.45 -1.27 22.72
CA LEU B 278 -4.58 -2.70 23.08
C LEU B 278 -3.24 -3.14 23.66
N HIS B 279 -3.26 -3.52 24.92
CA HIS B 279 -2.06 -3.94 25.62
C HIS B 279 -2.27 -5.43 25.90
N TYR B 280 -1.57 -6.25 25.18
CA TYR B 280 -1.82 -7.68 25.19
C TYR B 280 -0.61 -8.44 25.74
N ARG B 281 -0.88 -9.24 26.76
CA ARG B 281 0.10 -10.18 27.31
C ARG B 281 -0.44 -11.60 27.16
N ALA B 282 0.43 -12.53 26.86
CA ALA B 282 0.05 -13.93 26.85
C ALA B 282 1.29 -14.77 27.04
N ASP B 283 1.11 -15.96 27.59
CA ASP B 283 2.18 -16.96 27.56
C ASP B 283 1.67 -18.27 27.10
N ALA B 284 0.48 -18.25 26.47
CA ALA B 284 -0.39 -19.34 26.16
C ALA B 284 0.12 -20.17 25.06
N PRO B 285 -0.22 -19.91 23.76
CA PRO B 285 0.68 -20.68 22.88
C PRO B 285 2.11 -20.15 23.00
N LEU B 286 2.24 -18.83 22.91
CA LEU B 286 3.55 -18.23 22.99
C LEU B 286 3.63 -17.03 23.82
N ASN B 287 4.77 -16.90 24.52
CA ASN B 287 5.10 -15.71 25.29
C ASN B 287 4.97 -14.47 24.43
N ILE B 288 4.16 -13.50 24.88
CA ILE B 288 3.85 -12.27 24.13
C ILE B 288 3.66 -11.10 25.08
N ARG B 289 4.34 -9.99 24.81
CA ARG B 289 4.16 -8.75 25.53
C ARG B 289 4.12 -7.67 24.49
N SER B 290 2.96 -7.05 24.31
CA SER B 290 2.75 -6.18 23.14
C SER B 290 1.82 -5.05 23.45
N ILE B 291 2.02 -3.93 22.77
CA ILE B 291 1.06 -2.82 22.81
C ILE B 291 0.76 -2.36 21.39
N PHE B 292 -0.51 -2.27 21.03
CA PHE B 292 -0.89 -1.76 19.72
C PHE B 292 -1.75 -0.53 19.83
N TYR B 293 -1.56 0.43 18.91
CA TYR B 293 -2.29 1.70 18.89
C TYR B 293 -2.93 1.91 17.56
N VAL B 294 -4.13 2.48 17.56
CA VAL B 294 -4.75 2.98 16.35
C VAL B 294 -4.66 4.48 16.49
N PRO B 295 -4.04 5.17 15.53
CA PRO B 295 -3.90 6.64 15.60
C PRO B 295 -5.26 7.34 15.58
N GLU B 296 -5.35 8.51 16.18
CA GLU B 296 -6.57 9.30 16.06
C GLU B 296 -6.68 9.89 14.68
N MET B 297 -5.57 10.29 14.08
CA MET B 297 -5.59 10.74 12.69
C MET B 297 -6.14 9.69 11.73
N LYS B 298 -6.80 10.15 10.68
CA LYS B 298 -7.15 9.30 9.56
C LYS B 298 -5.87 8.94 8.82
N PRO B 299 -5.82 7.80 8.16
CA PRO B 299 -4.60 7.46 7.46
C PRO B 299 -4.42 8.30 6.17
N SER B 300 -3.17 8.62 5.83
CA SER B 300 -2.85 9.27 4.55
C SER B 300 -3.16 8.37 3.39
N MET B 301 -3.89 8.89 2.41
CA MET B 301 -4.22 8.09 1.23
C MET B 301 -3.00 7.80 0.36
N PHE B 302 -2.02 8.71 0.41
CA PHE B 302 -0.76 8.53 -0.29
C PHE B 302 0.03 7.38 0.30
N ASP B 303 0.05 7.31 1.63
CA ASP B 303 0.82 6.27 2.30
C ASP B 303 0.18 4.89 2.23
N VAL B 304 -1.14 4.85 2.04
CA VAL B 304 -1.84 3.58 1.98
C VAL B 304 -1.33 2.75 0.79
N SER B 305 -1.13 3.41 -0.35
CA SER B 305 -0.63 2.77 -1.57
C SER B 305 0.89 2.52 -1.53
N ARG B 306 1.61 3.44 -0.92
CA ARG B 306 3.04 3.29 -0.69
C ARG B 306 3.28 2.29 0.44
N SER B 311 5.48 -1.59 10.59
CA SER B 311 4.82 -0.49 11.33
C SER B 311 4.81 -0.67 12.85
N VAL B 312 5.12 -1.90 13.27
CA VAL B 312 5.25 -2.25 14.68
C VAL B 312 6.67 -2.72 14.93
N ALA B 313 7.27 -2.30 16.04
CA ALA B 313 8.64 -2.68 16.36
C ALA B 313 8.70 -4.01 17.07
N LEU B 314 9.78 -4.75 16.88
CA LEU B 314 9.95 -6.05 17.50
C LEU B 314 11.13 -6.04 18.43
N TYR B 315 10.93 -6.49 19.67
CA TYR B 315 11.97 -6.44 20.70
C TYR B 315 12.24 -7.84 21.31
N SER B 316 13.30 -7.88 22.11
CA SER B 316 13.57 -8.95 23.07
C SER B 316 14.58 -8.35 24.08
N ARG B 317 14.24 -8.56 25.36
CA ARG B 317 15.13 -8.16 26.48
C ARG B 317 15.47 -6.71 26.31
N LYS B 318 14.44 -5.90 26.00
CA LYS B 318 14.58 -4.45 26.00
C LYS B 318 15.55 -3.98 24.89
N ILE B 319 15.90 -4.89 24.00
CA ILE B 319 16.83 -4.58 22.89
C ILE B 319 16.16 -4.75 21.54
N LEU B 320 16.31 -3.76 20.65
CA LEU B 320 15.61 -3.78 19.40
C LEU B 320 16.06 -4.88 18.47
N ILE B 321 15.09 -5.49 17.81
CA ILE B 321 15.34 -6.56 16.87
C ILE B 321 14.57 -6.46 15.56
N GLN B 322 15.31 -6.45 14.46
CA GLN B 322 14.79 -6.05 13.14
C GLN B 322 13.94 -6.93 12.27
N THR B 323 12.86 -6.33 11.75
CA THR B 323 11.94 -6.96 10.84
C THR B 323 11.86 -6.10 9.59
N LYS B 324 12.74 -6.32 8.64
CA LYS B 324 12.61 -5.74 7.31
C LYS B 324 12.35 -6.92 6.37
N ALA B 325 11.20 -6.90 5.71
CA ALA B 325 10.66 -8.07 4.95
C ALA B 325 10.07 -9.23 5.83
N THR B 326 9.40 -8.86 6.92
CA THR B 326 8.68 -9.81 7.76
C THR B 326 7.31 -9.33 8.28
N ASP B 327 6.46 -10.34 8.33
CA ASP B 327 5.10 -10.38 8.76
C ASP B 327 4.82 -9.60 10.05
N ILE B 328 5.18 -10.12 11.18
CA ILE B 328 4.51 -9.92 12.46
C ILE B 328 3.04 -9.71 12.39
N LEU B 329 2.56 -8.64 11.78
CA LEU B 329 1.13 -8.48 11.52
C LEU B 329 0.82 -8.76 10.07
N PRO B 330 -0.41 -9.21 9.77
CA PRO B 330 -0.78 -9.31 8.36
C PRO B 330 -0.87 -7.94 7.72
N LYS B 331 -0.76 -7.91 6.40
CA LYS B 331 -0.72 -6.65 5.68
C LYS B 331 -1.92 -5.74 6.00
N TRP B 332 -3.11 -6.29 6.21
CA TRP B 332 -4.30 -5.44 6.43
C TRP B 332 -4.30 -4.76 7.77
N LEU B 333 -3.42 -5.16 8.70
CA LEU B 333 -3.31 -4.52 10.03
C LEU B 333 -2.08 -3.61 10.11
N ARG B 334 -1.59 -3.16 8.97
CA ARG B 334 -0.45 -2.26 8.96
C ARG B 334 -0.79 -0.87 9.47
N PHE B 335 -2.08 -0.57 9.64
CA PHE B 335 -2.49 0.71 10.22
C PHE B 335 -2.21 0.78 11.72
N LEU B 336 -1.97 -0.36 12.36
CA LEU B 336 -1.65 -0.38 13.78
C LEU B 336 -0.21 0.06 14.01
N ARG B 337 0.04 0.77 15.10
CA ARG B 337 1.40 1.08 15.51
CA ARG B 337 1.39 1.07 15.51
C ARG B 337 1.62 0.48 16.90
N GLY B 338 2.86 0.31 17.28
CA GLY B 338 3.16 -0.20 18.62
C GLY B 338 4.29 -1.18 18.58
N VAL B 339 4.27 -2.16 19.47
CA VAL B 339 5.47 -2.97 19.73
C VAL B 339 5.13 -4.41 20.11
N VAL B 340 5.95 -5.36 19.69
CA VAL B 340 5.75 -6.76 20.01
C VAL B 340 7.05 -7.33 20.57
N ASP B 341 6.95 -8.02 21.70
CA ASP B 341 8.09 -8.70 22.30
C ASP B 341 7.66 -10.11 22.54
N SER B 342 8.48 -11.06 22.15
CA SER B 342 8.22 -12.45 22.39
C SER B 342 9.51 -13.24 22.62
N GLU B 343 9.61 -13.81 23.82
CA GLU B 343 10.74 -14.65 24.22
C GLU B 343 10.88 -15.94 23.41
N ASP B 344 9.85 -16.32 22.65
CA ASP B 344 9.86 -17.54 21.81
C ASP B 344 10.49 -17.33 20.44
N ILE B 345 10.81 -16.09 20.14
CA ILE B 345 11.50 -15.74 18.91
C ILE B 345 13.02 -15.84 19.16
N PRO B 346 13.69 -16.79 18.49
CA PRO B 346 15.14 -16.90 18.72
C PRO B 346 15.91 -15.82 17.97
N LEU B 347 17.03 -15.35 18.52
CA LEU B 347 17.87 -14.35 17.85
C LEU B 347 19.04 -15.02 17.23
N ASN B 348 19.34 -14.60 16.02
CA ASN B 348 20.55 -15.04 15.37
C ASN B 348 21.75 -14.28 15.97
N LEU B 349 22.93 -14.74 15.58
CA LEU B 349 24.21 -14.26 16.10
C LEU B 349 24.43 -12.81 15.88
N SER B 350 23.67 -12.20 14.94
CA SER B 350 23.77 -10.78 14.60
C SER B 350 22.62 -10.05 15.30
N ALA B 351 21.42 -10.02 14.75
CA ALA B 351 20.25 -9.57 15.58
C ALA B 351 19.02 -9.70 14.76
N GLU B 352 19.14 -9.38 13.52
CA GLU B 352 18.02 -9.30 12.61
C GLU B 352 17.08 -10.50 12.50
N LEU B 353 17.64 -11.64 12.09
CA LEU B 353 16.91 -12.84 11.81
C LEU B 353 15.66 -12.66 10.96
N LEU B 354 14.77 -11.81 11.45
CA LEU B 354 13.44 -11.66 10.90
C LEU B 354 13.33 -11.65 9.38
N GLN B 355 13.23 -12.86 8.87
CA GLN B 355 13.26 -13.22 7.46
C GLN B 355 12.74 -14.67 7.49
N GLU B 356 11.63 -14.94 8.22
CA GLU B 356 11.24 -16.30 8.58
C GLU B 356 9.76 -16.53 8.33
N SER B 357 9.40 -17.77 8.56
CA SER B 357 8.02 -18.11 8.45
C SER B 357 7.58 -19.18 9.44
N ALA B 358 8.36 -19.44 10.43
CA ALA B 358 8.06 -20.55 11.24
C ALA B 358 6.81 -20.29 12.15
N LEU B 359 7.13 -19.93 13.37
CA LEU B 359 6.21 -19.58 14.33
C LEU B 359 5.91 -18.11 14.26
N ILE B 360 6.52 -17.38 13.34
CA ILE B 360 6.10 -16.04 13.04
C ILE B 360 4.70 -16.08 12.50
N ARG B 361 4.47 -17.01 11.60
CA ARG B 361 3.16 -17.16 11.02
C ARG B 361 2.12 -17.48 12.09
N LYS B 362 2.52 -18.19 13.11
CA LYS B 362 1.66 -18.47 14.25
C LYS B 362 1.35 -17.23 15.07
N LEU B 363 2.41 -16.52 15.44
CA LEU B 363 2.34 -15.29 16.21
C LEU B 363 1.41 -14.34 15.49
N ARG B 364 1.63 -14.17 14.20
CA ARG B 364 0.81 -13.32 13.38
C ARG B 364 -0.68 -13.68 13.40
N ASP B 365 -0.96 -14.97 13.29
CA ASP B 365 -2.34 -15.51 13.40
C ASP B 365 -2.95 -15.25 14.79
N VAL B 366 -2.16 -15.49 15.85
CA VAL B 366 -2.58 -15.13 17.23
C VAL B 366 -2.92 -13.63 17.35
N LEU B 367 -2.02 -12.78 16.86
CA LEU B 367 -2.20 -11.34 16.97
C LEU B 367 -3.43 -10.87 16.23
N GLN B 368 -3.59 -11.40 15.01
CA GLN B 368 -4.75 -11.08 14.15
C GLN B 368 -6.04 -11.38 14.89
N GLN B 369 -6.11 -12.54 15.51
CA GLN B 369 -7.34 -12.95 16.20
CA GLN B 369 -7.30 -13.00 16.25
C GLN B 369 -7.58 -12.06 17.41
N ARG B 370 -6.53 -11.75 18.17
CA ARG B 370 -6.69 -10.89 19.34
C ARG B 370 -7.13 -9.49 18.98
N VAL B 371 -6.62 -8.97 17.87
CA VAL B 371 -6.97 -7.63 17.42
C VAL B 371 -8.43 -7.54 16.95
N ILE B 372 -8.87 -8.55 16.21
CA ILE B 372 -10.27 -8.67 15.81
C ILE B 372 -11.17 -8.73 17.06
N ARG B 373 -10.77 -9.48 18.06
CA ARG B 373 -11.57 -9.54 19.28
C ARG B 373 -11.62 -8.18 19.99
N PHE B 374 -10.48 -7.53 20.08
CA PHE B 374 -10.39 -6.18 20.69
C PHE B 374 -11.31 -5.17 19.98
N LEU B 375 -11.29 -5.19 18.65
CA LEU B 375 -12.08 -4.26 17.88
C LEU B 375 -13.56 -4.61 17.98
N LEU B 376 -13.91 -5.89 18.02
CA LEU B 376 -15.31 -6.28 18.25
C LEU B 376 -15.82 -5.76 19.59
N ASP B 377 -15.02 -5.93 20.62
CA ASP B 377 -15.33 -5.40 21.95
C ASP B 377 -15.48 -3.88 21.95
N GLN B 378 -14.62 -3.15 21.23
CA GLN B 378 -14.79 -1.66 21.11
C GLN B 378 -16.09 -1.27 20.45
N SER B 379 -16.53 -2.07 19.48
CA SER B 379 -17.83 -1.87 18.87
C SER B 379 -18.97 -2.02 19.86
N LYS B 380 -18.87 -2.99 20.77
CA LYS B 380 -19.89 -3.18 21.80
C LYS B 380 -19.92 -2.03 22.76
N LYS B 381 -18.79 -1.75 23.41
CA LYS B 381 -18.67 -0.61 24.35
C LYS B 381 -19.16 0.73 23.82
N ASP B 382 -18.79 1.06 22.59
CA ASP B 382 -19.04 2.41 22.06
C ASP B 382 -19.19 2.38 20.54
N PRO B 383 -20.39 2.11 20.05
CA PRO B 383 -20.66 1.91 18.62
C PRO B 383 -20.47 3.15 17.82
N GLU B 384 -20.74 4.28 18.44
CA GLU B 384 -20.63 5.54 17.74
C GLU B 384 -19.16 5.87 17.46
N LYS B 385 -18.30 5.66 18.46
CA LYS B 385 -16.84 5.78 18.29
C LYS B 385 -16.31 4.75 17.29
N TYR B 386 -16.85 3.55 17.34
CA TYR B 386 -16.43 2.53 16.38
C TYR B 386 -16.81 2.89 14.95
N ALA B 387 -17.98 3.47 14.79
CA ALA B 387 -18.42 3.94 13.49
C ALA B 387 -17.42 4.89 12.90
N ARG B 388 -16.86 5.78 13.72
CA ARG B 388 -15.84 6.72 13.21
C ARG B 388 -14.59 5.96 12.81
N PHE B 389 -14.16 5.04 13.66
CA PHE B 389 -13.05 4.15 13.32
C PHE B 389 -13.26 3.43 12.01
N PHE B 390 -14.44 2.85 11.85
CA PHE B 390 -14.78 2.08 10.64
C PHE B 390 -14.79 2.98 9.39
N GLU B 391 -15.26 4.19 9.56
CA GLU B 391 -15.24 5.14 8.48
C GLU B 391 -13.81 5.46 8.05
N ASP B 392 -12.90 5.58 9.00
CA ASP B 392 -11.52 5.98 8.71
C ASP B 392 -10.63 4.80 8.29
N TYR B 393 -10.87 3.63 8.86
CA TYR B 393 -10.01 2.49 8.64
C TYR B 393 -10.66 1.31 7.94
N GLY B 394 -11.94 1.43 7.61
CA GLY B 394 -12.69 0.29 7.06
C GLY B 394 -12.07 -0.32 5.81
N LEU B 395 -11.42 0.53 5.02
CA LEU B 395 -10.79 0.10 3.80
C LEU B 395 -9.73 -0.98 4.01
N PHE B 396 -9.09 -1.00 5.19
CA PHE B 396 -8.14 -2.04 5.56
C PHE B 396 -8.85 -3.39 5.76
N MET B 397 -10.03 -3.39 6.39
CA MET B 397 -10.83 -4.61 6.51
C MET B 397 -11.22 -5.20 5.15
N ARG B 398 -11.67 -4.32 4.26
CA ARG B 398 -12.13 -4.72 2.95
C ARG B 398 -10.97 -5.30 2.20
N GLU B 399 -9.82 -4.65 2.32
CA GLU B 399 -8.60 -5.15 1.70
C GLU B 399 -8.28 -6.56 2.19
N GLY B 400 -8.33 -6.72 3.52
CA GLY B 400 -8.04 -8.01 4.15
C GLY B 400 -8.95 -9.13 3.67
N ILE B 401 -10.25 -8.84 3.62
CA ILE B 401 -11.22 -9.80 3.07
C ILE B 401 -10.92 -10.16 1.63
N VAL B 402 -10.57 -9.18 0.81
CA VAL B 402 -10.39 -9.40 -0.63
C VAL B 402 -9.13 -10.15 -0.94
N THR B 403 -8.05 -9.91 -0.20
CA THR B 403 -6.77 -10.52 -0.57
C THR B 403 -6.40 -11.81 0.16
N THR B 404 -7.18 -12.21 1.17
CA THR B 404 -6.99 -13.50 1.86
C THR B 404 -7.61 -14.64 1.03
N GLY B 405 -6.95 -15.79 1.01
CA GLY B 405 -7.51 -16.96 0.36
C GLY B 405 -8.35 -17.81 1.29
N GLU B 406 -8.02 -17.73 2.59
CA GLU B 406 -8.68 -18.50 3.67
C GLU B 406 -10.09 -18.00 4.03
N GLN B 407 -11.12 -18.82 3.77
CA GLN B 407 -12.51 -18.44 4.00
C GLN B 407 -12.77 -18.09 5.46
N SER B 408 -12.18 -18.80 6.39
CA SER B 408 -12.44 -18.54 7.80
C SER B 408 -11.87 -17.21 8.23
N VAL B 409 -10.75 -16.83 7.62
CA VAL B 409 -10.14 -15.50 7.87
C VAL B 409 -10.98 -14.36 7.27
N LYS B 410 -11.44 -14.54 6.03
CA LYS B 410 -12.37 -13.60 5.41
C LYS B 410 -13.56 -13.36 6.31
N GLU B 411 -14.08 -14.40 6.94
CA GLU B 411 -15.27 -14.27 7.77
C GLU B 411 -14.96 -13.63 9.11
N ASP B 412 -13.84 -14.00 9.70
CA ASP B 412 -13.35 -13.32 10.92
C ASP B 412 -13.24 -11.80 10.76
N ILE B 413 -12.56 -11.37 9.71
CA ILE B 413 -12.42 -9.95 9.41
C ILE B 413 -13.80 -9.34 9.11
N ALA B 414 -14.64 -10.12 8.42
CA ALA B 414 -15.97 -9.67 8.06
C ALA B 414 -16.84 -9.33 9.28
N LYS B 415 -16.55 -9.95 10.42
CA LYS B 415 -17.25 -9.59 11.65
C LYS B 415 -17.08 -8.12 11.99
N LEU B 416 -16.04 -7.47 11.46
CA LEU B 416 -15.79 -6.05 11.77
C LEU B 416 -16.60 -5.10 10.90
N LEU B 417 -17.20 -5.60 9.82
CA LEU B 417 -17.88 -4.72 8.89
C LEU B 417 -19.18 -4.22 9.49
N ARG B 418 -19.61 -3.02 9.07
CA ARG B 418 -20.86 -2.44 9.50
C ARG B 418 -21.72 -1.97 8.33
N PHE B 419 -23.03 -2.11 8.47
CA PHE B 419 -23.98 -1.78 7.42
C PHE B 419 -25.19 -1.17 8.05
N GLU B 420 -26.10 -0.67 7.22
CA GLU B 420 -27.42 -0.32 7.69
C GLU B 420 -28.35 -1.41 7.25
N SER B 421 -29.62 -1.33 7.66
CA SER B 421 -30.57 -2.39 7.37
C SER B 421 -31.93 -1.83 7.04
N SER B 422 -32.67 -2.55 6.19
CA SER B 422 -34.07 -2.19 5.91
C SER B 422 -34.96 -2.43 7.10
N ALA B 423 -34.48 -3.17 8.11
CA ALA B 423 -35.27 -3.48 9.31
C ALA B 423 -34.89 -2.61 10.52
N LEU B 424 -34.03 -1.62 10.32
CA LEU B 424 -33.61 -0.73 11.38
C LEU B 424 -33.79 0.71 10.92
N PRO B 425 -33.97 1.64 11.87
CA PRO B 425 -34.07 3.04 11.51
C PRO B 425 -32.82 3.55 10.79
N ALA B 426 -33.00 4.63 10.04
CA ALA B 426 -31.91 5.24 9.29
C ALA B 426 -30.78 5.68 10.25
N GLY B 427 -29.54 5.43 9.84
CA GLY B 427 -28.39 5.81 10.63
C GLY B 427 -27.89 4.71 11.52
N GLN B 428 -28.72 3.70 11.76
CA GLN B 428 -28.33 2.69 12.72
C GLN B 428 -27.51 1.59 12.10
N GLN B 429 -26.31 1.42 12.61
CA GLN B 429 -25.43 0.42 12.09
C GLN B 429 -25.69 -0.97 12.66
N THR B 430 -25.47 -1.98 11.85
CA THR B 430 -25.65 -3.39 12.24
C THR B 430 -24.52 -4.20 11.65
N SER B 431 -24.54 -5.51 11.89
CA SER B 431 -23.48 -6.41 11.43
C SER B 431 -24.05 -7.65 10.77
N LEU B 432 -23.18 -8.40 10.09
CA LEU B 432 -23.56 -9.70 9.55
C LEU B 432 -24.07 -10.66 10.63
N MET B 433 -23.49 -10.60 11.81
CA MET B 433 -23.93 -11.42 12.94
C MET B 433 -25.37 -11.14 13.37
N GLU B 434 -25.67 -9.85 13.50
CA GLU B 434 -27.00 -9.40 13.91
C GLU B 434 -28.01 -9.69 12.83
N TYR B 435 -27.63 -9.56 11.58
CA TYR B 435 -28.48 -9.97 10.49
C TYR B 435 -28.84 -11.44 10.63
N SER B 436 -27.80 -12.26 10.72
CA SER B 436 -27.97 -13.72 10.93
C SER B 436 -28.91 -14.07 12.08
N SER B 437 -28.84 -13.32 13.17
CA SER B 437 -29.67 -13.64 14.31
C SER B 437 -31.13 -13.23 14.11
N ARG B 438 -31.45 -12.36 13.16
CA ARG B 438 -32.86 -12.05 12.86
C ARG B 438 -33.50 -12.98 11.80
N MET B 439 -32.66 -13.74 11.12
CA MET B 439 -33.15 -14.59 10.05
C MET B 439 -34.09 -15.65 10.58
N LYS B 440 -35.25 -15.79 9.93
CA LYS B 440 -36.23 -16.84 10.28
C LYS B 440 -35.64 -18.21 10.05
N ALA B 441 -36.28 -19.22 10.65
CA ALA B 441 -35.69 -20.57 10.68
C ALA B 441 -35.46 -21.12 9.26
N GLY B 442 -36.38 -20.80 8.33
CA GLY B 442 -36.35 -21.32 6.96
C GLY B 442 -35.26 -20.74 6.09
N THR B 443 -34.99 -19.46 6.31
CA THR B 443 -34.15 -18.66 5.42
C THR B 443 -32.70 -19.15 5.36
N ARG B 444 -32.06 -19.05 4.20
CA ARG B 444 -30.65 -19.45 4.06
C ARG B 444 -29.77 -18.52 3.25
N ASN B 445 -30.23 -17.29 3.04
CA ASN B 445 -29.43 -16.31 2.33
C ASN B 445 -29.41 -14.98 3.04
N ILE B 446 -28.31 -14.25 2.82
CA ILE B 446 -28.15 -12.90 3.33
C ILE B 446 -28.28 -11.93 2.15
N TYR B 447 -29.29 -11.08 2.18
CA TYR B 447 -29.55 -10.16 1.07
C TYR B 447 -28.96 -8.79 1.31
N TYR B 448 -28.34 -8.25 0.27
CA TYR B 448 -27.77 -6.92 0.36
C TYR B 448 -28.05 -6.04 -0.86
N LEU B 449 -27.94 -4.74 -0.63
CA LEU B 449 -28.14 -3.76 -1.64
C LEU B 449 -27.10 -2.67 -1.46
N CYS B 450 -26.33 -2.39 -2.52
CA CYS B 450 -25.31 -1.33 -2.49
C CYS B 450 -25.81 -0.08 -3.21
N ALA B 451 -25.90 1.02 -2.48
CA ALA B 451 -26.29 2.30 -3.03
C ALA B 451 -25.49 3.39 -2.33
N PRO B 452 -25.35 4.59 -2.95
CA PRO B 452 -24.56 5.70 -2.36
C PRO B 452 -24.96 6.16 -0.94
N ASN B 453 -26.24 6.13 -0.63
CA ASN B 453 -26.70 6.55 0.70
C ASN B 453 -28.04 5.92 1.13
N ARG B 454 -28.42 6.17 2.37
CA ARG B 454 -29.59 5.56 2.93
C ARG B 454 -30.86 5.87 2.13
N HIS B 455 -31.05 7.13 1.73
CA HIS B 455 -32.25 7.52 0.98
C HIS B 455 -32.36 6.80 -0.37
N LEU B 456 -31.26 6.71 -1.08
CA LEU B 456 -31.29 6.03 -2.37
C LEU B 456 -31.56 4.52 -2.29
N ALA B 457 -31.08 3.88 -1.22
CA ALA B 457 -31.30 2.45 -1.02
C ALA B 457 -32.76 2.17 -0.69
N GLU B 458 -33.27 2.91 0.29
CA GLU B 458 -34.65 2.86 0.70
C GLU B 458 -35.64 3.08 -0.43
N HIS B 459 -35.26 3.90 -1.40
CA HIS B 459 -36.14 4.23 -2.50
C HIS B 459 -35.70 3.63 -3.84
N SER B 460 -34.68 2.77 -3.80
CA SER B 460 -34.25 2.02 -4.96
C SER B 460 -35.36 1.16 -5.55
N PRO B 461 -35.42 1.09 -6.89
CA PRO B 461 -36.36 0.15 -7.57
C PRO B 461 -36.06 -1.28 -7.23
N TYR B 462 -34.80 -1.57 -6.92
CA TYR B 462 -34.39 -2.90 -6.53
C TYR B 462 -34.87 -3.20 -5.14
N PHE B 463 -34.99 -2.18 -4.31
CA PHE B 463 -35.59 -2.37 -3.00
C PHE B 463 -37.10 -2.48 -3.07
N GLU B 464 -37.76 -1.69 -3.90
CA GLU B 464 -39.20 -1.86 -4.10
C GLU B 464 -39.56 -3.29 -4.47
N ALA B 465 -38.76 -3.86 -5.37
CA ALA B 465 -38.94 -5.25 -5.78
C ALA B 465 -38.71 -6.21 -4.64
N MET B 466 -37.71 -5.95 -3.81
CA MET B 466 -37.42 -6.82 -2.66
C MET B 466 -38.46 -6.77 -1.54
N LYS B 467 -39.14 -5.64 -1.42
CA LYS B 467 -40.10 -5.44 -0.36
C LYS B 467 -41.30 -6.35 -0.52
N GLN B 468 -41.52 -6.86 -1.73
CA GLN B 468 -42.59 -7.83 -1.97
C GLN B 468 -42.30 -9.17 -1.33
N LYS B 469 -41.03 -9.43 -1.01
CA LYS B 469 -40.65 -10.53 -0.15
C LYS B 469 -40.57 -10.09 1.31
N ASP B 470 -40.27 -11.01 2.21
CA ASP B 470 -40.15 -10.63 3.61
C ASP B 470 -38.77 -10.96 4.15
N MET B 471 -37.75 -10.51 3.45
CA MET B 471 -36.39 -10.71 3.90
C MET B 471 -35.81 -9.36 4.25
N GLU B 472 -34.91 -9.34 5.22
CA GLU B 472 -34.21 -8.13 5.59
C GLU B 472 -33.14 -7.90 4.54
N VAL B 473 -32.87 -6.63 4.24
CA VAL B 473 -31.82 -6.27 3.27
C VAL B 473 -30.78 -5.37 3.92
N LEU B 474 -29.52 -5.80 3.87
CA LEU B 474 -28.41 -4.93 4.27
C LEU B 474 -28.22 -3.80 3.25
N PHE B 475 -27.92 -2.61 3.78
CA PHE B 475 -27.63 -1.44 2.98
C PHE B 475 -26.14 -1.07 3.12
N CYS B 476 -25.41 -1.08 2.01
CA CYS B 476 -23.98 -0.83 2.04
C CYS B 476 -23.67 0.41 1.17
N PHE B 477 -23.09 1.42 1.80
CA PHE B 477 -22.94 2.75 1.19
C PHE B 477 -21.54 3.05 0.67
N GLU B 478 -20.54 2.25 1.06
CA GLU B 478 -19.16 2.53 0.72
C GLU B 478 -18.84 1.94 -0.64
N GLN B 479 -18.06 2.68 -1.42
CA GLN B 479 -17.57 2.31 -2.75
C GLN B 479 -17.21 0.84 -3.03
N PHE B 480 -16.38 0.21 -2.19
CA PHE B 480 -15.92 -1.16 -2.42
C PHE B 480 -16.62 -2.18 -1.56
N ASP B 481 -17.73 -1.81 -0.94
CA ASP B 481 -18.55 -2.79 -0.23
C ASP B 481 -19.00 -3.95 -1.14
N GLU B 482 -19.36 -3.67 -2.38
CA GLU B 482 -19.91 -4.74 -3.22
C GLU B 482 -18.82 -5.73 -3.59
N LEU B 483 -17.69 -5.22 -4.00
CA LEU B 483 -16.54 -6.04 -4.30
C LEU B 483 -16.19 -6.89 -3.09
N THR B 484 -16.25 -6.27 -1.91
CA THR B 484 -15.92 -6.96 -0.66
C THR B 484 -16.83 -8.16 -0.46
N LEU B 485 -18.12 -7.94 -0.56
CA LEU B 485 -19.10 -9.00 -0.32
C LEU B 485 -19.04 -10.02 -1.43
N LEU B 486 -18.62 -9.61 -2.62
CA LEU B 486 -18.51 -10.55 -3.72
C LEU B 486 -17.39 -11.49 -3.40
N HIS B 487 -16.29 -10.95 -2.88
CA HIS B 487 -15.17 -11.79 -2.49
C HIS B 487 -15.46 -12.61 -1.25
N LEU B 488 -16.23 -12.04 -0.32
CA LEU B 488 -16.61 -12.76 0.88
C LEU B 488 -17.49 -13.97 0.56
N ARG B 489 -18.47 -13.76 -0.30
CA ARG B 489 -19.28 -14.82 -0.93
C ARG B 489 -20.30 -15.43 0.03
N GLU B 490 -19.86 -15.83 1.20
CA GLU B 490 -20.77 -16.38 2.17
C GLU B 490 -20.34 -16.03 3.57
N PHE B 491 -21.27 -16.18 4.49
CA PHE B 491 -21.00 -15.88 5.89
C PHE B 491 -21.80 -16.81 6.79
N ASP B 492 -21.11 -17.50 7.68
CA ASP B 492 -21.74 -18.47 8.56
C ASP B 492 -22.62 -19.43 7.75
N ARG B 493 -22.09 -19.98 6.68
CA ARG B 493 -22.81 -20.91 5.80
C ARG B 493 -23.99 -20.34 5.06
N LYS B 494 -24.18 -19.02 5.10
CA LYS B 494 -25.27 -18.35 4.38
C LYS B 494 -24.73 -17.63 3.16
N LYS B 495 -25.32 -17.90 2.01
CA LYS B 495 -24.89 -17.26 0.77
C LYS B 495 -25.25 -15.80 0.79
N LEU B 496 -24.31 -14.94 0.38
CA LEU B 496 -24.59 -13.50 0.16
C LEU B 496 -25.20 -13.29 -1.22
N ILE B 497 -26.35 -12.65 -1.29
CA ILE B 497 -27.01 -12.39 -2.58
C ILE B 497 -27.45 -10.96 -2.70
N SER B 498 -27.07 -10.30 -3.79
CA SER B 498 -27.50 -8.93 -4.01
C SER B 498 -28.98 -8.94 -4.41
N ALA B 499 -29.69 -7.87 -4.04
CA ALA B 499 -31.08 -7.69 -4.45
C ALA B 499 -31.24 -7.81 -5.96
N GLU B 500 -30.40 -7.06 -6.68
CA GLU B 500 -30.37 -7.09 -8.16
C GLU B 500 -30.24 -8.50 -8.74
N THR B 501 -29.31 -9.30 -8.20
CA THR B 501 -29.19 -10.71 -8.58
C THR B 501 -30.48 -11.50 -8.31
N ASP B 502 -31.02 -11.33 -7.09
CA ASP B 502 -32.17 -12.12 -6.66
C ASP B 502 -33.40 -11.84 -7.52
N ILE B 503 -33.51 -10.61 -8.00
CA ILE B 503 -34.60 -10.22 -8.86
C ILE B 503 -34.55 -11.00 -10.15
N VAL B 504 -33.35 -11.18 -10.70
CA VAL B 504 -33.18 -11.92 -11.94
C VAL B 504 -33.51 -13.39 -11.73
N VAL B 505 -33.02 -13.96 -10.64
CA VAL B 505 -33.22 -15.37 -10.36
C VAL B 505 -34.70 -15.71 -10.28
N ASP B 506 -35.51 -14.76 -9.83
CA ASP B 506 -36.95 -15.00 -9.68
C ASP B 506 -37.73 -15.22 -10.96
N HIS B 507 -37.23 -14.72 -12.08
CA HIS B 507 -37.80 -15.04 -13.40
C HIS B 507 -37.69 -16.51 -13.68
N TYR B 508 -36.66 -17.15 -13.16
CA TYR B 508 -36.41 -18.57 -13.43
C TYR B 508 -37.01 -19.45 -12.33
N LYS B 509 -37.75 -18.82 -11.42
CA LYS B 509 -38.62 -19.51 -10.50
C LYS B 509 -40.03 -19.04 -10.84
N GLU B 510 -40.92 -19.08 -9.85
CA GLU B 510 -42.27 -18.54 -10.01
C GLU B 510 -42.21 -17.04 -9.86
N GLU B 511 -42.56 -16.34 -10.95
CA GLU B 511 -42.74 -14.90 -10.96
C GLU B 511 -44.14 -14.60 -10.34
N LYS B 512 -44.36 -15.13 -9.14
CA LYS B 512 -45.64 -15.00 -8.47
C LYS B 512 -45.62 -13.71 -7.65
N PHE B 513 -45.68 -12.59 -8.36
CA PHE B 513 -45.74 -11.25 -7.77
C PHE B 513 -46.87 -10.47 -8.40
N GLN B 514 -47.53 -9.66 -7.60
CA GLN B 514 -48.65 -8.84 -8.07
C GLN B 514 -48.25 -7.38 -8.10
N ASP B 515 -48.79 -6.66 -9.07
CA ASP B 515 -48.41 -5.26 -9.31
C ASP B 515 -48.81 -4.41 -8.12
N SER B 516 -48.19 -3.24 -8.02
CA SER B 516 -48.52 -2.30 -6.95
C SER B 516 -49.90 -1.62 -7.18
N LYS B 517 -50.27 -1.46 -8.45
CA LYS B 517 -51.49 -0.78 -8.83
C LYS B 517 -52.50 -1.72 -9.48
N PRO B 518 -53.82 -1.50 -9.20
CA PRO B 518 -54.88 -2.29 -9.83
C PRO B 518 -54.83 -2.22 -11.37
N ALA B 519 -55.34 -3.27 -12.02
CA ALA B 519 -55.30 -3.39 -13.48
C ALA B 519 -55.91 -2.20 -14.23
N SER B 520 -56.72 -1.40 -13.54
CA SER B 520 -57.35 -0.23 -14.11
C SER B 520 -56.34 0.89 -14.39
N GLU B 521 -55.26 0.90 -13.61
CA GLU B 521 -54.24 1.94 -13.66
C GLU B 521 -53.06 1.48 -14.51
N ARG B 522 -53.21 0.33 -15.16
CA ARG B 522 -52.17 -0.20 -16.01
C ARG B 522 -52.60 -0.22 -17.48
N LEU B 523 -51.60 -0.29 -18.34
CA LEU B 523 -51.85 -0.54 -19.75
C LEU B 523 -52.49 -1.90 -19.88
N SER B 524 -53.43 -2.05 -20.80
CA SER B 524 -53.98 -3.37 -21.09
C SER B 524 -52.87 -4.17 -21.71
N SER B 525 -53.05 -5.49 -21.74
CA SER B 525 -52.05 -6.37 -22.34
C SER B 525 -51.71 -5.94 -23.76
N GLU B 526 -52.76 -5.69 -24.55
CA GLU B 526 -52.64 -5.31 -25.97
C GLU B 526 -51.84 -4.05 -26.12
N GLN B 527 -52.02 -3.13 -25.17
CA GLN B 527 -51.25 -1.91 -25.14
C GLN B 527 -49.82 -2.14 -24.69
N ALA B 528 -49.64 -3.04 -23.74
CA ALA B 528 -48.31 -3.37 -23.26
C ALA B 528 -47.48 -4.06 -24.34
N GLU B 529 -48.11 -4.98 -25.07
CA GLU B 529 -47.41 -5.74 -26.12
C GLU B 529 -47.06 -4.82 -27.27
N ASP B 530 -48.01 -3.99 -27.66
CA ASP B 530 -47.79 -3.01 -28.70
C ASP B 530 -46.64 -2.08 -28.36
N LEU B 531 -46.60 -1.61 -27.12
CA LEU B 531 -45.54 -0.71 -26.68
C LEU B 531 -44.17 -1.40 -26.66
N LEU B 532 -44.11 -2.57 -26.05
CA LEU B 532 -42.87 -3.33 -26.00
C LEU B 532 -42.27 -3.58 -27.36
N ALA B 533 -43.11 -3.98 -28.31
CA ALA B 533 -42.65 -4.28 -29.67
C ALA B 533 -42.02 -3.05 -30.28
N TRP B 534 -42.62 -1.88 -30.01
CA TRP B 534 -42.03 -0.59 -30.40
C TRP B 534 -40.67 -0.36 -29.74
N MET B 535 -40.59 -0.56 -28.44
CA MET B 535 -39.34 -0.31 -27.73
C MET B 535 -38.21 -1.23 -28.19
N ARG B 536 -38.53 -2.47 -28.49
CA ARG B 536 -37.54 -3.41 -28.96
C ARG B 536 -36.92 -2.95 -30.26
N ASN B 537 -37.76 -2.41 -31.14
CA ASN B 537 -37.26 -1.83 -32.39
C ASN B 537 -36.44 -0.57 -32.16
N ALA B 538 -36.83 0.27 -31.21
CA ALA B 538 -36.11 1.51 -30.94
C ALA B 538 -34.78 1.31 -30.22
N LEU B 539 -34.62 0.21 -29.49
CA LEU B 539 -33.38 -0.09 -28.77
C LEU B 539 -32.68 -1.39 -29.20
N VAL B 540 -32.54 -1.61 -30.50
CA VAL B 540 -32.19 -2.95 -30.99
C VAL B 540 -30.93 -3.57 -30.42
N GLN B 541 -29.78 -2.92 -30.56
CA GLN B 541 -28.53 -3.57 -30.09
C GLN B 541 -28.05 -3.05 -28.74
N ARG B 542 -28.91 -2.35 -28.02
CA ARG B 542 -28.54 -1.87 -26.70
C ARG B 542 -29.01 -2.81 -25.59
N VAL B 543 -30.07 -3.58 -25.83
CA VAL B 543 -30.66 -4.44 -24.81
C VAL B 543 -30.95 -5.85 -25.32
N THR B 544 -30.77 -6.84 -24.44
CA THR B 544 -31.01 -8.23 -24.81
C THR B 544 -32.51 -8.46 -24.95
N ASN B 545 -33.26 -8.09 -23.92
CA ASN B 545 -34.70 -8.06 -24.06
C ASN B 545 -35.34 -7.03 -23.18
N ILE B 546 -36.61 -6.78 -23.48
CA ILE B 546 -37.41 -5.82 -22.77
C ILE B 546 -38.61 -6.57 -22.24
N LYS B 547 -39.06 -6.22 -21.04
CA LYS B 547 -40.05 -6.99 -20.33
C LYS B 547 -40.89 -6.12 -19.43
N VAL B 548 -42.14 -6.48 -19.20
CA VAL B 548 -42.87 -5.78 -18.13
C VAL B 548 -42.59 -6.53 -16.84
N THR B 549 -42.66 -5.79 -15.74
CA THR B 549 -42.48 -6.36 -14.41
C THR B 549 -43.59 -5.82 -13.50
N PRO B 550 -44.11 -6.68 -12.62
CA PRO B 550 -45.12 -6.26 -11.66
C PRO B 550 -44.45 -5.77 -10.37
N ARG B 551 -43.13 -5.65 -10.38
CA ARG B 551 -42.39 -5.53 -9.14
C ARG B 551 -42.02 -4.11 -8.80
N LEU B 552 -42.40 -3.16 -9.66
CA LEU B 552 -42.02 -1.75 -9.46
C LEU B 552 -43.20 -0.91 -9.02
N ASP B 553 -42.91 0.20 -8.35
CA ASP B 553 -43.93 1.13 -7.90
C ASP B 553 -43.68 2.57 -8.33
N THR B 554 -42.64 3.17 -7.77
CA THR B 554 -42.29 4.58 -7.98
C THR B 554 -41.53 4.76 -9.30
N HIS B 555 -40.83 3.72 -9.72
CA HIS B 555 -39.98 3.81 -10.87
C HIS B 555 -40.69 3.30 -12.13
N PRO B 556 -40.41 3.95 -13.28
CA PRO B 556 -40.97 3.57 -14.55
C PRO B 556 -40.30 2.34 -15.13
N ALA B 557 -39.04 2.12 -14.77
CA ALA B 557 -38.28 1.02 -15.33
C ALA B 557 -37.04 0.72 -14.52
N MET B 558 -36.41 -0.41 -14.84
CA MET B 558 -35.13 -0.75 -14.25
C MET B 558 -34.34 -1.64 -15.19
N ILE B 559 -33.03 -1.59 -15.07
CA ILE B 559 -32.12 -2.51 -15.76
C ILE B 559 -31.76 -3.67 -14.84
N THR B 560 -31.89 -4.91 -15.34
CA THR B 560 -31.48 -6.10 -14.58
C THR B 560 -30.37 -6.85 -15.32
N VAL B 561 -29.43 -7.38 -14.54
CA VAL B 561 -28.32 -8.20 -15.03
C VAL B 561 -28.07 -9.26 -13.97
N LEU B 562 -27.92 -10.52 -14.36
CA LEU B 562 -27.78 -11.57 -13.37
C LEU B 562 -26.62 -11.27 -12.47
N GLU B 563 -25.43 -11.14 -13.04
CA GLU B 563 -24.25 -10.83 -12.23
C GLU B 563 -23.97 -9.33 -12.19
N MET B 564 -24.87 -8.59 -11.55
CA MET B 564 -24.86 -7.12 -11.52
C MET B 564 -23.60 -6.59 -10.88
N GLY B 565 -23.28 -7.12 -9.70
CA GLY B 565 -22.08 -6.71 -8.97
C GLY B 565 -20.80 -6.85 -9.77
N ALA B 566 -20.66 -7.98 -10.44
CA ALA B 566 -19.45 -8.22 -11.26
C ALA B 566 -19.40 -7.29 -12.47
N ALA B 567 -20.56 -7.01 -13.08
CA ALA B 567 -20.67 -6.03 -14.14
C ALA B 567 -20.24 -4.62 -13.71
N ARG B 568 -20.72 -4.16 -12.58
CA ARG B 568 -20.32 -2.86 -12.03
C ARG B 568 -18.85 -2.80 -11.83
N HIS B 569 -18.26 -3.89 -11.35
CA HIS B 569 -16.84 -3.96 -11.06
C HIS B 569 -16.02 -3.90 -12.33
N PHE B 570 -16.50 -4.60 -13.35
CA PHE B 570 -15.86 -4.65 -14.64
C PHE B 570 -15.77 -3.26 -15.29
N LEU B 571 -16.82 -2.47 -15.16
CA LEU B 571 -16.84 -1.12 -15.70
C LEU B 571 -15.74 -0.23 -15.17
N ARG B 572 -15.39 -0.37 -13.89
CA ARG B 572 -14.23 0.35 -13.35
C ARG B 572 -12.97 -0.10 -14.13
N THR B 573 -12.76 0.61 -15.24
CA THR B 573 -11.62 0.49 -16.18
C THR B 573 -11.31 1.88 -16.81
N ILE B 586 -21.96 -6.60 -24.75
CA ILE B 586 -22.52 -5.74 -23.72
C ILE B 586 -23.29 -6.55 -22.69
N LEU B 587 -23.50 -5.90 -21.57
CA LEU B 587 -23.98 -6.54 -20.36
C LEU B 587 -25.35 -7.09 -20.52
N GLN B 588 -25.45 -8.19 -21.27
CA GLN B 588 -26.71 -8.71 -21.74
C GLN B 588 -27.87 -8.20 -20.86
N PRO B 589 -28.00 -6.85 -20.74
CA PRO B 589 -28.94 -6.24 -19.83
C PRO B 589 -30.40 -6.41 -20.27
N THR B 590 -31.29 -6.49 -19.29
CA THR B 590 -32.72 -6.54 -19.56
C THR B 590 -33.33 -5.26 -19.07
N LEU B 591 -34.21 -4.69 -19.87
CA LEU B 591 -34.99 -3.52 -19.48
C LEU B 591 -36.36 -3.96 -19.02
N GLU B 592 -36.73 -3.63 -17.78
CA GLU B 592 -38.03 -4.03 -17.28
C GLU B 592 -38.89 -2.84 -16.97
N ILE B 593 -40.11 -2.82 -17.51
CA ILE B 593 -40.97 -1.63 -17.42
C ILE B 593 -42.17 -1.79 -16.51
N ASN B 594 -42.60 -0.67 -15.97
CA ASN B 594 -43.72 -0.58 -15.05
C ASN B 594 -44.89 0.00 -15.82
N THR B 595 -45.79 -0.86 -16.31
CA THR B 595 -46.90 -0.39 -17.14
C THR B 595 -47.99 0.34 -16.34
N GLY B 596 -47.73 0.63 -15.06
CA GLY B 596 -48.63 1.43 -14.24
C GLY B 596 -48.10 2.82 -14.01
N HIS B 597 -46.88 3.08 -14.46
CA HIS B 597 -46.22 4.35 -14.20
C HIS B 597 -46.69 5.40 -15.23
N ASP B 598 -46.91 6.63 -14.76
CA ASP B 598 -47.37 7.72 -15.63
C ASP B 598 -46.51 7.96 -16.84
N LEU B 599 -45.23 7.86 -16.63
CA LEU B 599 -44.25 8.05 -17.69
C LEU B 599 -44.29 7.00 -18.78
N ILE B 600 -44.43 5.75 -18.36
CA ILE B 600 -44.59 4.61 -19.27
C ILE B 600 -45.87 4.72 -20.07
N LYS B 601 -46.97 5.04 -19.40
CA LYS B 601 -48.25 5.19 -20.08
C LYS B 601 -48.21 6.34 -21.07
N LYS B 602 -47.51 7.39 -20.69
CA LYS B 602 -47.43 8.55 -21.55
C LYS B 602 -46.62 8.21 -22.80
N LEU B 603 -45.62 7.37 -22.60
CA LEU B 603 -44.76 6.92 -23.70
C LEU B 603 -45.58 6.15 -24.72
N HIS B 604 -46.47 5.30 -24.21
CA HIS B 604 -47.40 4.53 -25.04
C HIS B 604 -48.16 5.47 -26.00
N ALA B 605 -48.63 6.61 -25.46
CA ALA B 605 -49.38 7.58 -26.26
C ALA B 605 -48.48 8.27 -27.24
N LEU B 606 -47.39 8.81 -26.71
CA LEU B 606 -46.40 9.55 -27.52
C LEU B 606 -45.88 8.85 -28.78
N LYS B 607 -45.74 7.53 -28.74
CA LYS B 607 -45.27 6.80 -29.89
C LYS B 607 -46.19 6.96 -31.10
N ASP B 608 -47.41 7.45 -30.88
CA ASP B 608 -48.37 7.70 -31.95
C ASP B 608 -48.77 9.17 -32.11
N SER B 609 -48.26 10.05 -31.26
CA SER B 609 -48.63 11.46 -31.34
C SER B 609 -47.42 12.35 -31.66
N ASN B 610 -46.34 12.23 -30.89
CA ASN B 610 -45.05 12.82 -31.26
C ASN B 610 -43.97 11.75 -31.23
N PRO B 611 -43.93 10.89 -32.29
CA PRO B 611 -43.03 9.72 -32.41
C PRO B 611 -41.57 10.04 -32.15
N GLU B 612 -41.13 11.21 -32.60
CA GLU B 612 -39.75 11.63 -32.38
C GLU B 612 -39.50 11.95 -30.92
N LEU B 613 -40.48 12.61 -30.28
CA LEU B 613 -40.40 12.91 -28.85
C LEU B 613 -40.46 11.62 -28.04
N ALA B 614 -41.29 10.68 -28.46
CA ALA B 614 -41.36 9.37 -27.80
C ALA B 614 -40.02 8.66 -27.79
N GLN B 615 -39.31 8.71 -28.90
CA GLN B 615 -38.01 8.06 -29.00
C GLN B 615 -36.99 8.75 -28.10
N LEU B 616 -37.03 10.07 -28.05
CA LEU B 616 -36.16 10.83 -27.15
C LEU B 616 -36.45 10.50 -25.70
N LEU B 617 -37.74 10.36 -25.38
CA LEU B 617 -38.14 9.95 -24.04
C LEU B 617 -37.63 8.54 -23.72
N LEU B 618 -37.90 7.60 -24.62
CA LEU B 618 -37.41 6.24 -24.50
C LEU B 618 -35.90 6.17 -24.26
N GLU B 619 -35.12 6.92 -25.05
CA GLU B 619 -33.68 6.90 -24.89
C GLU B 619 -33.31 7.37 -23.49
N GLN B 620 -34.02 8.38 -23.00
CA GLN B 620 -33.74 8.94 -21.68
C GLN B 620 -34.13 8.00 -20.54
N ILE B 621 -35.24 7.28 -20.70
CA ILE B 621 -35.69 6.29 -19.70
C ILE B 621 -34.67 5.16 -19.51
N TYR B 622 -34.19 4.64 -20.64
CA TYR B 622 -33.10 3.65 -20.64
C TYR B 622 -31.85 4.19 -19.95
N ASP B 623 -31.44 5.41 -20.32
CA ASP B 623 -30.28 6.03 -19.71
C ASP B 623 -30.49 6.19 -18.21
N ASN B 624 -31.66 6.64 -17.82
CA ASN B 624 -31.97 6.78 -16.39
C ASN B 624 -31.90 5.44 -15.67
N ALA B 625 -32.37 4.38 -16.31
CA ALA B 625 -32.31 3.05 -15.72
C ALA B 625 -30.88 2.52 -15.65
N MET B 626 -30.07 2.81 -16.67
CA MET B 626 -28.62 2.44 -16.65
C MET B 626 -27.86 3.16 -15.53
N ILE B 627 -28.14 4.44 -15.35
CA ILE B 627 -27.52 5.24 -14.28
C ILE B 627 -27.94 4.67 -12.93
N ALA B 628 -29.25 4.47 -12.75
CA ALA B 628 -29.79 3.87 -11.51
C ALA B 628 -29.20 2.48 -11.24
N ALA B 629 -28.87 1.75 -12.30
CA ALA B 629 -28.27 0.43 -12.15
C ALA B 629 -26.79 0.53 -11.80
N GLY B 630 -26.20 1.72 -11.90
CA GLY B 630 -24.76 1.89 -11.75
C GLY B 630 -23.96 1.37 -12.92
N LEU B 631 -24.59 1.25 -14.09
CA LEU B 631 -23.94 0.64 -15.26
C LEU B 631 -23.70 1.64 -16.37
N ASN B 632 -23.69 2.91 -16.00
CA ASN B 632 -23.60 3.97 -16.98
C ASN B 632 -22.14 4.32 -17.22
N GLU B 633 -21.83 4.48 -18.49
CA GLU B 633 -20.56 5.08 -18.87
C GLU B 633 -20.70 6.58 -18.71
N ASP B 634 -19.71 7.28 -19.22
CA ASP B 634 -19.66 8.72 -19.19
C ASP B 634 -21.05 9.32 -19.41
N PRO B 635 -21.57 10.00 -18.37
CA PRO B 635 -22.86 10.68 -18.45
C PRO B 635 -22.84 11.95 -19.29
N ARG B 636 -21.68 12.51 -19.58
CA ARG B 636 -21.61 13.79 -20.31
C ARG B 636 -22.27 13.80 -21.69
N PRO B 637 -22.10 12.72 -22.49
CA PRO B 637 -22.74 12.75 -23.81
C PRO B 637 -24.27 12.62 -23.83
N MET B 638 -24.89 12.36 -22.68
CA MET B 638 -26.34 12.28 -22.65
C MET B 638 -26.99 13.64 -22.40
N ILE B 639 -26.21 14.54 -21.83
CA ILE B 639 -26.68 15.87 -21.47
C ILE B 639 -27.26 16.60 -22.69
N SER B 640 -26.65 16.40 -23.85
CA SER B 640 -27.15 17.01 -25.06
C SER B 640 -28.58 16.57 -25.33
N ARG B 641 -28.79 15.26 -25.34
CA ARG B 641 -30.12 14.68 -25.57
C ARG B 641 -31.11 15.17 -24.54
N LEU B 642 -30.66 15.19 -23.29
CA LEU B 642 -31.51 15.56 -22.17
C LEU B 642 -31.99 16.99 -22.31
N ASN B 643 -31.07 17.92 -22.59
CA ASN B 643 -31.43 19.32 -22.80
C ASN B 643 -32.42 19.44 -23.96
N GLN B 644 -32.13 18.75 -25.05
CA GLN B 644 -33.04 18.68 -26.20
C GLN B 644 -34.40 18.15 -25.79
N LEU B 645 -34.40 17.02 -25.10
CA LEU B 645 -35.65 16.45 -24.58
C LEU B 645 -36.37 17.45 -23.71
N LEU B 646 -35.64 18.09 -22.81
CA LEU B 646 -36.23 19.06 -21.89
C LEU B 646 -36.92 20.22 -22.59
N THR B 647 -36.31 20.75 -23.64
CA THR B 647 -36.92 21.88 -24.35
C THR B 647 -38.21 21.45 -25.06
N ARG B 648 -38.15 20.30 -25.75
CA ARG B 648 -39.29 19.83 -26.55
C ARG B 648 -40.47 19.47 -25.65
N ALA B 649 -40.16 19.02 -24.44
CA ALA B 649 -41.19 18.74 -23.44
C ALA B 649 -41.82 20.01 -22.94
N LEU B 650 -40.99 20.95 -22.49
CA LEU B 650 -41.51 22.20 -21.92
C LEU B 650 -42.16 23.14 -22.94
N GLU B 651 -42.52 22.60 -24.11
CA GLU B 651 -43.17 23.34 -25.18
C GLU B 651 -42.13 24.25 -25.84
N SER B 656 -45.26 30.08 -22.00
CA SER B 656 -46.55 30.70 -21.76
C SER B 656 -47.65 30.03 -22.62
N GLY B 657 -48.88 30.56 -22.53
CA GLY B 657 -50.09 29.91 -23.10
C GLY B 657 -50.88 30.76 -24.07
N SER B 658 -51.87 31.49 -23.55
CA SER B 658 -52.53 32.63 -24.26
C SER B 658 -52.63 33.94 -23.41
N SER B 659 -53.43 33.95 -22.33
CA SER B 659 -53.52 35.01 -21.25
C SER B 659 -54.57 36.16 -21.32
N ALA B 660 -55.03 36.56 -20.12
CA ALA B 660 -56.13 37.50 -19.97
C ALA B 660 -55.60 38.91 -19.62
N HIS B 661 -56.05 39.91 -20.39
CA HIS B 661 -55.53 41.28 -20.36
C HIS B 661 -56.44 42.28 -19.60
N ILE B 662 -55.87 43.01 -18.62
CA ILE B 662 -56.60 44.14 -17.96
C ILE B 662 -55.91 45.41 -18.38
N VAL B 663 -56.68 46.32 -18.94
CA VAL B 663 -56.19 47.45 -19.72
CA VAL B 663 -56.12 47.48 -19.65
C VAL B 663 -56.79 48.76 -19.23
N MET B 664 -55.94 49.77 -19.04
CA MET B 664 -56.34 51.05 -18.54
C MET B 664 -56.01 52.10 -19.59
N VAL B 665 -57.01 52.94 -19.91
CA VAL B 665 -56.80 54.11 -20.79
C VAL B 665 -56.56 55.42 -20.03
N ASP B 666 -55.57 56.17 -20.48
CA ASP B 666 -55.30 57.49 -19.95
C ASP B 666 -55.96 58.50 -20.86
N ALA B 667 -56.98 59.19 -20.33
CA ALA B 667 -57.54 60.39 -20.99
C ALA B 667 -56.49 61.52 -21.09
N TYR B 668 -56.54 62.33 -22.16
CA TYR B 668 -55.70 63.54 -22.26
C TYR B 668 -56.45 64.61 -21.49
N LYS B 669 -55.71 65.50 -20.82
CA LYS B 669 -56.32 66.65 -20.16
C LYS B 669 -56.70 67.65 -21.24
N PRO B 670 -57.68 68.50 -20.96
CA PRO B 670 -57.94 69.69 -21.78
C PRO B 670 -56.97 70.84 -21.44
N THR B 671 -57.40 72.11 -21.47
CA THR B 671 -56.63 73.22 -20.84
C THR B 671 -57.54 74.17 -20.03
#